data_6HID
# 
_entry.id   6HID 
# 
_audit_conform.dict_name       mmcif_pdbx.dic 
_audit_conform.dict_version    5.383 
_audit_conform.dict_location   http://mmcif.pdb.org/dictionaries/ascii/mmcif_pdbx.dic 
# 
loop_
_database_2.database_id 
_database_2.database_code 
_database_2.pdbx_database_accession 
_database_2.pdbx_DOI 
PDB   6HID         pdb_00006hid 10.2210/pdb6hid/pdb 
WWPDB D_1200011703 ?            ?                   
# 
loop_
_pdbx_audit_revision_history.ordinal 
_pdbx_audit_revision_history.data_content_type 
_pdbx_audit_revision_history.major_revision 
_pdbx_audit_revision_history.minor_revision 
_pdbx_audit_revision_history.revision_date 
1 'Structure model' 1 0 2019-02-20 
2 'Structure model' 1 1 2020-11-04 
3 'Structure model' 1 2 2024-01-17 
# 
_pdbx_audit_revision_details.ordinal             1 
_pdbx_audit_revision_details.revision_ordinal    1 
_pdbx_audit_revision_details.data_content_type   'Structure model' 
_pdbx_audit_revision_details.provider            repository 
_pdbx_audit_revision_details.type                'Initial release' 
_pdbx_audit_revision_details.description         ? 
_pdbx_audit_revision_details.details             ? 
# 
loop_
_pdbx_audit_revision_group.ordinal 
_pdbx_audit_revision_group.revision_ordinal 
_pdbx_audit_revision_group.data_content_type 
_pdbx_audit_revision_group.group 
1 2 'Structure model' 'Database references'    
2 3 'Structure model' 'Data collection'        
3 3 'Structure model' 'Database references'    
4 3 'Structure model' 'Refinement description' 
# 
loop_
_pdbx_audit_revision_category.ordinal 
_pdbx_audit_revision_category.revision_ordinal 
_pdbx_audit_revision_category.data_content_type 
_pdbx_audit_revision_category.category 
1 2 'Structure model' citation                      
2 2 'Structure model' citation_author               
3 3 'Structure model' chem_comp_atom                
4 3 'Structure model' chem_comp_bond                
5 3 'Structure model' database_2                    
6 3 'Structure model' pdbx_initial_refinement_model 
# 
loop_
_pdbx_audit_revision_item.ordinal 
_pdbx_audit_revision_item.revision_ordinal 
_pdbx_audit_revision_item.data_content_type 
_pdbx_audit_revision_item.item 
1  2 'Structure model' '_citation.country'                   
2  2 'Structure model' '_citation.journal_abbrev'            
3  2 'Structure model' '_citation.journal_id_CSD'            
4  2 'Structure model' '_citation.journal_id_ISSN'           
5  2 'Structure model' '_citation.journal_volume'            
6  2 'Structure model' '_citation.page_first'                
7  2 'Structure model' '_citation.page_last'                 
8  2 'Structure model' '_citation.pdbx_database_id_DOI'      
9  2 'Structure model' '_citation.pdbx_database_id_PubMed'   
10 2 'Structure model' '_citation.title'                     
11 2 'Structure model' '_citation.year'                      
12 3 'Structure model' '_database_2.pdbx_DOI'                
13 3 'Structure model' '_database_2.pdbx_database_accession' 
# 
_pdbx_database_status.status_code                     REL 
_pdbx_database_status.status_code_sf                  REL 
_pdbx_database_status.status_code_mr                  ? 
_pdbx_database_status.entry_id                        6HID 
_pdbx_database_status.recvd_initial_deposition_date   2018-08-29 
_pdbx_database_status.SG_entry                        N 
_pdbx_database_status.deposit_site                    PDBE 
_pdbx_database_status.process_site                    PDBE 
_pdbx_database_status.status_code_cs                  ? 
_pdbx_database_status.methods_development_category    ? 
_pdbx_database_status.pdb_format_compatible           Y 
_pdbx_database_status.status_code_nmr_data            ? 
# 
loop_
_audit_author.name 
_audit_author.pdbx_ordinal 
_audit_author.identifier_ORCID 
'Sledz, P.'    1 ? 
'Caflisch, A.' 2 ? 
# 
_citation.abstract                  ? 
_citation.abstract_id_CAS           ? 
_citation.book_id_ISBN              ? 
_citation.book_publisher            ? 
_citation.book_publisher_city       ? 
_citation.book_title                ? 
_citation.coordinate_linkage        ? 
_citation.country                   US 
_citation.database_id_Medline       ? 
_citation.details                   ? 
_citation.id                        primary 
_citation.journal_abbrev            'Acs Med.Chem.Lett.' 
_citation.journal_id_ASTM           ? 
_citation.journal_id_CSD            ? 
_citation.journal_id_ISSN           1948-5875 
_citation.journal_full              ? 
_citation.journal_issue             ? 
_citation.journal_volume            11 
_citation.language                  ? 
_citation.page_first                1573 
_citation.page_last                 1580 
_citation.title                     'Hitting a Moving Target: Simulation and Crystallography Study of ATAD2 Bromodomain Blockers.' 
_citation.year                      2020 
_citation.database_id_CSD           ? 
_citation.pdbx_database_id_DOI      10.1021/acsmedchemlett.0c00080 
_citation.pdbx_database_id_PubMed   32832026 
_citation.unpublished_flag          ? 
# 
loop_
_citation_author.citation_id 
_citation_author.name 
_citation_author.ordinal 
_citation_author.identifier_ORCID 
primary 'Dolbois, A.'        1  ? 
primary 'Batiste, L.'        2  ? 
primary 'Wiedmer, L.'        3  ? 
primary 'Dong, J.'           4  ? 
primary 'Brutsch, M.'        5  ? 
primary 'Huang, D.'          6  ? 
primary 'Deerain, N.M.'      7  ? 
primary 'Spiliotopoulos, D.' 8  ? 
primary 'Cheng-Sanchez, I.'  9  ? 
primary 'Laul, E.'           10 ? 
primary 'Nevado, C.'         11 ? 
primary 'Sledz, P.'          12 ? 
primary 'Caflisch, A.'       13 ? 
# 
loop_
_entity.id 
_entity.type 
_entity.src_method 
_entity.pdbx_description 
_entity.formula_weight 
_entity.pdbx_number_of_molecules 
_entity.pdbx_ec 
_entity.pdbx_mutation 
_entity.pdbx_fragment 
_entity.details 
1 polymer     man 'ATPase family AAA domain-containing protein 2'                                                 15453.514 1   ? 
? ? ? 
2 non-polymer syn 'SULFATE ION'                                                                                   96.063    1   ? 
? ? ? 
3 non-polymer syn '~{N}-[4-ethanoyl-5-(4-morpholin-4-ylcarbonylphenyl)-1,3-thiazol-2-yl]piperazine-2-carboxamide' 443.519   2   ? 
? ? ? 
4 water       nat water                                                                                           18.015    113 ? 
? ? ? 
# 
_entity_name_com.entity_id   1 
_entity_name_com.name        'Bromodomain of ATAD2' 
# 
_entity_poly.entity_id                      1 
_entity_poly.type                           'polypeptide(L)' 
_entity_poly.nstd_linkage                   no 
_entity_poly.nstd_monomer                   no 
_entity_poly.pdbx_seq_one_letter_code       
;SMQEEDTFRELRIFLRNVTHRLAIDKRFRVFTKPVDPDEVPDYVTVIKQPMDLSSVISKIDLHKYLTVKDYLRDIDLICS
NALEYNPDRDPGDRLIRHRACALRDTAYAIIKEELDEDFEQLCEEIQESR
;
_entity_poly.pdbx_seq_one_letter_code_can   
;SMQEEDTFRELRIFLRNVTHRLAIDKRFRVFTKPVDPDEVPDYVTVIKQPMDLSSVISKIDLHKYLTVKDYLRDIDLICS
NALEYNPDRDPGDRLIRHRACALRDTAYAIIKEELDEDFEQLCEEIQESR
;
_entity_poly.pdbx_strand_id                 A 
_entity_poly.pdbx_target_identifier         ? 
# 
loop_
_pdbx_entity_nonpoly.entity_id 
_pdbx_entity_nonpoly.name 
_pdbx_entity_nonpoly.comp_id 
2 'SULFATE ION'                                                                                   SO4 
3 '~{N}-[4-ethanoyl-5-(4-morpholin-4-ylcarbonylphenyl)-1,3-thiazol-2-yl]piperazine-2-carboxamide' G7E 
4 water                                                                                           HOH 
# 
loop_
_entity_poly_seq.entity_id 
_entity_poly_seq.num 
_entity_poly_seq.mon_id 
_entity_poly_seq.hetero 
1 1   SER n 
1 2   MET n 
1 3   GLN n 
1 4   GLU n 
1 5   GLU n 
1 6   ASP n 
1 7   THR n 
1 8   PHE n 
1 9   ARG n 
1 10  GLU n 
1 11  LEU n 
1 12  ARG n 
1 13  ILE n 
1 14  PHE n 
1 15  LEU n 
1 16  ARG n 
1 17  ASN n 
1 18  VAL n 
1 19  THR n 
1 20  HIS n 
1 21  ARG n 
1 22  LEU n 
1 23  ALA n 
1 24  ILE n 
1 25  ASP n 
1 26  LYS n 
1 27  ARG n 
1 28  PHE n 
1 29  ARG n 
1 30  VAL n 
1 31  PHE n 
1 32  THR n 
1 33  LYS n 
1 34  PRO n 
1 35  VAL n 
1 36  ASP n 
1 37  PRO n 
1 38  ASP n 
1 39  GLU n 
1 40  VAL n 
1 41  PRO n 
1 42  ASP n 
1 43  TYR n 
1 44  VAL n 
1 45  THR n 
1 46  VAL n 
1 47  ILE n 
1 48  LYS n 
1 49  GLN n 
1 50  PRO n 
1 51  MET n 
1 52  ASP n 
1 53  LEU n 
1 54  SER n 
1 55  SER n 
1 56  VAL n 
1 57  ILE n 
1 58  SER n 
1 59  LYS n 
1 60  ILE n 
1 61  ASP n 
1 62  LEU n 
1 63  HIS n 
1 64  LYS n 
1 65  TYR n 
1 66  LEU n 
1 67  THR n 
1 68  VAL n 
1 69  LYS n 
1 70  ASP n 
1 71  TYR n 
1 72  LEU n 
1 73  ARG n 
1 74  ASP n 
1 75  ILE n 
1 76  ASP n 
1 77  LEU n 
1 78  ILE n 
1 79  CYS n 
1 80  SER n 
1 81  ASN n 
1 82  ALA n 
1 83  LEU n 
1 84  GLU n 
1 85  TYR n 
1 86  ASN n 
1 87  PRO n 
1 88  ASP n 
1 89  ARG n 
1 90  ASP n 
1 91  PRO n 
1 92  GLY n 
1 93  ASP n 
1 94  ARG n 
1 95  LEU n 
1 96  ILE n 
1 97  ARG n 
1 98  HIS n 
1 99  ARG n 
1 100 ALA n 
1 101 CYS n 
1 102 ALA n 
1 103 LEU n 
1 104 ARG n 
1 105 ASP n 
1 106 THR n 
1 107 ALA n 
1 108 TYR n 
1 109 ALA n 
1 110 ILE n 
1 111 ILE n 
1 112 LYS n 
1 113 GLU n 
1 114 GLU n 
1 115 LEU n 
1 116 ASP n 
1 117 GLU n 
1 118 ASP n 
1 119 PHE n 
1 120 GLU n 
1 121 GLN n 
1 122 LEU n 
1 123 CYS n 
1 124 GLU n 
1 125 GLU n 
1 126 ILE n 
1 127 GLN n 
1 128 GLU n 
1 129 SER n 
1 130 ARG n 
# 
_entity_src_gen.entity_id                          1 
_entity_src_gen.pdbx_src_id                        1 
_entity_src_gen.pdbx_alt_source_flag               sample 
_entity_src_gen.pdbx_seq_type                      ? 
_entity_src_gen.pdbx_beg_seq_num                   ? 
_entity_src_gen.pdbx_end_seq_num                   ? 
_entity_src_gen.gene_src_common_name               Human 
_entity_src_gen.gene_src_genus                     ? 
_entity_src_gen.pdbx_gene_src_gene                 ? 
_entity_src_gen.gene_src_species                   ? 
_entity_src_gen.gene_src_strain                    ? 
_entity_src_gen.gene_src_tissue                    ? 
_entity_src_gen.gene_src_tissue_fraction           ? 
_entity_src_gen.gene_src_details                   ? 
_entity_src_gen.pdbx_gene_src_fragment             ? 
_entity_src_gen.pdbx_gene_src_scientific_name      'Homo sapiens' 
_entity_src_gen.pdbx_gene_src_ncbi_taxonomy_id     9606 
_entity_src_gen.pdbx_gene_src_variant              ? 
_entity_src_gen.pdbx_gene_src_cell_line            ? 
_entity_src_gen.pdbx_gene_src_atcc                 ? 
_entity_src_gen.pdbx_gene_src_organ                ? 
_entity_src_gen.pdbx_gene_src_organelle            ? 
_entity_src_gen.pdbx_gene_src_cell                 ? 
_entity_src_gen.pdbx_gene_src_cellular_location    ? 
_entity_src_gen.host_org_common_name               ? 
_entity_src_gen.pdbx_host_org_scientific_name      'Escherichia coli' 
_entity_src_gen.pdbx_host_org_ncbi_taxonomy_id     562 
_entity_src_gen.host_org_genus                     ? 
_entity_src_gen.pdbx_host_org_gene                 ? 
_entity_src_gen.pdbx_host_org_organ                ? 
_entity_src_gen.host_org_species                   ? 
_entity_src_gen.pdbx_host_org_tissue               ? 
_entity_src_gen.pdbx_host_org_tissue_fraction      ? 
_entity_src_gen.pdbx_host_org_strain               ? 
_entity_src_gen.pdbx_host_org_variant              ? 
_entity_src_gen.pdbx_host_org_cell_line            ? 
_entity_src_gen.pdbx_host_org_atcc                 ? 
_entity_src_gen.pdbx_host_org_culture_collection   ? 
_entity_src_gen.pdbx_host_org_cell                 ? 
_entity_src_gen.pdbx_host_org_organelle            ? 
_entity_src_gen.pdbx_host_org_cellular_location    ? 
_entity_src_gen.pdbx_host_org_vector_type          ? 
_entity_src_gen.pdbx_host_org_vector               ? 
_entity_src_gen.host_org_details                   ? 
_entity_src_gen.expression_system_id               ? 
_entity_src_gen.plasmid_name                       ? 
_entity_src_gen.plasmid_details                    ? 
_entity_src_gen.pdbx_description                   ? 
# 
loop_
_chem_comp.id 
_chem_comp.type 
_chem_comp.mon_nstd_flag 
_chem_comp.name 
_chem_comp.pdbx_synonyms 
_chem_comp.formula 
_chem_comp.formula_weight 
ALA 'L-peptide linking' y ALANINE                                                                                         ? 
'C3 H7 N O2'      89.093  
ARG 'L-peptide linking' y ARGININE                                                                                        ? 
'C6 H15 N4 O2 1'  175.209 
ASN 'L-peptide linking' y ASPARAGINE                                                                                      ? 
'C4 H8 N2 O3'     132.118 
ASP 'L-peptide linking' y 'ASPARTIC ACID'                                                                                 ? 
'C4 H7 N O4'      133.103 
CYS 'L-peptide linking' y CYSTEINE                                                                                        ? 
'C3 H7 N O2 S'    121.158 
G7E non-polymer         . '~{N}-[4-ethanoyl-5-(4-morpholin-4-ylcarbonylphenyl)-1,3-thiazol-2-yl]piperazine-2-carboxamide' ? 
'C21 H25 N5 O4 S' 443.519 
GLN 'L-peptide linking' y GLUTAMINE                                                                                       ? 
'C5 H10 N2 O3'    146.144 
GLU 'L-peptide linking' y 'GLUTAMIC ACID'                                                                                 ? 
'C5 H9 N O4'      147.129 
GLY 'peptide linking'   y GLYCINE                                                                                         ? 
'C2 H5 N O2'      75.067  
HIS 'L-peptide linking' y HISTIDINE                                                                                       ? 
'C6 H10 N3 O2 1'  156.162 
HOH non-polymer         . WATER                                                                                           ? 'H2 O' 
18.015  
ILE 'L-peptide linking' y ISOLEUCINE                                                                                      ? 
'C6 H13 N O2'     131.173 
LEU 'L-peptide linking' y LEUCINE                                                                                         ? 
'C6 H13 N O2'     131.173 
LYS 'L-peptide linking' y LYSINE                                                                                          ? 
'C6 H15 N2 O2 1'  147.195 
MET 'L-peptide linking' y METHIONINE                                                                                      ? 
'C5 H11 N O2 S'   149.211 
PHE 'L-peptide linking' y PHENYLALANINE                                                                                   ? 
'C9 H11 N O2'     165.189 
PRO 'L-peptide linking' y PROLINE                                                                                         ? 
'C5 H9 N O2'      115.130 
SER 'L-peptide linking' y SERINE                                                                                          ? 
'C3 H7 N O3'      105.093 
SO4 non-polymer         . 'SULFATE ION'                                                                                   ? 
'O4 S -2'         96.063  
THR 'L-peptide linking' y THREONINE                                                                                       ? 
'C4 H9 N O3'      119.119 
TYR 'L-peptide linking' y TYROSINE                                                                                        ? 
'C9 H11 N O3'     181.189 
VAL 'L-peptide linking' y VALINE                                                                                          ? 
'C5 H11 N O2'     117.146 
# 
loop_
_pdbx_poly_seq_scheme.asym_id 
_pdbx_poly_seq_scheme.entity_id 
_pdbx_poly_seq_scheme.seq_id 
_pdbx_poly_seq_scheme.mon_id 
_pdbx_poly_seq_scheme.ndb_seq_num 
_pdbx_poly_seq_scheme.pdb_seq_num 
_pdbx_poly_seq_scheme.auth_seq_num 
_pdbx_poly_seq_scheme.pdb_mon_id 
_pdbx_poly_seq_scheme.auth_mon_id 
_pdbx_poly_seq_scheme.pdb_strand_id 
_pdbx_poly_seq_scheme.pdb_ins_code 
_pdbx_poly_seq_scheme.hetero 
A 1 1   SER 1   979  979  SER SER A . n 
A 1 2   MET 2   980  980  MET MET A . n 
A 1 3   GLN 3   981  981  GLN GLN A . n 
A 1 4   GLU 4   982  982  GLU GLU A . n 
A 1 5   GLU 5   983  983  GLU GLU A . n 
A 1 6   ASP 6   984  984  ASP ASP A . n 
A 1 7   THR 7   985  985  THR THR A . n 
A 1 8   PHE 8   986  986  PHE PHE A . n 
A 1 9   ARG 9   987  987  ARG ARG A . n 
A 1 10  GLU 10  988  988  GLU GLU A . n 
A 1 11  LEU 11  989  989  LEU LEU A . n 
A 1 12  ARG 12  990  990  ARG ARG A . n 
A 1 13  ILE 13  991  991  ILE ILE A . n 
A 1 14  PHE 14  992  992  PHE PHE A . n 
A 1 15  LEU 15  993  993  LEU LEU A . n 
A 1 16  ARG 16  994  994  ARG ARG A . n 
A 1 17  ASN 17  995  995  ASN ASN A . n 
A 1 18  VAL 18  996  996  VAL VAL A . n 
A 1 19  THR 19  997  997  THR THR A . n 
A 1 20  HIS 20  998  998  HIS HIS A . n 
A 1 21  ARG 21  999  999  ARG ARG A . n 
A 1 22  LEU 22  1000 1000 LEU LEU A . n 
A 1 23  ALA 23  1001 1001 ALA ALA A . n 
A 1 24  ILE 24  1002 1002 ILE ILE A . n 
A 1 25  ASP 25  1003 1003 ASP ASP A . n 
A 1 26  LYS 26  1004 1004 LYS LYS A . n 
A 1 27  ARG 27  1005 1005 ARG ARG A . n 
A 1 28  PHE 28  1006 1006 PHE PHE A . n 
A 1 29  ARG 29  1007 1007 ARG ARG A . n 
A 1 30  VAL 30  1008 1008 VAL VAL A . n 
A 1 31  PHE 31  1009 1009 PHE PHE A . n 
A 1 32  THR 32  1010 1010 THR THR A . n 
A 1 33  LYS 33  1011 1011 LYS LYS A . n 
A 1 34  PRO 34  1012 1012 PRO PRO A . n 
A 1 35  VAL 35  1013 1013 VAL VAL A . n 
A 1 36  ASP 36  1014 1014 ASP ASP A . n 
A 1 37  PRO 37  1015 1015 PRO PRO A . n 
A 1 38  ASP 38  1016 1016 ASP ASP A . n 
A 1 39  GLU 39  1017 1017 GLU GLU A . n 
A 1 40  VAL 40  1018 1018 VAL VAL A . n 
A 1 41  PRO 41  1019 1019 PRO PRO A . n 
A 1 42  ASP 42  1020 1020 ASP ASP A . n 
A 1 43  TYR 43  1021 1021 TYR TYR A . n 
A 1 44  VAL 44  1022 1022 VAL VAL A . n 
A 1 45  THR 45  1023 1023 THR THR A . n 
A 1 46  VAL 46  1024 1024 VAL VAL A . n 
A 1 47  ILE 47  1025 1025 ILE ILE A . n 
A 1 48  LYS 48  1026 1026 LYS LYS A . n 
A 1 49  GLN 49  1027 1027 GLN GLN A . n 
A 1 50  PRO 50  1028 1028 PRO PRO A . n 
A 1 51  MET 51  1029 1029 MET MET A . n 
A 1 52  ASP 52  1030 1030 ASP ASP A . n 
A 1 53  LEU 53  1031 1031 LEU LEU A . n 
A 1 54  SER 54  1032 1032 SER SER A . n 
A 1 55  SER 55  1033 1033 SER SER A . n 
A 1 56  VAL 56  1034 1034 VAL VAL A . n 
A 1 57  ILE 57  1035 1035 ILE ILE A . n 
A 1 58  SER 58  1036 1036 SER SER A . n 
A 1 59  LYS 59  1037 1037 LYS LYS A . n 
A 1 60  ILE 60  1038 1038 ILE ILE A . n 
A 1 61  ASP 61  1039 1039 ASP ASP A . n 
A 1 62  LEU 62  1040 1040 LEU LEU A . n 
A 1 63  HIS 63  1041 1041 HIS HIS A . n 
A 1 64  LYS 64  1042 1042 LYS LYS A . n 
A 1 65  TYR 65  1043 1043 TYR TYR A . n 
A 1 66  LEU 66  1044 1044 LEU LEU A . n 
A 1 67  THR 67  1045 1045 THR THR A . n 
A 1 68  VAL 68  1046 1046 VAL VAL A . n 
A 1 69  LYS 69  1047 1047 LYS LYS A . n 
A 1 70  ASP 70  1048 1048 ASP ASP A . n 
A 1 71  TYR 71  1049 1049 TYR TYR A . n 
A 1 72  LEU 72  1050 1050 LEU LEU A . n 
A 1 73  ARG 73  1051 1051 ARG ARG A . n 
A 1 74  ASP 74  1052 1052 ASP ASP A . n 
A 1 75  ILE 75  1053 1053 ILE ILE A . n 
A 1 76  ASP 76  1054 1054 ASP ASP A . n 
A 1 77  LEU 77  1055 1055 LEU LEU A . n 
A 1 78  ILE 78  1056 1056 ILE ILE A . n 
A 1 79  CYS 79  1057 1057 CYS CYS A . n 
A 1 80  SER 80  1058 1058 SER SER A . n 
A 1 81  ASN 81  1059 1059 ASN ASN A . n 
A 1 82  ALA 82  1060 1060 ALA ALA A . n 
A 1 83  LEU 83  1061 1061 LEU LEU A . n 
A 1 84  GLU 84  1062 1062 GLU GLU A . n 
A 1 85  TYR 85  1063 1063 TYR TYR A . n 
A 1 86  ASN 86  1064 1064 ASN ASN A . n 
A 1 87  PRO 87  1065 1065 PRO PRO A . n 
A 1 88  ASP 88  1066 1066 ASP ASP A . n 
A 1 89  ARG 89  1067 1067 ARG ARG A . n 
A 1 90  ASP 90  1068 1068 ASP ASP A . n 
A 1 91  PRO 91  1069 1069 PRO PRO A . n 
A 1 92  GLY 92  1070 1070 GLY GLY A . n 
A 1 93  ASP 93  1071 1071 ASP ASP A . n 
A 1 94  ARG 94  1072 1072 ARG ARG A . n 
A 1 95  LEU 95  1073 1073 LEU LEU A . n 
A 1 96  ILE 96  1074 1074 ILE ILE A . n 
A 1 97  ARG 97  1075 1075 ARG ARG A . n 
A 1 98  HIS 98  1076 1076 HIS HIS A . n 
A 1 99  ARG 99  1077 1077 ARG ARG A . n 
A 1 100 ALA 100 1078 1078 ALA ALA A . n 
A 1 101 CYS 101 1079 1079 CYS CYS A . n 
A 1 102 ALA 102 1080 1080 ALA ALA A . n 
A 1 103 LEU 103 1081 1081 LEU LEU A . n 
A 1 104 ARG 104 1082 1082 ARG ARG A . n 
A 1 105 ASP 105 1083 1083 ASP ASP A . n 
A 1 106 THR 106 1084 1084 THR THR A . n 
A 1 107 ALA 107 1085 1085 ALA ALA A . n 
A 1 108 TYR 108 1086 1086 TYR TYR A . n 
A 1 109 ALA 109 1087 1087 ALA ALA A . n 
A 1 110 ILE 110 1088 1088 ILE ILE A . n 
A 1 111 ILE 111 1089 1089 ILE ILE A . n 
A 1 112 LYS 112 1090 1090 LYS LYS A . n 
A 1 113 GLU 113 1091 1091 GLU GLU A . n 
A 1 114 GLU 114 1092 1092 GLU GLU A . n 
A 1 115 LEU 115 1093 1093 LEU LEU A . n 
A 1 116 ASP 116 1094 1094 ASP ASP A . n 
A 1 117 GLU 117 1095 1095 GLU GLU A . n 
A 1 118 ASP 118 1096 1096 ASP ASP A . n 
A 1 119 PHE 119 1097 1097 PHE PHE A . n 
A 1 120 GLU 120 1098 1098 GLU GLU A . n 
A 1 121 GLN 121 1099 1099 GLN GLN A . n 
A 1 122 LEU 122 1100 1100 LEU LEU A . n 
A 1 123 CYS 123 1101 1101 CYS CYS A . n 
A 1 124 GLU 124 1102 1102 GLU GLU A . n 
A 1 125 GLU 125 1103 1103 GLU GLU A . n 
A 1 126 ILE 126 1104 1104 ILE ILE A . n 
A 1 127 GLN 127 1105 1105 GLN GLN A . n 
A 1 128 GLU 128 1106 1106 GLU GLU A . n 
A 1 129 SER 129 1107 1107 SER SER A . n 
A 1 130 ARG 130 1108 1108 ARG ARG A . n 
# 
loop_
_pdbx_nonpoly_scheme.asym_id 
_pdbx_nonpoly_scheme.entity_id 
_pdbx_nonpoly_scheme.mon_id 
_pdbx_nonpoly_scheme.ndb_seq_num 
_pdbx_nonpoly_scheme.pdb_seq_num 
_pdbx_nonpoly_scheme.auth_seq_num 
_pdbx_nonpoly_scheme.pdb_mon_id 
_pdbx_nonpoly_scheme.auth_mon_id 
_pdbx_nonpoly_scheme.pdb_strand_id 
_pdbx_nonpoly_scheme.pdb_ins_code 
B 2 SO4 1   1201 1   SO4 SO4 A . 
C 3 G7E 1   1202 1   G7E DRG A . 
D 3 G7E 1   1203 2   G7E DRG A . 
E 4 HOH 1   1301 15  HOH HOH A . 
E 4 HOH 2   1302 105 HOH HOH A . 
E 4 HOH 3   1303 57  HOH HOH A . 
E 4 HOH 4   1304 90  HOH HOH A . 
E 4 HOH 5   1305 89  HOH HOH A . 
E 4 HOH 6   1306 27  HOH HOH A . 
E 4 HOH 7   1307 18  HOH HOH A . 
E 4 HOH 8   1308 93  HOH HOH A . 
E 4 HOH 9   1309 94  HOH HOH A . 
E 4 HOH 10  1310 19  HOH HOH A . 
E 4 HOH 11  1311 97  HOH HOH A . 
E 4 HOH 12  1312 31  HOH HOH A . 
E 4 HOH 13  1313 67  HOH HOH A . 
E 4 HOH 14  1314 88  HOH HOH A . 
E 4 HOH 15  1315 56  HOH HOH A . 
E 4 HOH 16  1316 104 HOH HOH A . 
E 4 HOH 17  1317 37  HOH HOH A . 
E 4 HOH 18  1318 69  HOH HOH A . 
E 4 HOH 19  1319 32  HOH HOH A . 
E 4 HOH 20  1320 8   HOH HOH A . 
E 4 HOH 21  1321 91  HOH HOH A . 
E 4 HOH 22  1322 82  HOH HOH A . 
E 4 HOH 23  1323 7   HOH HOH A . 
E 4 HOH 24  1324 79  HOH HOH A . 
E 4 HOH 25  1325 44  HOH HOH A . 
E 4 HOH 26  1326 14  HOH HOH A . 
E 4 HOH 27  1327 16  HOH HOH A . 
E 4 HOH 28  1328 20  HOH HOH A . 
E 4 HOH 29  1329 54  HOH HOH A . 
E 4 HOH 30  1330 5   HOH HOH A . 
E 4 HOH 31  1331 45  HOH HOH A . 
E 4 HOH 32  1332 40  HOH HOH A . 
E 4 HOH 33  1333 47  HOH HOH A . 
E 4 HOH 34  1334 9   HOH HOH A . 
E 4 HOH 35  1335 36  HOH HOH A . 
E 4 HOH 36  1336 41  HOH HOH A . 
E 4 HOH 37  1337 13  HOH HOH A . 
E 4 HOH 38  1338 1   HOH HOH A . 
E 4 HOH 39  1339 12  HOH HOH A . 
E 4 HOH 40  1340 101 HOH HOH A . 
E 4 HOH 41  1341 25  HOH HOH A . 
E 4 HOH 42  1342 21  HOH HOH A . 
E 4 HOH 43  1343 111 HOH HOH A . 
E 4 HOH 44  1344 80  HOH HOH A . 
E 4 HOH 45  1345 10  HOH HOH A . 
E 4 HOH 46  1346 73  HOH HOH A . 
E 4 HOH 47  1347 2   HOH HOH A . 
E 4 HOH 48  1348 75  HOH HOH A . 
E 4 HOH 49  1349 34  HOH HOH A . 
E 4 HOH 50  1350 39  HOH HOH A . 
E 4 HOH 51  1351 22  HOH HOH A . 
E 4 HOH 52  1352 17  HOH HOH A . 
E 4 HOH 53  1353 55  HOH HOH A . 
E 4 HOH 54  1354 33  HOH HOH A . 
E 4 HOH 55  1355 87  HOH HOH A . 
E 4 HOH 56  1356 46  HOH HOH A . 
E 4 HOH 57  1357 11  HOH HOH A . 
E 4 HOH 58  1358 61  HOH HOH A . 
E 4 HOH 59  1359 65  HOH HOH A . 
E 4 HOH 60  1360 43  HOH HOH A . 
E 4 HOH 61  1361 4   HOH HOH A . 
E 4 HOH 62  1362 74  HOH HOH A . 
E 4 HOH 63  1363 30  HOH HOH A . 
E 4 HOH 64  1364 38  HOH HOH A . 
E 4 HOH 65  1365 6   HOH HOH A . 
E 4 HOH 66  1366 24  HOH HOH A . 
E 4 HOH 67  1367 62  HOH HOH A . 
E 4 HOH 68  1368 70  HOH HOH A . 
E 4 HOH 69  1369 71  HOH HOH A . 
E 4 HOH 70  1370 28  HOH HOH A . 
E 4 HOH 71  1371 108 HOH HOH A . 
E 4 HOH 72  1372 3   HOH HOH A . 
E 4 HOH 73  1373 53  HOH HOH A . 
E 4 HOH 74  1374 23  HOH HOH A . 
E 4 HOH 75  1375 85  HOH HOH A . 
E 4 HOH 76  1376 99  HOH HOH A . 
E 4 HOH 77  1377 58  HOH HOH A . 
E 4 HOH 78  1378 110 HOH HOH A . 
E 4 HOH 79  1379 102 HOH HOH A . 
E 4 HOH 80  1380 29  HOH HOH A . 
E 4 HOH 81  1381 64  HOH HOH A . 
E 4 HOH 82  1382 96  HOH HOH A . 
E 4 HOH 83  1383 113 HOH HOH A . 
E 4 HOH 84  1384 83  HOH HOH A . 
E 4 HOH 85  1385 100 HOH HOH A . 
E 4 HOH 86  1386 107 HOH HOH A . 
E 4 HOH 87  1387 103 HOH HOH A . 
E 4 HOH 88  1388 77  HOH HOH A . 
E 4 HOH 89  1389 63  HOH HOH A . 
E 4 HOH 90  1390 35  HOH HOH A . 
E 4 HOH 91  1391 84  HOH HOH A . 
E 4 HOH 92  1392 51  HOH HOH A . 
E 4 HOH 93  1393 81  HOH HOH A . 
E 4 HOH 94  1394 50  HOH HOH A . 
E 4 HOH 95  1395 76  HOH HOH A . 
E 4 HOH 96  1396 92  HOH HOH A . 
E 4 HOH 97  1397 95  HOH HOH A . 
E 4 HOH 98  1398 42  HOH HOH A . 
E 4 HOH 99  1399 59  HOH HOH A . 
E 4 HOH 100 1400 98  HOH HOH A . 
E 4 HOH 101 1401 68  HOH HOH A . 
E 4 HOH 102 1402 48  HOH HOH A . 
E 4 HOH 103 1403 26  HOH HOH A . 
E 4 HOH 104 1404 112 HOH HOH A . 
E 4 HOH 105 1405 106 HOH HOH A . 
E 4 HOH 106 1406 78  HOH HOH A . 
E 4 HOH 107 1407 86  HOH HOH A . 
E 4 HOH 108 1408 72  HOH HOH A . 
E 4 HOH 109 1409 52  HOH HOH A . 
E 4 HOH 110 1410 66  HOH HOH A . 
E 4 HOH 111 1411 109 HOH HOH A . 
E 4 HOH 112 1412 60  HOH HOH A . 
E 4 HOH 113 1413 49  HOH HOH A . 
# 
loop_
_pdbx_unobs_or_zero_occ_atoms.id 
_pdbx_unobs_or_zero_occ_atoms.PDB_model_num 
_pdbx_unobs_or_zero_occ_atoms.polymer_flag 
_pdbx_unobs_or_zero_occ_atoms.occupancy_flag 
_pdbx_unobs_or_zero_occ_atoms.auth_asym_id 
_pdbx_unobs_or_zero_occ_atoms.auth_comp_id 
_pdbx_unobs_or_zero_occ_atoms.auth_seq_id 
_pdbx_unobs_or_zero_occ_atoms.PDB_ins_code 
_pdbx_unobs_or_zero_occ_atoms.auth_atom_id 
_pdbx_unobs_or_zero_occ_atoms.label_alt_id 
_pdbx_unobs_or_zero_occ_atoms.label_asym_id 
_pdbx_unobs_or_zero_occ_atoms.label_comp_id 
_pdbx_unobs_or_zero_occ_atoms.label_seq_id 
_pdbx_unobs_or_zero_occ_atoms.label_atom_id 
1  1 Y 1 A MET 980  ? CG  ? A MET 2  CG  
2  1 Y 1 A MET 980  ? SD  ? A MET 2  SD  
3  1 Y 1 A MET 980  ? CE  ? A MET 2  CE  
4  1 Y 1 A LYS 1004 ? CG  ? A LYS 26 CG  
5  1 Y 1 A LYS 1004 ? CD  ? A LYS 26 CD  
6  1 Y 1 A LYS 1004 ? CE  ? A LYS 26 CE  
7  1 Y 1 A LYS 1004 ? NZ  ? A LYS 26 NZ  
8  1 Y 1 A ARG 1007 ? NE  ? A ARG 29 NE  
9  1 Y 1 A ARG 1007 ? CZ  ? A ARG 29 CZ  
10 1 Y 1 A ARG 1007 ? NH1 ? A ARG 29 NH1 
11 1 Y 1 A ARG 1007 ? NH2 ? A ARG 29 NH2 
12 1 Y 1 A LYS 1011 ? CD  ? A LYS 33 CD  
13 1 Y 1 A LYS 1011 ? CE  ? A LYS 33 CE  
14 1 Y 1 A LYS 1011 ? NZ  ? A LYS 33 NZ  
15 1 Y 1 A GLU 1017 ? CG  ? A GLU 39 CG  
16 1 Y 1 A GLU 1017 ? CD  ? A GLU 39 CD  
17 1 Y 1 A GLU 1017 ? OE1 ? A GLU 39 OE1 
18 1 Y 1 A GLU 1017 ? OE2 ? A GLU 39 OE2 
19 1 Y 1 A LYS 1026 ? CG  ? A LYS 48 CG  
20 1 Y 1 A LYS 1026 ? CD  ? A LYS 48 CD  
21 1 Y 1 A LYS 1026 ? CE  ? A LYS 48 CE  
22 1 Y 1 A LYS 1026 ? NZ  ? A LYS 48 NZ  
23 1 Y 1 A LYS 1047 ? CE  ? A LYS 69 CE  
24 1 Y 1 A LYS 1047 ? NZ  ? A LYS 69 NZ  
25 1 N 1 A G7E 1203 ? C1  ? D G7E 1  C1  
26 1 N 1 A G7E 1203 ? C2  ? D G7E 1  C2  
27 1 N 1 A G7E 1203 ? S1  ? D G7E 1  S1  
28 1 N 1 A G7E 1203 ? N1  ? D G7E 1  N1  
29 1 N 1 A G7E 1203 ? C5  ? D G7E 1  C5  
30 1 N 1 A G7E 1203 ? C6  ? D G7E 1  C6  
31 1 N 1 A G7E 1203 ? C7  ? D G7E 1  C7  
32 1 N 1 A G7E 1203 ? O1  ? D G7E 1  O1  
33 1 N 1 A G7E 1203 ? N2  ? D G7E 1  N2  
34 1 N 1 A G7E 1203 ? C10 ? D G7E 1  C10 
35 1 N 1 A G7E 1203 ? O2  ? D G7E 1  O2  
36 1 N 1 A G7E 1203 ? C12 ? D G7E 1  C12 
37 1 N 1 A G7E 1203 ? C13 ? D G7E 1  C13 
38 1 N 1 A G7E 1203 ? N3  ? D G7E 1  N3  
39 1 N 1 A G7E 1203 ? N4  ? D G7E 1  N4  
40 1 N 1 A G7E 1203 ? C16 ? D G7E 1  C16 
41 1 N 1 A G7E 1203 ? C17 ? D G7E 1  C17 
# 
loop_
_software.citation_id 
_software.classification 
_software.compiler_name 
_software.compiler_version 
_software.contact_author 
_software.contact_author_email 
_software.date 
_software.description 
_software.dependencies 
_software.hardware 
_software.language 
_software.location 
_software.mods 
_software.name 
_software.os 
_software.os_version 
_software.type 
_software.version 
_software.pdbx_ordinal 
? refinement       ? ? ? ? ? ? ? ? ? ? ? PHENIX ? ? ? '(1.14_3211: ???)' 1 
? 'data reduction' ? ? ? ? ? ? ? ? ? ? ? XDS    ? ? ? .                  2 
? 'data scaling'   ? ? ? ? ? ? ? ? ? ? ? XSCALE ? ? ? .                  3 
? phasing          ? ? ? ? ? ? ? ? ? ? ? PHASER ? ? ? .                  4 
# 
_cell.angle_alpha                  90.00 
_cell.angle_alpha_esd              ? 
_cell.angle_beta                   90.00 
_cell.angle_beta_esd               ? 
_cell.angle_gamma                  120.00 
_cell.angle_gamma_esd              ? 
_cell.entry_id                     6HID 
_cell.details                      ? 
_cell.formula_units_Z              ? 
_cell.length_a                     79.831 
_cell.length_a_esd                 ? 
_cell.length_b                     79.831 
_cell.length_b_esd                 ? 
_cell.length_c                     138.001 
_cell.length_c_esd                 ? 
_cell.volume                       ? 
_cell.volume_esd                   ? 
_cell.Z_PDB                        12 
_cell.reciprocal_angle_alpha       ? 
_cell.reciprocal_angle_beta        ? 
_cell.reciprocal_angle_gamma       ? 
_cell.reciprocal_angle_alpha_esd   ? 
_cell.reciprocal_angle_beta_esd    ? 
_cell.reciprocal_angle_gamma_esd   ? 
_cell.reciprocal_length_a          ? 
_cell.reciprocal_length_b          ? 
_cell.reciprocal_length_c          ? 
_cell.reciprocal_length_a_esd      ? 
_cell.reciprocal_length_b_esd      ? 
_cell.reciprocal_length_c_esd      ? 
_cell.pdbx_unique_axis             ? 
# 
_symmetry.entry_id                         6HID 
_symmetry.cell_setting                     ? 
_symmetry.Int_Tables_number                179 
_symmetry.space_group_name_Hall            ? 
_symmetry.space_group_name_H-M             'P 65 2 2' 
_symmetry.pdbx_full_space_group_name_H-M   ? 
# 
_exptl.absorpt_coefficient_mu     ? 
_exptl.absorpt_correction_T_max   ? 
_exptl.absorpt_correction_T_min   ? 
_exptl.absorpt_correction_type    ? 
_exptl.absorpt_process_details    ? 
_exptl.entry_id                   6HID 
_exptl.crystals_number            1 
_exptl.details                    ? 
_exptl.method                     'X-RAY DIFFRACTION' 
_exptl.method_details             ? 
# 
_exptl_crystal.colour                      ? 
_exptl_crystal.density_diffrn              ? 
_exptl_crystal.density_Matthews            4.11 
_exptl_crystal.density_method              ? 
_exptl_crystal.density_percent_sol         70.05 
_exptl_crystal.description                 ? 
_exptl_crystal.F_000                       ? 
_exptl_crystal.id                          1 
_exptl_crystal.preparation                 ? 
_exptl_crystal.size_max                    ? 
_exptl_crystal.size_mid                    ? 
_exptl_crystal.size_min                    ? 
_exptl_crystal.size_rad                    ? 
_exptl_crystal.colour_lustre               ? 
_exptl_crystal.colour_modifier             ? 
_exptl_crystal.colour_primary              ? 
_exptl_crystal.density_meas                ? 
_exptl_crystal.density_meas_esd            ? 
_exptl_crystal.density_meas_gt             ? 
_exptl_crystal.density_meas_lt             ? 
_exptl_crystal.density_meas_temp           ? 
_exptl_crystal.density_meas_temp_esd       ? 
_exptl_crystal.density_meas_temp_gt        ? 
_exptl_crystal.density_meas_temp_lt        ? 
_exptl_crystal.pdbx_crystal_image_url      ? 
_exptl_crystal.pdbx_crystal_image_format   ? 
_exptl_crystal.pdbx_mosaicity              ? 
_exptl_crystal.pdbx_mosaicity_esd          ? 
# 
_exptl_crystal_grow.apparatus       ? 
_exptl_crystal_grow.atmosphere      ? 
_exptl_crystal_grow.crystal_id      1 
_exptl_crystal_grow.details         ? 
_exptl_crystal_grow.method          'VAPOR DIFFUSION, HANGING DROP' 
_exptl_crystal_grow.method_ref      ? 
_exptl_crystal_grow.pH              5.5 
_exptl_crystal_grow.pressure        ? 
_exptl_crystal_grow.pressure_esd    ? 
_exptl_crystal_grow.seeding         ? 
_exptl_crystal_grow.seeding_ref     ? 
_exptl_crystal_grow.temp            277 
_exptl_crystal_grow.temp_details    ? 
_exptl_crystal_grow.temp_esd        ? 
_exptl_crystal_grow.time            ? 
_exptl_crystal_grow.pdbx_details    '2M (NH4)2SO4, 0.1M Bis-Tris pH 5.5' 
_exptl_crystal_grow.pdbx_pH_range   ? 
# 
_diffrn.ambient_environment              ? 
_diffrn.ambient_temp                     100 
_diffrn.ambient_temp_details             ? 
_diffrn.ambient_temp_esd                 ? 
_diffrn.crystal_id                       1 
_diffrn.crystal_support                  ? 
_diffrn.crystal_treatment                ? 
_diffrn.details                          ? 
_diffrn.id                               1 
_diffrn.ambient_pressure                 ? 
_diffrn.ambient_pressure_esd             ? 
_diffrn.ambient_pressure_gt              ? 
_diffrn.ambient_pressure_lt              ? 
_diffrn.ambient_temp_gt                  ? 
_diffrn.ambient_temp_lt                  ? 
_diffrn.pdbx_serial_crystal_experiment   ? 
# 
_diffrn_detector.details                      ? 
_diffrn_detector.detector                     PIXEL 
_diffrn_detector.diffrn_id                    1 
_diffrn_detector.type                         'DECTRIS EIGER X 16M' 
_diffrn_detector.area_resol_mean              ? 
_diffrn_detector.dtime                        ? 
_diffrn_detector.pdbx_frames_total            ? 
_diffrn_detector.pdbx_collection_time_total   ? 
_diffrn_detector.pdbx_collection_date         2017-12-03 
_diffrn_detector.pdbx_frequency               ? 
# 
_diffrn_radiation.collimation                      ? 
_diffrn_radiation.diffrn_id                        1 
_diffrn_radiation.filter_edge                      ? 
_diffrn_radiation.inhomogeneity                    ? 
_diffrn_radiation.monochromator                    ? 
_diffrn_radiation.polarisn_norm                    ? 
_diffrn_radiation.polarisn_ratio                   ? 
_diffrn_radiation.probe                            ? 
_diffrn_radiation.type                             ? 
_diffrn_radiation.xray_symbol                      ? 
_diffrn_radiation.wavelength_id                    1 
_diffrn_radiation.pdbx_monochromatic_or_laue_m_l   M 
_diffrn_radiation.pdbx_wavelength_list             ? 
_diffrn_radiation.pdbx_wavelength                  ? 
_diffrn_radiation.pdbx_diffrn_protocol             'SINGLE WAVELENGTH' 
_diffrn_radiation.pdbx_analyzer                    ? 
_diffrn_radiation.pdbx_scattering_type             x-ray 
# 
_diffrn_radiation_wavelength.id           1 
_diffrn_radiation_wavelength.wavelength   0.999987 
_diffrn_radiation_wavelength.wt           1.0 
# 
_diffrn_source.current                     ? 
_diffrn_source.details                     ? 
_diffrn_source.diffrn_id                   1 
_diffrn_source.power                       ? 
_diffrn_source.size                        ? 
_diffrn_source.source                      SYNCHROTRON 
_diffrn_source.target                      ? 
_diffrn_source.type                        'SLS BEAMLINE X06SA' 
_diffrn_source.voltage                     ? 
_diffrn_source.take-off_angle              ? 
_diffrn_source.pdbx_wavelength_list        0.999987 
_diffrn_source.pdbx_wavelength             ? 
_diffrn_source.pdbx_synchrotron_beamline   X06SA 
_diffrn_source.pdbx_synchrotron_site       SLS 
# 
_reflns.B_iso_Wilson_estimate            ? 
_reflns.entry_id                         6HID 
_reflns.data_reduction_details           ? 
_reflns.data_reduction_method            ? 
_reflns.d_resolution_high                1.768 
_reflns.d_resolution_low                 39.916 
_reflns.details                          ? 
_reflns.limit_h_max                      ? 
_reflns.limit_h_min                      ? 
_reflns.limit_k_max                      ? 
_reflns.limit_k_min                      ? 
_reflns.limit_l_max                      ? 
_reflns.limit_l_min                      ? 
_reflns.number_all                       ? 
_reflns.number_obs                       47736 
_reflns.observed_criterion               ? 
_reflns.observed_criterion_F_max         ? 
_reflns.observed_criterion_F_min         ? 
_reflns.observed_criterion_I_max         ? 
_reflns.observed_criterion_I_min         ? 
_reflns.observed_criterion_sigma_F       ? 
_reflns.observed_criterion_sigma_I       ? 
_reflns.percent_possible_obs             99 
_reflns.R_free_details                   ? 
_reflns.Rmerge_F_all                     ? 
_reflns.Rmerge_F_obs                     ? 
_reflns.Friedel_coverage                 ? 
_reflns.number_gt                        ? 
_reflns.threshold_expression             ? 
_reflns.pdbx_redundancy                  6.09 
_reflns.pdbx_Rmerge_I_obs                ? 
_reflns.pdbx_Rmerge_I_all                ? 
_reflns.pdbx_Rsym_value                  ? 
_reflns.pdbx_netI_over_av_sigmaI         ? 
_reflns.pdbx_netI_over_sigmaI            18.51 
_reflns.pdbx_res_netI_over_av_sigmaI_2   ? 
_reflns.pdbx_res_netI_over_sigmaI_2      ? 
_reflns.pdbx_chi_squared                 ? 
_reflns.pdbx_scaling_rejects             ? 
_reflns.pdbx_d_res_high_opt              ? 
_reflns.pdbx_d_res_low_opt               ? 
_reflns.pdbx_d_res_opt_method            ? 
_reflns.phase_calculation_details        ? 
_reflns.pdbx_Rrim_I_all                  0.046 
_reflns.pdbx_Rpim_I_all                  ? 
_reflns.pdbx_d_opt                       ? 
_reflns.pdbx_number_measured_all         ? 
_reflns.pdbx_diffrn_id                   1 
_reflns.pdbx_ordinal                     1 
_reflns.pdbx_CC_half                     1 
_reflns.pdbx_R_split                     ? 
# 
_reflns_shell.d_res_high                  1.77 
_reflns_shell.d_res_low                   1.88 
_reflns_shell.meanI_over_sigI_all         ? 
_reflns_shell.meanI_over_sigI_obs         ? 
_reflns_shell.number_measured_all         ? 
_reflns_shell.number_measured_obs         ? 
_reflns_shell.number_possible             ? 
_reflns_shell.number_unique_all           ? 
_reflns_shell.number_unique_obs           7333 
_reflns_shell.percent_possible_all        94.1 
_reflns_shell.percent_possible_obs        ? 
_reflns_shell.Rmerge_F_all                ? 
_reflns_shell.Rmerge_F_obs                ? 
_reflns_shell.Rmerge_I_all                ? 
_reflns_shell.Rmerge_I_obs                ? 
_reflns_shell.meanI_over_sigI_gt          ? 
_reflns_shell.meanI_over_uI_all           ? 
_reflns_shell.meanI_over_uI_gt            ? 
_reflns_shell.number_measured_gt          ? 
_reflns_shell.number_unique_gt            ? 
_reflns_shell.percent_possible_gt         ? 
_reflns_shell.Rmerge_F_gt                 ? 
_reflns_shell.Rmerge_I_gt                 ? 
_reflns_shell.pdbx_redundancy             2.99 
_reflns_shell.pdbx_Rsym_value             ? 
_reflns_shell.pdbx_chi_squared            ? 
_reflns_shell.pdbx_netI_over_sigmaI_all   ? 
_reflns_shell.pdbx_netI_over_sigmaI_obs   ? 
_reflns_shell.pdbx_Rrim_I_all             1.923 
_reflns_shell.pdbx_Rpim_I_all             ? 
_reflns_shell.pdbx_rejects                ? 
_reflns_shell.pdbx_ordinal                1 
_reflns_shell.pdbx_diffrn_id              1 
_reflns_shell.pdbx_CC_half                ? 
_reflns_shell.pdbx_R_split                ? 
# 
_refine.aniso_B[1][1]                            ? 
_refine.aniso_B[1][2]                            ? 
_refine.aniso_B[1][3]                            ? 
_refine.aniso_B[2][2]                            ? 
_refine.aniso_B[2][3]                            ? 
_refine.aniso_B[3][3]                            ? 
_refine.B_iso_max                                ? 
_refine.B_iso_mean                               ? 
_refine.B_iso_min                                ? 
_refine.correlation_coeff_Fo_to_Fc               ? 
_refine.correlation_coeff_Fo_to_Fc_free          ? 
_refine.details                                  ? 
_refine.diff_density_max                         ? 
_refine.diff_density_max_esd                     ? 
_refine.diff_density_min                         ? 
_refine.diff_density_min_esd                     ? 
_refine.diff_density_rms                         ? 
_refine.diff_density_rms_esd                     ? 
_refine.entry_id                                 6HID 
_refine.pdbx_refine_id                           'X-RAY DIFFRACTION' 
_refine.ls_abs_structure_details                 ? 
_refine.ls_abs_structure_Flack                   ? 
_refine.ls_abs_structure_Flack_esd               ? 
_refine.ls_abs_structure_Rogers                  ? 
_refine.ls_abs_structure_Rogers_esd              ? 
_refine.ls_d_res_high                            1.768 
_refine.ls_d_res_low                             39.916 
_refine.ls_extinction_coef                       ? 
_refine.ls_extinction_coef_esd                   ? 
_refine.ls_extinction_expression                 ? 
_refine.ls_extinction_method                     ? 
_refine.ls_goodness_of_fit_all                   ? 
_refine.ls_goodness_of_fit_all_esd               ? 
_refine.ls_goodness_of_fit_obs                   ? 
_refine.ls_goodness_of_fit_obs_esd               ? 
_refine.ls_hydrogen_treatment                    ? 
_refine.ls_matrix_type                           ? 
_refine.ls_number_constraints                    ? 
_refine.ls_number_parameters                     ? 
_refine.ls_number_reflns_all                     ? 
_refine.ls_number_reflns_obs                     47674 
_refine.ls_number_reflns_R_free                  2403 
_refine.ls_number_reflns_R_work                  ? 
_refine.ls_number_restraints                     ? 
_refine.ls_percent_reflns_obs                    99.02 
_refine.ls_percent_reflns_R_free                 5.04 
_refine.ls_R_factor_all                          ? 
_refine.ls_R_factor_obs                          0.2084 
_refine.ls_R_factor_R_free                       0.2426 
_refine.ls_R_factor_R_free_error                 ? 
_refine.ls_R_factor_R_free_error_details         ? 
_refine.ls_R_factor_R_work                       0.2065 
_refine.ls_R_Fsqd_factor_obs                     ? 
_refine.ls_R_I_factor_obs                        ? 
_refine.ls_redundancy_reflns_all                 ? 
_refine.ls_redundancy_reflns_obs                 ? 
_refine.ls_restrained_S_all                      ? 
_refine.ls_restrained_S_obs                      ? 
_refine.ls_shift_over_esd_max                    ? 
_refine.ls_shift_over_esd_mean                   ? 
_refine.ls_structure_factor_coef                 ? 
_refine.ls_weighting_details                     ? 
_refine.ls_weighting_scheme                      ? 
_refine.ls_wR_factor_all                         ? 
_refine.ls_wR_factor_obs                         ? 
_refine.ls_wR_factor_R_free                      ? 
_refine.ls_wR_factor_R_work                      ? 
_refine.occupancy_max                            ? 
_refine.occupancy_min                            ? 
_refine.solvent_model_details                    ? 
_refine.solvent_model_param_bsol                 ? 
_refine.solvent_model_param_ksol                 ? 
_refine.ls_R_factor_gt                           ? 
_refine.ls_goodness_of_fit_gt                    ? 
_refine.ls_goodness_of_fit_ref                   ? 
_refine.ls_shift_over_su_max                     ? 
_refine.ls_shift_over_su_max_lt                  ? 
_refine.ls_shift_over_su_mean                    ? 
_refine.ls_shift_over_su_mean_lt                 ? 
_refine.pdbx_ls_sigma_I                          ? 
_refine.pdbx_ls_sigma_F                          1.33 
_refine.pdbx_ls_sigma_Fsqd                       ? 
_refine.pdbx_data_cutoff_high_absF               ? 
_refine.pdbx_data_cutoff_high_rms_absF           ? 
_refine.pdbx_data_cutoff_low_absF                ? 
_refine.pdbx_isotropic_thermal_model             ? 
_refine.pdbx_ls_cross_valid_method               'FREE R-VALUE' 
_refine.pdbx_method_to_determine_struct          'MOLECULAR REPLACEMENT' 
_refine.pdbx_starting_model                      5f36 
_refine.pdbx_stereochemistry_target_values       ? 
_refine.pdbx_R_Free_selection_details            ? 
_refine.pdbx_stereochem_target_val_spec_case     ? 
_refine.pdbx_overall_ESU_R                       ? 
_refine.pdbx_overall_ESU_R_Free                  ? 
_refine.pdbx_solvent_vdw_probe_radii             1.11 
_refine.pdbx_solvent_ion_probe_radii             ? 
_refine.pdbx_solvent_shrinkage_radii             0.90 
_refine.pdbx_real_space_R                        ? 
_refine.pdbx_density_correlation                 ? 
_refine.pdbx_pd_number_of_powder_patterns        ? 
_refine.pdbx_pd_number_of_points                 ? 
_refine.pdbx_pd_meas_number_of_points            ? 
_refine.pdbx_pd_proc_ls_prof_R_factor            ? 
_refine.pdbx_pd_proc_ls_prof_wR_factor           ? 
_refine.pdbx_pd_Marquardt_correlation_coeff      ? 
_refine.pdbx_pd_Fsqrd_R_factor                   ? 
_refine.pdbx_pd_ls_matrix_band_width             ? 
_refine.pdbx_overall_phase_error                 26.82 
_refine.pdbx_overall_SU_R_free_Cruickshank_DPI   ? 
_refine.pdbx_overall_SU_R_free_Blow_DPI          ? 
_refine.pdbx_overall_SU_R_Blow_DPI               ? 
_refine.pdbx_TLS_residual_ADP_flag               ? 
_refine.pdbx_diffrn_id                           1 
_refine.overall_SU_B                             ? 
_refine.overall_SU_ML                            0.32 
_refine.overall_SU_R_Cruickshank_DPI             ? 
_refine.overall_SU_R_free                        ? 
_refine.overall_FOM_free_R_set                   ? 
_refine.overall_FOM_work_R_set                   ? 
_refine.pdbx_average_fsc_overall                 ? 
_refine.pdbx_average_fsc_work                    ? 
_refine.pdbx_average_fsc_free                    ? 
# 
_refine_hist.pdbx_refine_id                   'X-RAY DIFFRACTION' 
_refine_hist.cycle_id                         LAST 
_refine_hist.pdbx_number_atoms_protein        1060 
_refine_hist.pdbx_number_atoms_nucleic_acid   0 
_refine_hist.pdbx_number_atoms_ligand         50 
_refine_hist.number_atoms_solvent             113 
_refine_hist.number_atoms_total               1223 
_refine_hist.d_res_high                       1.768 
_refine_hist.d_res_low                        39.916 
# 
loop_
_refine_ls_restr.pdbx_refine_id 
_refine_ls_restr.criterion 
_refine_ls_restr.dev_ideal 
_refine_ls_restr.dev_ideal_target 
_refine_ls_restr.number 
_refine_ls_restr.rejects 
_refine_ls_restr.type 
_refine_ls_restr.weight 
_refine_ls_restr.pdbx_restraint_function 
'X-RAY DIFFRACTION' ? 0.008  ? 1154 ? f_bond_d           ? ? 
'X-RAY DIFFRACTION' ? 1.054  ? 1569 ? f_angle_d          ? ? 
'X-RAY DIFFRACTION' ? 10.529 ? 1004 ? f_dihedral_angle_d ? ? 
'X-RAY DIFFRACTION' ? 0.049  ? 171  ? f_chiral_restr     ? ? 
'X-RAY DIFFRACTION' ? 0.006  ? 207  ? f_plane_restr      ? ? 
# 
loop_
_refine_ls_shell.pdbx_refine_id 
_refine_ls_shell.d_res_high 
_refine_ls_shell.d_res_low 
_refine_ls_shell.number_reflns_all 
_refine_ls_shell.number_reflns_obs 
_refine_ls_shell.number_reflns_R_free 
_refine_ls_shell.number_reflns_R_work 
_refine_ls_shell.percent_reflns_obs 
_refine_ls_shell.percent_reflns_R_free 
_refine_ls_shell.R_factor_all 
_refine_ls_shell.R_factor_obs 
_refine_ls_shell.R_factor_R_free 
_refine_ls_shell.R_factor_R_free_error 
_refine_ls_shell.R_factor_R_work 
_refine_ls_shell.redundancy_reflns_all 
_refine_ls_shell.redundancy_reflns_obs 
_refine_ls_shell.wR_factor_all 
_refine_ls_shell.wR_factor_obs 
_refine_ls_shell.wR_factor_R_free 
_refine_ls_shell.wR_factor_R_work 
_refine_ls_shell.pdbx_total_number_of_bins_used 
_refine_ls_shell.pdbx_phase_error 
_refine_ls_shell.pdbx_fsc_work 
_refine_ls_shell.pdbx_fsc_free 
'X-RAY DIFFRACTION' 1.7681 1.8042  . . 130 2377 88.00  . . . 0.4620 . 0.4364 . . . . . . . . . . 
'X-RAY DIFFRACTION' 1.8042 1.8435  . . 131 2593 96.00  . . . 0.4191 . 0.4023 . . . . . . . . . . 
'X-RAY DIFFRACTION' 1.8435 1.8863  . . 141 2656 100.00 . . . 0.3867 . 0.3639 . . . . . . . . . . 
'X-RAY DIFFRACTION' 1.8863 1.9335  . . 145 2700 100.00 . . . 0.3588 . 0.3084 . . . . . . . . . . 
'X-RAY DIFFRACTION' 1.9335 1.9858  . . 146 2680 100.00 . . . 0.3374 . 0.2746 . . . . . . . . . . 
'X-RAY DIFFRACTION' 1.9858 2.0442  . . 150 2700 100.00 . . . 0.2494 . 0.2602 . . . . . . . . . . 
'X-RAY DIFFRACTION' 2.0442 2.1102  . . 137 2671 100.00 . . . 0.2836 . 0.2381 . . . . . . . . . . 
'X-RAY DIFFRACTION' 2.1102 2.1856  . . 143 2683 100.00 . . . 0.2537 . 0.2236 . . . . . . . . . . 
'X-RAY DIFFRACTION' 2.1856 2.2731  . . 142 2722 100.00 . . . 0.2543 . 0.2170 . . . . . . . . . . 
'X-RAY DIFFRACTION' 2.2731 2.3766  . . 136 2670 100.00 . . . 0.2446 . 0.2135 . . . . . . . . . . 
'X-RAY DIFFRACTION' 2.3766 2.5018  . . 142 2695 100.00 . . . 0.2587 . 0.2164 . . . . . . . . . . 
'X-RAY DIFFRACTION' 2.5018 2.6586  . . 143 2703 100.00 . . . 0.2461 . 0.2281 . . . . . . . . . . 
'X-RAY DIFFRACTION' 2.6586 2.8638  . . 140 2670 100.00 . . . 0.2486 . 0.2186 . . . . . . . . . . 
'X-RAY DIFFRACTION' 2.8638 3.1519  . . 140 2705 100.00 . . . 0.2404 . 0.2230 . . . . . . . . . . 
'X-RAY DIFFRACTION' 3.1519 3.6077  . . 144 2675 100.00 . . . 0.2258 . 0.1943 . . . . . . . . . . 
'X-RAY DIFFRACTION' 3.6077 4.5443  . . 147 2674 100.00 . . . 0.2340 . 0.1688 . . . . . . . . . . 
'X-RAY DIFFRACTION' 4.5443 39.9257 . . 146 2697 100.00 . . . 0.2158 . 0.1861 . . . . . . . . . . 
# 
_struct.entry_id                     6HID 
_struct.title                        'The ATAD2 bromodomain in complex with compound 16' 
_struct.pdbx_model_details           ? 
_struct.pdbx_formula_weight          ? 
_struct.pdbx_formula_weight_method   ? 
_struct.pdbx_model_type_details      ? 
_struct.pdbx_CASP_flag               N 
# 
_struct_keywords.entry_id        6HID 
_struct_keywords.text            'Bromodomain, ATAD2, inhibitor, complex, CYTOSOLIC PROTEIN' 
_struct_keywords.pdbx_keywords   'CYTOSOLIC PROTEIN' 
# 
loop_
_struct_asym.id 
_struct_asym.pdbx_blank_PDB_chainid_flag 
_struct_asym.pdbx_modified 
_struct_asym.entity_id 
_struct_asym.details 
A N N 1 ? 
B N N 2 ? 
C N N 3 ? 
D N N 3 ? 
E N N 4 ? 
# 
_struct_ref.entity_id                  1 
_struct_ref.pdbx_db_accession          Q6PL18 
_struct_ref.pdbx_db_isoform            ? 
_struct_ref.pdbx_seq_one_letter_code   
;QEEDTFRELRIFLRNVTHRLAIDKRFRVFTKPVDPDEVPDYVTVIKQPMDLSSVISKIDLHKYLTVKDYLRDIDLICSNA
LEYNPDRDPGDRLIRHRACALRDTAYAIIKEELDEDFEQLCEEIQESR
;
_struct_ref.id                         1 
_struct_ref.pdbx_align_begin           981 
_struct_ref.db_name                    UNP 
_struct_ref.db_code                    ATAD2_HUMAN 
# 
_struct_ref_seq.align_id                      1 
_struct_ref_seq.ref_id                        1 
_struct_ref_seq.pdbx_PDB_id_code              6HID 
_struct_ref_seq.pdbx_strand_id                A 
_struct_ref_seq.seq_align_beg                 3 
_struct_ref_seq.pdbx_seq_align_beg_ins_code   ? 
_struct_ref_seq.seq_align_end                 130 
_struct_ref_seq.pdbx_seq_align_end_ins_code   ? 
_struct_ref_seq.pdbx_db_accession             Q6PL18 
_struct_ref_seq.db_align_beg                  981 
_struct_ref_seq.pdbx_db_align_beg_ins_code    ? 
_struct_ref_seq.db_align_end                  1108 
_struct_ref_seq.pdbx_db_align_end_ins_code    ? 
_struct_ref_seq.pdbx_auth_seq_align_beg       981 
_struct_ref_seq.pdbx_auth_seq_align_end       1108 
# 
loop_
_struct_ref_seq_dif.align_id 
_struct_ref_seq_dif.pdbx_pdb_id_code 
_struct_ref_seq_dif.mon_id 
_struct_ref_seq_dif.pdbx_pdb_strand_id 
_struct_ref_seq_dif.seq_num 
_struct_ref_seq_dif.pdbx_pdb_ins_code 
_struct_ref_seq_dif.pdbx_seq_db_name 
_struct_ref_seq_dif.pdbx_seq_db_accession_code 
_struct_ref_seq_dif.db_mon_id 
_struct_ref_seq_dif.pdbx_seq_db_seq_num 
_struct_ref_seq_dif.details 
_struct_ref_seq_dif.pdbx_auth_seq_num 
_struct_ref_seq_dif.pdbx_ordinal 
1 6HDN SER A 1 ? UNP Q6PL18 ? ? 'expression tag' 979 1 
1 6HDN MET A 2 ? UNP Q6PL18 ? ? 'expression tag' 980 2 
# 
_pdbx_struct_assembly.id                   1 
_pdbx_struct_assembly.details              author_and_software_defined_assembly 
_pdbx_struct_assembly.method_details       PISA 
_pdbx_struct_assembly.oligomeric_details   monomeric 
_pdbx_struct_assembly.oligomeric_count     1 
# 
loop_
_pdbx_struct_assembly_prop.biol_id 
_pdbx_struct_assembly_prop.type 
_pdbx_struct_assembly_prop.value 
_pdbx_struct_assembly_prop.details 
1 'ABSA (A^2)' 180  ? 
1 MORE         -12  ? 
1 'SSA (A^2)'  7840 ? 
# 
_pdbx_struct_assembly_gen.assembly_id       1 
_pdbx_struct_assembly_gen.oper_expression   1 
_pdbx_struct_assembly_gen.asym_id_list      A,B,C,D,E 
# 
_pdbx_struct_assembly_auth_evidence.id                     1 
_pdbx_struct_assembly_auth_evidence.assembly_id            1 
_pdbx_struct_assembly_auth_evidence.experimental_support   'gel filtration' 
_pdbx_struct_assembly_auth_evidence.details                ? 
# 
_pdbx_struct_oper_list.id                   1 
_pdbx_struct_oper_list.type                 'identity operation' 
_pdbx_struct_oper_list.name                 1_555 
_pdbx_struct_oper_list.symmetry_operation   x,y,z 
_pdbx_struct_oper_list.matrix[1][1]         1.0000000000 
_pdbx_struct_oper_list.matrix[1][2]         0.0000000000 
_pdbx_struct_oper_list.matrix[1][3]         0.0000000000 
_pdbx_struct_oper_list.vector[1]            0.0000000000 
_pdbx_struct_oper_list.matrix[2][1]         0.0000000000 
_pdbx_struct_oper_list.matrix[2][2]         1.0000000000 
_pdbx_struct_oper_list.matrix[2][3]         0.0000000000 
_pdbx_struct_oper_list.vector[2]            0.0000000000 
_pdbx_struct_oper_list.matrix[3][1]         0.0000000000 
_pdbx_struct_oper_list.matrix[3][2]         0.0000000000 
_pdbx_struct_oper_list.matrix[3][3]         1.0000000000 
_pdbx_struct_oper_list.vector[3]            0.0000000000 
# 
loop_
_struct_conf.conf_type_id 
_struct_conf.id 
_struct_conf.pdbx_PDB_helix_id 
_struct_conf.beg_label_comp_id 
_struct_conf.beg_label_asym_id 
_struct_conf.beg_label_seq_id 
_struct_conf.pdbx_beg_PDB_ins_code 
_struct_conf.end_label_comp_id 
_struct_conf.end_label_asym_id 
_struct_conf.end_label_seq_id 
_struct_conf.pdbx_end_PDB_ins_code 
_struct_conf.beg_auth_comp_id 
_struct_conf.beg_auth_asym_id 
_struct_conf.beg_auth_seq_id 
_struct_conf.end_auth_comp_id 
_struct_conf.end_auth_asym_id 
_struct_conf.end_auth_seq_id 
_struct_conf.pdbx_PDB_helix_class 
_struct_conf.details 
_struct_conf.pdbx_PDB_helix_length 
HELX_P HELX_P1 AA1 SER A 1   ? ILE A 24  ? SER A 979  ILE A 1002 1 ? 24 
HELX_P HELX_P2 AA2 ASP A 25  ? THR A 32  ? ASP A 1003 THR A 1010 5 ? 8  
HELX_P HELX_P3 AA3 ASP A 42  ? ILE A 47  ? ASP A 1020 ILE A 1025 1 ? 6  
HELX_P HELX_P4 AA4 ASP A 52  ? LEU A 62  ? ASP A 1030 LEU A 1040 1 ? 11 
HELX_P HELX_P5 AA5 THR A 67  ? ASN A 86  ? THR A 1045 ASN A 1064 1 ? 20 
HELX_P HELX_P6 AA6 ASP A 90  ? LEU A 115 ? ASP A 1068 LEU A 1093 1 ? 26 
HELX_P HELX_P7 AA7 ASP A 116 ? SER A 129 ? ASP A 1094 SER A 1107 1 ? 14 
# 
_struct_conf_type.id          HELX_P 
_struct_conf_type.criteria    ? 
_struct_conf_type.reference   ? 
# 
loop_
_struct_site.id 
_struct_site.pdbx_evidence_code 
_struct_site.pdbx_auth_asym_id 
_struct_site.pdbx_auth_comp_id 
_struct_site.pdbx_auth_seq_id 
_struct_site.pdbx_auth_ins_code 
_struct_site.pdbx_num_residues 
_struct_site.details 
AC1 Software A SO4 1201 ? 5  'binding site for residue SO4 A 1201' 
AC2 Software A G7E 1202 ? 11 'binding site for residue G7E A 1202' 
AC3 Software A G7E 1203 ? 8  'binding site for residue G7E A 1203' 
# 
loop_
_struct_site_gen.id 
_struct_site_gen.site_id 
_struct_site_gen.pdbx_num_res 
_struct_site_gen.label_comp_id 
_struct_site_gen.label_asym_id 
_struct_site_gen.label_seq_id 
_struct_site_gen.pdbx_auth_ins_code 
_struct_site_gen.auth_comp_id 
_struct_site_gen.auth_asym_id 
_struct_site_gen.auth_seq_id 
_struct_site_gen.label_atom_id 
_struct_site_gen.label_alt_id 
_struct_site_gen.symmetry 
_struct_site_gen.details 
1  AC1 5  ARG A 9   ? ARG A 987  . ? 1_555  ? 
2  AC1 5  ARG A 12  ? ARG A 990  . ? 1_555  ? 
3  AC1 5  ARG A 16  ? ARG A 994  . ? 1_555  ? 
4  AC1 5  ARG A 89  ? ARG A 1067 . ? 6_444  ? 
5  AC1 5  HOH E .   ? HOH A 1324 . ? 1_555  ? 
6  AC2 11 ARG A 29  ? ARG A 1007 . ? 1_555  ? 
7  AC2 11 VAL A 30  ? VAL A 1008 . ? 1_555  ? 
8  AC2 11 LYS A 33  ? LYS A 1011 . ? 1_555  ? 
9  AC2 11 PRO A 34  ? PRO A 1012 . ? 1_555  ? 
10 AC2 11 VAL A 35  ? VAL A 1013 . ? 1_555  ? 
11 AC2 11 ASP A 36  ? ASP A 1014 . ? 1_555  ? 
12 AC2 11 TYR A 85  ? TYR A 1063 . ? 1_555  ? 
13 AC2 11 ASN A 86  ? ASN A 1064 . ? 1_555  ? 
14 AC2 11 ASP A 90  ? ASP A 1068 . ? 1_555  ? 
15 AC2 11 ASP A 93  ? ASP A 1071 . ? 1_555  ? 
16 AC2 11 HOH E .   ? HOH A 1317 . ? 1_555  ? 
17 AC3 8  GLU A 10  ? GLU A 988  . ? 1_555  ? 
18 AC3 8  HIS A 20  ? HIS A 998  . ? 12_546 ? 
19 AC3 8  PRO A 91  ? PRO A 1069 . ? 8_447  ? 
20 AC3 8  GLU A 114 ? GLU A 1092 . ? 1_555  ? 
21 AC3 8  LEU A 115 ? LEU A 1093 . ? 1_555  ? 
22 AC3 8  ASP A 116 ? ASP A 1094 . ? 1_555  ? 
23 AC3 8  PHE A 119 ? PHE A 1097 . ? 1_555  ? 
24 AC3 8  HOH E .   ? HOH A 1330 . ? 12_546 ? 
# 
_pdbx_validate_close_contact.id               1 
_pdbx_validate_close_contact.PDB_model_num    1 
_pdbx_validate_close_contact.auth_atom_id_1   O 
_pdbx_validate_close_contact.auth_asym_id_1   A 
_pdbx_validate_close_contact.auth_comp_id_1   HOH 
_pdbx_validate_close_contact.auth_seq_id_1    1306 
_pdbx_validate_close_contact.PDB_ins_code_1   ? 
_pdbx_validate_close_contact.label_alt_id_1   ? 
_pdbx_validate_close_contact.auth_atom_id_2   O 
_pdbx_validate_close_contact.auth_asym_id_2   A 
_pdbx_validate_close_contact.auth_comp_id_2   HOH 
_pdbx_validate_close_contact.auth_seq_id_2    1378 
_pdbx_validate_close_contact.PDB_ins_code_2   ? 
_pdbx_validate_close_contact.label_alt_id_2   ? 
_pdbx_validate_close_contact.dist             1.94 
# 
_pdbx_validate_symm_contact.id                1 
_pdbx_validate_symm_contact.PDB_model_num     1 
_pdbx_validate_symm_contact.auth_atom_id_1    O 
_pdbx_validate_symm_contact.auth_asym_id_1    A 
_pdbx_validate_symm_contact.auth_comp_id_1    HOH 
_pdbx_validate_symm_contact.auth_seq_id_1     1304 
_pdbx_validate_symm_contact.PDB_ins_code_1    ? 
_pdbx_validate_symm_contact.label_alt_id_1    ? 
_pdbx_validate_symm_contact.site_symmetry_1   1_555 
_pdbx_validate_symm_contact.auth_atom_id_2    O 
_pdbx_validate_symm_contact.auth_asym_id_2    A 
_pdbx_validate_symm_contact.auth_comp_id_2    HOH 
_pdbx_validate_symm_contact.auth_seq_id_2     1344 
_pdbx_validate_symm_contact.PDB_ins_code_2    ? 
_pdbx_validate_symm_contact.label_alt_id_2    ? 
_pdbx_validate_symm_contact.site_symmetry_2   8_547 
_pdbx_validate_symm_contact.dist              1.49 
# 
_pdbx_struct_special_symmetry.id              1 
_pdbx_struct_special_symmetry.PDB_model_num   1 
_pdbx_struct_special_symmetry.auth_asym_id    A 
_pdbx_struct_special_symmetry.auth_comp_id    HOH 
_pdbx_struct_special_symmetry.auth_seq_id     1370 
_pdbx_struct_special_symmetry.PDB_ins_code    ? 
_pdbx_struct_special_symmetry.label_asym_id   E 
_pdbx_struct_special_symmetry.label_comp_id   HOH 
_pdbx_struct_special_symmetry.label_seq_id    . 
# 
loop_
_chem_comp_atom.comp_id 
_chem_comp_atom.atom_id 
_chem_comp_atom.type_symbol 
_chem_comp_atom.pdbx_aromatic_flag 
_chem_comp_atom.pdbx_stereo_config 
_chem_comp_atom.pdbx_ordinal 
ALA N    N N N 1   
ALA CA   C N S 2   
ALA C    C N N 3   
ALA O    O N N 4   
ALA CB   C N N 5   
ALA OXT  O N N 6   
ALA H    H N N 7   
ALA H2   H N N 8   
ALA HA   H N N 9   
ALA HB1  H N N 10  
ALA HB2  H N N 11  
ALA HB3  H N N 12  
ALA HXT  H N N 13  
ARG N    N N N 14  
ARG CA   C N S 15  
ARG C    C N N 16  
ARG O    O N N 17  
ARG CB   C N N 18  
ARG CG   C N N 19  
ARG CD   C N N 20  
ARG NE   N N N 21  
ARG CZ   C N N 22  
ARG NH1  N N N 23  
ARG NH2  N N N 24  
ARG OXT  O N N 25  
ARG H    H N N 26  
ARG H2   H N N 27  
ARG HA   H N N 28  
ARG HB2  H N N 29  
ARG HB3  H N N 30  
ARG HG2  H N N 31  
ARG HG3  H N N 32  
ARG HD2  H N N 33  
ARG HD3  H N N 34  
ARG HE   H N N 35  
ARG HH11 H N N 36  
ARG HH12 H N N 37  
ARG HH21 H N N 38  
ARG HH22 H N N 39  
ARG HXT  H N N 40  
ASN N    N N N 41  
ASN CA   C N S 42  
ASN C    C N N 43  
ASN O    O N N 44  
ASN CB   C N N 45  
ASN CG   C N N 46  
ASN OD1  O N N 47  
ASN ND2  N N N 48  
ASN OXT  O N N 49  
ASN H    H N N 50  
ASN H2   H N N 51  
ASN HA   H N N 52  
ASN HB2  H N N 53  
ASN HB3  H N N 54  
ASN HD21 H N N 55  
ASN HD22 H N N 56  
ASN HXT  H N N 57  
ASP N    N N N 58  
ASP CA   C N S 59  
ASP C    C N N 60  
ASP O    O N N 61  
ASP CB   C N N 62  
ASP CG   C N N 63  
ASP OD1  O N N 64  
ASP OD2  O N N 65  
ASP OXT  O N N 66  
ASP H    H N N 67  
ASP H2   H N N 68  
ASP HA   H N N 69  
ASP HB2  H N N 70  
ASP HB3  H N N 71  
ASP HD2  H N N 72  
ASP HXT  H N N 73  
CYS N    N N N 74  
CYS CA   C N R 75  
CYS C    C N N 76  
CYS O    O N N 77  
CYS CB   C N N 78  
CYS SG   S N N 79  
CYS OXT  O N N 80  
CYS H    H N N 81  
CYS H2   H N N 82  
CYS HA   H N N 83  
CYS HB2  H N N 84  
CYS HB3  H N N 85  
CYS HG   H N N 86  
CYS HXT  H N N 87  
G7E CAE  C Y N 88  
G7E CAF  C Y N 89  
G7E CAG  C Y N 90  
G7E CAH  C Y N 91  
G7E CAK  C N N 92  
G7E CAL  C N N 93  
G7E CAM  C N N 94  
G7E CAN  C N N 95  
G7E CAX  C N N 96  
G7E CAY  C Y N 97  
G7E CAZ  C Y N 98  
G7E NBE  N N N 99  
G7E OAD  O N N 100 
G7E OAT  O N N 101 
G7E H1   H N N 102 
G7E H2   H N N 103 
G7E H3   H N N 104 
G7E H4   H N N 105 
G7E H5   H N N 106 
G7E H6   H N N 107 
G7E H7   H N N 108 
G7E H8   H N N 109 
G7E H9   H N N 110 
G7E H10  H N N 111 
G7E H11  H N N 112 
G7E H12  H N N 113 
G7E C1   C Y N 114 
G7E C2   C Y N 115 
G7E S1   S Y N 116 
G7E N1   N Y N 117 
G7E C5   C Y N 118 
G7E C6   C N N 119 
G7E C7   C N N 120 
G7E O1   O N N 121 
G7E N2   N N N 122 
G7E C10  C N N 123 
G7E O2   O N N 124 
G7E C12  C N N 125 
G7E C13  C N N 126 
G7E N3   N N N 127 
G7E N4   N N N 128 
G7E C16  C N N 129 
G7E C17  C N N 130 
G7E H13  H N N 131 
G7E H14  H N N 132 
G7E H15  H N N 133 
G7E H16  H N N 134 
G7E H17  H N N 135 
G7E H18  H N N 136 
G7E H19  H N N 137 
G7E H20  H N N 138 
G7E H21  H N N 139 
G7E H22  H N N 140 
G7E H23  H N N 141 
G7E H24  H N N 142 
G7E H25  H N N 143 
GLN N    N N N 144 
GLN CA   C N S 145 
GLN C    C N N 146 
GLN O    O N N 147 
GLN CB   C N N 148 
GLN CG   C N N 149 
GLN CD   C N N 150 
GLN OE1  O N N 151 
GLN NE2  N N N 152 
GLN OXT  O N N 153 
GLN H    H N N 154 
GLN H2   H N N 155 
GLN HA   H N N 156 
GLN HB2  H N N 157 
GLN HB3  H N N 158 
GLN HG2  H N N 159 
GLN HG3  H N N 160 
GLN HE21 H N N 161 
GLN HE22 H N N 162 
GLN HXT  H N N 163 
GLU N    N N N 164 
GLU CA   C N S 165 
GLU C    C N N 166 
GLU O    O N N 167 
GLU CB   C N N 168 
GLU CG   C N N 169 
GLU CD   C N N 170 
GLU OE1  O N N 171 
GLU OE2  O N N 172 
GLU OXT  O N N 173 
GLU H    H N N 174 
GLU H2   H N N 175 
GLU HA   H N N 176 
GLU HB2  H N N 177 
GLU HB3  H N N 178 
GLU HG2  H N N 179 
GLU HG3  H N N 180 
GLU HE2  H N N 181 
GLU HXT  H N N 182 
GLY N    N N N 183 
GLY CA   C N N 184 
GLY C    C N N 185 
GLY O    O N N 186 
GLY OXT  O N N 187 
GLY H    H N N 188 
GLY H2   H N N 189 
GLY HA2  H N N 190 
GLY HA3  H N N 191 
GLY HXT  H N N 192 
HIS N    N N N 193 
HIS CA   C N S 194 
HIS C    C N N 195 
HIS O    O N N 196 
HIS CB   C N N 197 
HIS CG   C Y N 198 
HIS ND1  N Y N 199 
HIS CD2  C Y N 200 
HIS CE1  C Y N 201 
HIS NE2  N Y N 202 
HIS OXT  O N N 203 
HIS H    H N N 204 
HIS H2   H N N 205 
HIS HA   H N N 206 
HIS HB2  H N N 207 
HIS HB3  H N N 208 
HIS HD1  H N N 209 
HIS HD2  H N N 210 
HIS HE1  H N N 211 
HIS HE2  H N N 212 
HIS HXT  H N N 213 
HOH O    O N N 214 
HOH H1   H N N 215 
HOH H2   H N N 216 
ILE N    N N N 217 
ILE CA   C N S 218 
ILE C    C N N 219 
ILE O    O N N 220 
ILE CB   C N S 221 
ILE CG1  C N N 222 
ILE CG2  C N N 223 
ILE CD1  C N N 224 
ILE OXT  O N N 225 
ILE H    H N N 226 
ILE H2   H N N 227 
ILE HA   H N N 228 
ILE HB   H N N 229 
ILE HG12 H N N 230 
ILE HG13 H N N 231 
ILE HG21 H N N 232 
ILE HG22 H N N 233 
ILE HG23 H N N 234 
ILE HD11 H N N 235 
ILE HD12 H N N 236 
ILE HD13 H N N 237 
ILE HXT  H N N 238 
LEU N    N N N 239 
LEU CA   C N S 240 
LEU C    C N N 241 
LEU O    O N N 242 
LEU CB   C N N 243 
LEU CG   C N N 244 
LEU CD1  C N N 245 
LEU CD2  C N N 246 
LEU OXT  O N N 247 
LEU H    H N N 248 
LEU H2   H N N 249 
LEU HA   H N N 250 
LEU HB2  H N N 251 
LEU HB3  H N N 252 
LEU HG   H N N 253 
LEU HD11 H N N 254 
LEU HD12 H N N 255 
LEU HD13 H N N 256 
LEU HD21 H N N 257 
LEU HD22 H N N 258 
LEU HD23 H N N 259 
LEU HXT  H N N 260 
LYS N    N N N 261 
LYS CA   C N S 262 
LYS C    C N N 263 
LYS O    O N N 264 
LYS CB   C N N 265 
LYS CG   C N N 266 
LYS CD   C N N 267 
LYS CE   C N N 268 
LYS NZ   N N N 269 
LYS OXT  O N N 270 
LYS H    H N N 271 
LYS H2   H N N 272 
LYS HA   H N N 273 
LYS HB2  H N N 274 
LYS HB3  H N N 275 
LYS HG2  H N N 276 
LYS HG3  H N N 277 
LYS HD2  H N N 278 
LYS HD3  H N N 279 
LYS HE2  H N N 280 
LYS HE3  H N N 281 
LYS HZ1  H N N 282 
LYS HZ2  H N N 283 
LYS HZ3  H N N 284 
LYS HXT  H N N 285 
MET N    N N N 286 
MET CA   C N S 287 
MET C    C N N 288 
MET O    O N N 289 
MET CB   C N N 290 
MET CG   C N N 291 
MET SD   S N N 292 
MET CE   C N N 293 
MET OXT  O N N 294 
MET H    H N N 295 
MET H2   H N N 296 
MET HA   H N N 297 
MET HB2  H N N 298 
MET HB3  H N N 299 
MET HG2  H N N 300 
MET HG3  H N N 301 
MET HE1  H N N 302 
MET HE2  H N N 303 
MET HE3  H N N 304 
MET HXT  H N N 305 
PHE N    N N N 306 
PHE CA   C N S 307 
PHE C    C N N 308 
PHE O    O N N 309 
PHE CB   C N N 310 
PHE CG   C Y N 311 
PHE CD1  C Y N 312 
PHE CD2  C Y N 313 
PHE CE1  C Y N 314 
PHE CE2  C Y N 315 
PHE CZ   C Y N 316 
PHE OXT  O N N 317 
PHE H    H N N 318 
PHE H2   H N N 319 
PHE HA   H N N 320 
PHE HB2  H N N 321 
PHE HB3  H N N 322 
PHE HD1  H N N 323 
PHE HD2  H N N 324 
PHE HE1  H N N 325 
PHE HE2  H N N 326 
PHE HZ   H N N 327 
PHE HXT  H N N 328 
PRO N    N N N 329 
PRO CA   C N S 330 
PRO C    C N N 331 
PRO O    O N N 332 
PRO CB   C N N 333 
PRO CG   C N N 334 
PRO CD   C N N 335 
PRO OXT  O N N 336 
PRO H    H N N 337 
PRO HA   H N N 338 
PRO HB2  H N N 339 
PRO HB3  H N N 340 
PRO HG2  H N N 341 
PRO HG3  H N N 342 
PRO HD2  H N N 343 
PRO HD3  H N N 344 
PRO HXT  H N N 345 
SER N    N N N 346 
SER CA   C N S 347 
SER C    C N N 348 
SER O    O N N 349 
SER CB   C N N 350 
SER OG   O N N 351 
SER OXT  O N N 352 
SER H    H N N 353 
SER H2   H N N 354 
SER HA   H N N 355 
SER HB2  H N N 356 
SER HB3  H N N 357 
SER HG   H N N 358 
SER HXT  H N N 359 
SO4 S    S N N 360 
SO4 O1   O N N 361 
SO4 O2   O N N 362 
SO4 O3   O N N 363 
SO4 O4   O N N 364 
THR N    N N N 365 
THR CA   C N S 366 
THR C    C N N 367 
THR O    O N N 368 
THR CB   C N R 369 
THR OG1  O N N 370 
THR CG2  C N N 371 
THR OXT  O N N 372 
THR H    H N N 373 
THR H2   H N N 374 
THR HA   H N N 375 
THR HB   H N N 376 
THR HG1  H N N 377 
THR HG21 H N N 378 
THR HG22 H N N 379 
THR HG23 H N N 380 
THR HXT  H N N 381 
TYR N    N N N 382 
TYR CA   C N S 383 
TYR C    C N N 384 
TYR O    O N N 385 
TYR CB   C N N 386 
TYR CG   C Y N 387 
TYR CD1  C Y N 388 
TYR CD2  C Y N 389 
TYR CE1  C Y N 390 
TYR CE2  C Y N 391 
TYR CZ   C Y N 392 
TYR OH   O N N 393 
TYR OXT  O N N 394 
TYR H    H N N 395 
TYR H2   H N N 396 
TYR HA   H N N 397 
TYR HB2  H N N 398 
TYR HB3  H N N 399 
TYR HD1  H N N 400 
TYR HD2  H N N 401 
TYR HE1  H N N 402 
TYR HE2  H N N 403 
TYR HH   H N N 404 
TYR HXT  H N N 405 
VAL N    N N N 406 
VAL CA   C N S 407 
VAL C    C N N 408 
VAL O    O N N 409 
VAL CB   C N N 410 
VAL CG1  C N N 411 
VAL CG2  C N N 412 
VAL OXT  O N N 413 
VAL H    H N N 414 
VAL H2   H N N 415 
VAL HA   H N N 416 
VAL HB   H N N 417 
VAL HG11 H N N 418 
VAL HG12 H N N 419 
VAL HG13 H N N 420 
VAL HG21 H N N 421 
VAL HG22 H N N 422 
VAL HG23 H N N 423 
VAL HXT  H N N 424 
# 
loop_
_chem_comp_bond.comp_id 
_chem_comp_bond.atom_id_1 
_chem_comp_bond.atom_id_2 
_chem_comp_bond.value_order 
_chem_comp_bond.pdbx_aromatic_flag 
_chem_comp_bond.pdbx_stereo_config 
_chem_comp_bond.pdbx_ordinal 
ALA N   CA   sing N N 1   
ALA N   H    sing N N 2   
ALA N   H2   sing N N 3   
ALA CA  C    sing N N 4   
ALA CA  CB   sing N N 5   
ALA CA  HA   sing N N 6   
ALA C   O    doub N N 7   
ALA C   OXT  sing N N 8   
ALA CB  HB1  sing N N 9   
ALA CB  HB2  sing N N 10  
ALA CB  HB3  sing N N 11  
ALA OXT HXT  sing N N 12  
ARG N   CA   sing N N 13  
ARG N   H    sing N N 14  
ARG N   H2   sing N N 15  
ARG CA  C    sing N N 16  
ARG CA  CB   sing N N 17  
ARG CA  HA   sing N N 18  
ARG C   O    doub N N 19  
ARG C   OXT  sing N N 20  
ARG CB  CG   sing N N 21  
ARG CB  HB2  sing N N 22  
ARG CB  HB3  sing N N 23  
ARG CG  CD   sing N N 24  
ARG CG  HG2  sing N N 25  
ARG CG  HG3  sing N N 26  
ARG CD  NE   sing N N 27  
ARG CD  HD2  sing N N 28  
ARG CD  HD3  sing N N 29  
ARG NE  CZ   sing N N 30  
ARG NE  HE   sing N N 31  
ARG CZ  NH1  sing N N 32  
ARG CZ  NH2  doub N N 33  
ARG NH1 HH11 sing N N 34  
ARG NH1 HH12 sing N N 35  
ARG NH2 HH21 sing N N 36  
ARG NH2 HH22 sing N N 37  
ARG OXT HXT  sing N N 38  
ASN N   CA   sing N N 39  
ASN N   H    sing N N 40  
ASN N   H2   sing N N 41  
ASN CA  C    sing N N 42  
ASN CA  CB   sing N N 43  
ASN CA  HA   sing N N 44  
ASN C   O    doub N N 45  
ASN C   OXT  sing N N 46  
ASN CB  CG   sing N N 47  
ASN CB  HB2  sing N N 48  
ASN CB  HB3  sing N N 49  
ASN CG  OD1  doub N N 50  
ASN CG  ND2  sing N N 51  
ASN ND2 HD21 sing N N 52  
ASN ND2 HD22 sing N N 53  
ASN OXT HXT  sing N N 54  
ASP N   CA   sing N N 55  
ASP N   H    sing N N 56  
ASP N   H2   sing N N 57  
ASP CA  C    sing N N 58  
ASP CA  CB   sing N N 59  
ASP CA  HA   sing N N 60  
ASP C   O    doub N N 61  
ASP C   OXT  sing N N 62  
ASP CB  CG   sing N N 63  
ASP CB  HB2  sing N N 64  
ASP CB  HB3  sing N N 65  
ASP CG  OD1  doub N N 66  
ASP CG  OD2  sing N N 67  
ASP OD2 HD2  sing N N 68  
ASP OXT HXT  sing N N 69  
CYS N   CA   sing N N 70  
CYS N   H    sing N N 71  
CYS N   H2   sing N N 72  
CYS CA  C    sing N N 73  
CYS CA  CB   sing N N 74  
CYS CA  HA   sing N N 75  
CYS C   O    doub N N 76  
CYS C   OXT  sing N N 77  
CYS CB  SG   sing N N 78  
CYS CB  HB2  sing N N 79  
CYS CB  HB3  sing N N 80  
CYS SG  HG   sing N N 81  
CYS OXT HXT  sing N N 82  
G7E CAZ CAG  doub Y N 83  
G7E CAZ CAH  sing Y N 84  
G7E CAG CAE  sing Y N 85  
G7E CAH CAF  doub Y N 86  
G7E CAE CAY  doub Y N 87  
G7E CAF CAY  sing Y N 88  
G7E CAY CAX  sing N N 89  
G7E CAN CAL  sing N N 90  
G7E CAN NBE  sing N N 91  
G7E CAL OAT  sing N N 92  
G7E CAX NBE  sing N N 93  
G7E CAX OAD  doub N N 94  
G7E NBE CAM  sing N N 95  
G7E OAT CAK  sing N N 96  
G7E CAM CAK  sing N N 97  
G7E CAE H1   sing N N 98  
G7E CAF H2   sing N N 99  
G7E CAG H3   sing N N 100 
G7E CAH H4   sing N N 101 
G7E CAK H5   sing N N 102 
G7E CAK H6   sing N N 103 
G7E CAL H7   sing N N 104 
G7E CAL H8   sing N N 105 
G7E CAM H9   sing N N 106 
G7E CAM H10  sing N N 107 
G7E CAN H11  sing N N 108 
G7E CAN H12  sing N N 109 
G7E CAZ C1   sing N N 110 
G7E C1  C2   doub Y N 111 
G7E C1  S1   sing Y N 112 
G7E C2  N1   sing Y N 113 
G7E S1  C5   sing Y N 114 
G7E N1  C5   doub Y N 115 
G7E C2  C6   sing N N 116 
G7E C6  C7   sing N N 117 
G7E C6  O1   doub N N 118 
G7E C5  N2   sing N N 119 
G7E N2  C10  sing N N 120 
G7E C10 O2   doub N N 121 
G7E C10 C12  sing N N 122 
G7E C12 C13  sing N N 123 
G7E C12 N3   sing N N 124 
G7E C13 N4   sing N N 125 
G7E N3  C16  sing N N 126 
G7E C16 C17  sing N N 127 
G7E N4  C17  sing N N 128 
G7E C7  H13  sing N N 129 
G7E C7  H14  sing N N 130 
G7E C7  H15  sing N N 131 
G7E N2  H16  sing N N 132 
G7E C12 H17  sing N N 133 
G7E C13 H18  sing N N 134 
G7E C13 H19  sing N N 135 
G7E N3  H20  sing N N 136 
G7E N4  H21  sing N N 137 
G7E C16 H22  sing N N 138 
G7E C16 H23  sing N N 139 
G7E C17 H24  sing N N 140 
G7E C17 H25  sing N N 141 
GLN N   CA   sing N N 142 
GLN N   H    sing N N 143 
GLN N   H2   sing N N 144 
GLN CA  C    sing N N 145 
GLN CA  CB   sing N N 146 
GLN CA  HA   sing N N 147 
GLN C   O    doub N N 148 
GLN C   OXT  sing N N 149 
GLN CB  CG   sing N N 150 
GLN CB  HB2  sing N N 151 
GLN CB  HB3  sing N N 152 
GLN CG  CD   sing N N 153 
GLN CG  HG2  sing N N 154 
GLN CG  HG3  sing N N 155 
GLN CD  OE1  doub N N 156 
GLN CD  NE2  sing N N 157 
GLN NE2 HE21 sing N N 158 
GLN NE2 HE22 sing N N 159 
GLN OXT HXT  sing N N 160 
GLU N   CA   sing N N 161 
GLU N   H    sing N N 162 
GLU N   H2   sing N N 163 
GLU CA  C    sing N N 164 
GLU CA  CB   sing N N 165 
GLU CA  HA   sing N N 166 
GLU C   O    doub N N 167 
GLU C   OXT  sing N N 168 
GLU CB  CG   sing N N 169 
GLU CB  HB2  sing N N 170 
GLU CB  HB3  sing N N 171 
GLU CG  CD   sing N N 172 
GLU CG  HG2  sing N N 173 
GLU CG  HG3  sing N N 174 
GLU CD  OE1  doub N N 175 
GLU CD  OE2  sing N N 176 
GLU OE2 HE2  sing N N 177 
GLU OXT HXT  sing N N 178 
GLY N   CA   sing N N 179 
GLY N   H    sing N N 180 
GLY N   H2   sing N N 181 
GLY CA  C    sing N N 182 
GLY CA  HA2  sing N N 183 
GLY CA  HA3  sing N N 184 
GLY C   O    doub N N 185 
GLY C   OXT  sing N N 186 
GLY OXT HXT  sing N N 187 
HIS N   CA   sing N N 188 
HIS N   H    sing N N 189 
HIS N   H2   sing N N 190 
HIS CA  C    sing N N 191 
HIS CA  CB   sing N N 192 
HIS CA  HA   sing N N 193 
HIS C   O    doub N N 194 
HIS C   OXT  sing N N 195 
HIS CB  CG   sing N N 196 
HIS CB  HB2  sing N N 197 
HIS CB  HB3  sing N N 198 
HIS CG  ND1  sing Y N 199 
HIS CG  CD2  doub Y N 200 
HIS ND1 CE1  doub Y N 201 
HIS ND1 HD1  sing N N 202 
HIS CD2 NE2  sing Y N 203 
HIS CD2 HD2  sing N N 204 
HIS CE1 NE2  sing Y N 205 
HIS CE1 HE1  sing N N 206 
HIS NE2 HE2  sing N N 207 
HIS OXT HXT  sing N N 208 
HOH O   H1   sing N N 209 
HOH O   H2   sing N N 210 
ILE N   CA   sing N N 211 
ILE N   H    sing N N 212 
ILE N   H2   sing N N 213 
ILE CA  C    sing N N 214 
ILE CA  CB   sing N N 215 
ILE CA  HA   sing N N 216 
ILE C   O    doub N N 217 
ILE C   OXT  sing N N 218 
ILE CB  CG1  sing N N 219 
ILE CB  CG2  sing N N 220 
ILE CB  HB   sing N N 221 
ILE CG1 CD1  sing N N 222 
ILE CG1 HG12 sing N N 223 
ILE CG1 HG13 sing N N 224 
ILE CG2 HG21 sing N N 225 
ILE CG2 HG22 sing N N 226 
ILE CG2 HG23 sing N N 227 
ILE CD1 HD11 sing N N 228 
ILE CD1 HD12 sing N N 229 
ILE CD1 HD13 sing N N 230 
ILE OXT HXT  sing N N 231 
LEU N   CA   sing N N 232 
LEU N   H    sing N N 233 
LEU N   H2   sing N N 234 
LEU CA  C    sing N N 235 
LEU CA  CB   sing N N 236 
LEU CA  HA   sing N N 237 
LEU C   O    doub N N 238 
LEU C   OXT  sing N N 239 
LEU CB  CG   sing N N 240 
LEU CB  HB2  sing N N 241 
LEU CB  HB3  sing N N 242 
LEU CG  CD1  sing N N 243 
LEU CG  CD2  sing N N 244 
LEU CG  HG   sing N N 245 
LEU CD1 HD11 sing N N 246 
LEU CD1 HD12 sing N N 247 
LEU CD1 HD13 sing N N 248 
LEU CD2 HD21 sing N N 249 
LEU CD2 HD22 sing N N 250 
LEU CD2 HD23 sing N N 251 
LEU OXT HXT  sing N N 252 
LYS N   CA   sing N N 253 
LYS N   H    sing N N 254 
LYS N   H2   sing N N 255 
LYS CA  C    sing N N 256 
LYS CA  CB   sing N N 257 
LYS CA  HA   sing N N 258 
LYS C   O    doub N N 259 
LYS C   OXT  sing N N 260 
LYS CB  CG   sing N N 261 
LYS CB  HB2  sing N N 262 
LYS CB  HB3  sing N N 263 
LYS CG  CD   sing N N 264 
LYS CG  HG2  sing N N 265 
LYS CG  HG3  sing N N 266 
LYS CD  CE   sing N N 267 
LYS CD  HD2  sing N N 268 
LYS CD  HD3  sing N N 269 
LYS CE  NZ   sing N N 270 
LYS CE  HE2  sing N N 271 
LYS CE  HE3  sing N N 272 
LYS NZ  HZ1  sing N N 273 
LYS NZ  HZ2  sing N N 274 
LYS NZ  HZ3  sing N N 275 
LYS OXT HXT  sing N N 276 
MET N   CA   sing N N 277 
MET N   H    sing N N 278 
MET N   H2   sing N N 279 
MET CA  C    sing N N 280 
MET CA  CB   sing N N 281 
MET CA  HA   sing N N 282 
MET C   O    doub N N 283 
MET C   OXT  sing N N 284 
MET CB  CG   sing N N 285 
MET CB  HB2  sing N N 286 
MET CB  HB3  sing N N 287 
MET CG  SD   sing N N 288 
MET CG  HG2  sing N N 289 
MET CG  HG3  sing N N 290 
MET SD  CE   sing N N 291 
MET CE  HE1  sing N N 292 
MET CE  HE2  sing N N 293 
MET CE  HE3  sing N N 294 
MET OXT HXT  sing N N 295 
PHE N   CA   sing N N 296 
PHE N   H    sing N N 297 
PHE N   H2   sing N N 298 
PHE CA  C    sing N N 299 
PHE CA  CB   sing N N 300 
PHE CA  HA   sing N N 301 
PHE C   O    doub N N 302 
PHE C   OXT  sing N N 303 
PHE CB  CG   sing N N 304 
PHE CB  HB2  sing N N 305 
PHE CB  HB3  sing N N 306 
PHE CG  CD1  doub Y N 307 
PHE CG  CD2  sing Y N 308 
PHE CD1 CE1  sing Y N 309 
PHE CD1 HD1  sing N N 310 
PHE CD2 CE2  doub Y N 311 
PHE CD2 HD2  sing N N 312 
PHE CE1 CZ   doub Y N 313 
PHE CE1 HE1  sing N N 314 
PHE CE2 CZ   sing Y N 315 
PHE CE2 HE2  sing N N 316 
PHE CZ  HZ   sing N N 317 
PHE OXT HXT  sing N N 318 
PRO N   CA   sing N N 319 
PRO N   CD   sing N N 320 
PRO N   H    sing N N 321 
PRO CA  C    sing N N 322 
PRO CA  CB   sing N N 323 
PRO CA  HA   sing N N 324 
PRO C   O    doub N N 325 
PRO C   OXT  sing N N 326 
PRO CB  CG   sing N N 327 
PRO CB  HB2  sing N N 328 
PRO CB  HB3  sing N N 329 
PRO CG  CD   sing N N 330 
PRO CG  HG2  sing N N 331 
PRO CG  HG3  sing N N 332 
PRO CD  HD2  sing N N 333 
PRO CD  HD3  sing N N 334 
PRO OXT HXT  sing N N 335 
SER N   CA   sing N N 336 
SER N   H    sing N N 337 
SER N   H2   sing N N 338 
SER CA  C    sing N N 339 
SER CA  CB   sing N N 340 
SER CA  HA   sing N N 341 
SER C   O    doub N N 342 
SER C   OXT  sing N N 343 
SER CB  OG   sing N N 344 
SER CB  HB2  sing N N 345 
SER CB  HB3  sing N N 346 
SER OG  HG   sing N N 347 
SER OXT HXT  sing N N 348 
SO4 S   O1   doub N N 349 
SO4 S   O2   doub N N 350 
SO4 S   O3   sing N N 351 
SO4 S   O4   sing N N 352 
THR N   CA   sing N N 353 
THR N   H    sing N N 354 
THR N   H2   sing N N 355 
THR CA  C    sing N N 356 
THR CA  CB   sing N N 357 
THR CA  HA   sing N N 358 
THR C   O    doub N N 359 
THR C   OXT  sing N N 360 
THR CB  OG1  sing N N 361 
THR CB  CG2  sing N N 362 
THR CB  HB   sing N N 363 
THR OG1 HG1  sing N N 364 
THR CG2 HG21 sing N N 365 
THR CG2 HG22 sing N N 366 
THR CG2 HG23 sing N N 367 
THR OXT HXT  sing N N 368 
TYR N   CA   sing N N 369 
TYR N   H    sing N N 370 
TYR N   H2   sing N N 371 
TYR CA  C    sing N N 372 
TYR CA  CB   sing N N 373 
TYR CA  HA   sing N N 374 
TYR C   O    doub N N 375 
TYR C   OXT  sing N N 376 
TYR CB  CG   sing N N 377 
TYR CB  HB2  sing N N 378 
TYR CB  HB3  sing N N 379 
TYR CG  CD1  doub Y N 380 
TYR CG  CD2  sing Y N 381 
TYR CD1 CE1  sing Y N 382 
TYR CD1 HD1  sing N N 383 
TYR CD2 CE2  doub Y N 384 
TYR CD2 HD2  sing N N 385 
TYR CE1 CZ   doub Y N 386 
TYR CE1 HE1  sing N N 387 
TYR CE2 CZ   sing Y N 388 
TYR CE2 HE2  sing N N 389 
TYR CZ  OH   sing N N 390 
TYR OH  HH   sing N N 391 
TYR OXT HXT  sing N N 392 
VAL N   CA   sing N N 393 
VAL N   H    sing N N 394 
VAL N   H2   sing N N 395 
VAL CA  C    sing N N 396 
VAL CA  CB   sing N N 397 
VAL CA  HA   sing N N 398 
VAL C   O    doub N N 399 
VAL C   OXT  sing N N 400 
VAL CB  CG1  sing N N 401 
VAL CB  CG2  sing N N 402 
VAL CB  HB   sing N N 403 
VAL CG1 HG11 sing N N 404 
VAL CG1 HG12 sing N N 405 
VAL CG1 HG13 sing N N 406 
VAL CG2 HG21 sing N N 407 
VAL CG2 HG22 sing N N 408 
VAL CG2 HG23 sing N N 409 
VAL OXT HXT  sing N N 410 
# 
_pdbx_entity_instance_feature.ordinal        1 
_pdbx_entity_instance_feature.comp_id        G7E 
_pdbx_entity_instance_feature.asym_id        ? 
_pdbx_entity_instance_feature.seq_num        ? 
_pdbx_entity_instance_feature.auth_comp_id   G7E 
_pdbx_entity_instance_feature.auth_asym_id   ? 
_pdbx_entity_instance_feature.auth_seq_num   ? 
_pdbx_entity_instance_feature.feature_type   'SUBJECT OF INVESTIGATION' 
_pdbx_entity_instance_feature.details        ? 
# 
_pdbx_initial_refinement_model.id               1 
_pdbx_initial_refinement_model.entity_id_list   ? 
_pdbx_initial_refinement_model.type             'experimental model' 
_pdbx_initial_refinement_model.source_name      PDB 
_pdbx_initial_refinement_model.accession_code   5F36 
_pdbx_initial_refinement_model.details          ? 
# 
_atom_sites.entry_id                    6HID 
_atom_sites.fract_transf_matrix[1][1]   -0.00010045 
_atom_sites.fract_transf_matrix[1][2]   0.01445924 
_atom_sites.fract_transf_matrix[1][3]   0.00035036 
_atom_sites.fract_transf_matrix[2][1]   0.01023025 
_atom_sites.fract_transf_matrix[2][2]   0.00712782 
_atom_sites.fract_transf_matrix[2][3]   0.00733100 
_atom_sites.fract_transf_matrix[3][1]   0.00413954 
_atom_sites.fract_transf_matrix[3][2]   0.00017280 
_atom_sites.fract_transf_matrix[3][3]   -0.00594465 
_atom_sites.fract_transf_vector[1]      -0.139752 
_atom_sites.fract_transf_vector[2]      -0.599873 
_atom_sites.fract_transf_vector[3]      1.025298 
# 
loop_
_atom_type.symbol 
C 
N 
O 
S 
# 
loop_
_atom_site.group_PDB 
_atom_site.id 
_atom_site.type_symbol 
_atom_site.label_atom_id 
_atom_site.label_alt_id 
_atom_site.label_comp_id 
_atom_site.label_asym_id 
_atom_site.label_entity_id 
_atom_site.label_seq_id 
_atom_site.pdbx_PDB_ins_code 
_atom_site.Cartn_x 
_atom_site.Cartn_y 
_atom_site.Cartn_z 
_atom_site.occupancy 
_atom_site.B_iso_or_equiv 
_atom_site.pdbx_formal_charge 
_atom_site.auth_seq_id 
_atom_site.auth_comp_id 
_atom_site.auth_asym_id 
_atom_site.auth_atom_id 
_atom_site.pdbx_PDB_model_num 
ATOM   1    N N   . SER A 1 1   ? 4.113   -24.337 9.333   1.00 53.17  ? 979  SER A N   1 
ATOM   2    C CA  . SER A 1 1   ? 3.393   -25.019 10.405  1.00 54.04  ? 979  SER A CA  1 
ATOM   3    C C   . SER A 1 1   ? 2.044   -24.361 10.673  1.00 63.17  ? 979  SER A C   1 
ATOM   4    O O   . SER A 1 1   ? 1.741   -23.304 10.115  1.00 57.23  ? 979  SER A O   1 
ATOM   5    C CB  . SER A 1 1   ? 4.224   -25.026 11.685  1.00 63.00  ? 979  SER A CB  1 
ATOM   6    O OG  . SER A 1 1   ? 4.153   -23.768 12.329  1.00 56.52  ? 979  SER A OG  1 
ATOM   7    N N   . MET A 1 2   ? 1.244   -24.986 11.541  1.00 57.60  ? 980  MET A N   1 
ATOM   8    C CA  . MET A 1 2   ? -0.051  -24.412 11.892  1.00 59.82  ? 980  MET A CA  1 
ATOM   9    C C   . MET A 1 2   ? 0.112   -23.112 12.672  1.00 57.44  ? 980  MET A C   1 
ATOM   10   O O   . MET A 1 2   ? -0.632  -22.150 12.444  1.00 56.02  ? 980  MET A O   1 
ATOM   11   C CB  . MET A 1 2   ? -0.878  -25.425 12.687  1.00 61.64  ? 980  MET A CB  1 
ATOM   12   N N   . GLN A 1 3   ? 1.090   -23.060 13.585  1.00 50.06  ? 981  GLN A N   1 
ATOM   13   C CA  . GLN A 1 3   ? 1.350   -21.832 14.331  1.00 56.94  ? 981  GLN A CA  1 
ATOM   14   C C   . GLN A 1 3   ? 1.798   -20.705 13.407  1.00 53.44  ? 981  GLN A C   1 
ATOM   15   O O   . GLN A 1 3   ? 1.409   -19.546 13.596  1.00 49.05  ? 981  GLN A O   1 
ATOM   16   C CB  . GLN A 1 3   ? 2.407   -22.084 15.408  1.00 63.08  ? 981  GLN A CB  1 
ATOM   17   C CG  . GLN A 1 3   ? 2.279   -23.435 16.087  1.00 69.09  ? 981  GLN A CG  1 
ATOM   18   C CD  . GLN A 1 3   ? 2.351   -23.333 17.595  1.00 77.49  ? 981  GLN A CD  1 
ATOM   19   O OE1 . GLN A 1 3   ? 2.829   -22.336 18.139  1.00 73.18  ? 981  GLN A OE1 1 
ATOM   20   N NE2 . GLN A 1 3   ? 1.869   -24.366 18.283  1.00 78.22  ? 981  GLN A NE2 1 
ATOM   21   N N   . GLU A 1 4   ? 2.630   -21.020 12.412  1.00 48.80  ? 982  GLU A N   1 
ATOM   22   C CA  . GLU A 1 4   ? 3.084   -19.989 11.483  1.00 47.92  ? 982  GLU A CA  1 
ATOM   23   C C   . GLU A 1 4   ? 1.926   -19.443 10.656  1.00 44.89  ? 982  GLU A C   1 
ATOM   24   O O   . GLU A 1 4   ? 1.846   -18.232 10.416  1.00 39.79  ? 982  GLU A O   1 
ATOM   25   C CB  . GLU A 1 4   ? 4.198   -20.545 10.591  1.00 48.79  ? 982  GLU A CB  1 
ATOM   26   C CG  . GLU A 1 4   ? 5.483   -20.813 11.371  1.00 47.12  ? 982  GLU A CG  1 
ATOM   27   C CD  . GLU A 1 4   ? 6.573   -21.467 10.537  1.00 52.12  ? 982  GLU A CD  1 
ATOM   28   O OE1 . GLU A 1 4   ? 6.245   -22.069 9.495   1.00 51.24  ? 982  GLU A OE1 1 
ATOM   29   O OE2 . GLU A 1 4   ? 7.757   -21.392 10.938  1.00 47.51  ? 982  GLU A OE2 1 
ATOM   30   N N   . GLU A 1 5   ? 1.002   -20.307 10.232  1.00 40.63  ? 983  GLU A N   1 
ATOM   31   C CA  . GLU A 1 5   ? -0.155  -19.800 9.503   1.00 45.78  ? 983  GLU A CA  1 
ATOM   32   C C   . GLU A 1 5   ? -1.043  -18.928 10.388  1.00 39.03  ? 983  GLU A C   1 
ATOM   33   O O   . GLU A 1 5   ? -1.690  -18.005 9.884   1.00 35.53  ? 983  GLU A O   1 
ATOM   34   C CB  . GLU A 1 5   ? -0.951  -20.957 8.898   1.00 48.10  ? 983  GLU A CB  1 
ATOM   35   C CG  . GLU A 1 5   ? -0.186  -21.734 7.812   1.00 53.95  ? 983  GLU A CG  1 
ATOM   36   C CD  . GLU A 1 5   ? 0.452   -20.830 6.754   1.00 65.19  ? 983  GLU A CD  1 
ATOM   37   O OE1 . GLU A 1 5   ? -0.224  -19.885 6.273   1.00 63.88  ? 983  GLU A OE1 1 
ATOM   38   O OE2 . GLU A 1 5   ? 1.630   -21.070 6.396   1.00 59.46  ? 983  GLU A OE2 1 
ATOM   39   N N   . ASP A 1 6   ? -1.103  -19.209 11.696  1.00 41.57  ? 984  ASP A N   1 
ATOM   40   C CA  . ASP A 1 6   ? -1.784  -18.306 12.623  1.00 43.12  ? 984  ASP A CA  1 
ATOM   41   C C   . ASP A 1 6   ? -1.124  -16.929 12.633  1.00 39.97  ? 984  ASP A C   1 
ATOM   42   O O   . ASP A 1 6   ? -1.808  -15.896 12.721  1.00 37.19  ? 984  ASP A O   1 
ATOM   43   C CB  . ASP A 1 6   ? -1.773  -18.887 14.041  1.00 47.72  ? 984  ASP A CB  1 
ATOM   44   C CG  . ASP A 1 6   ? -2.814  -19.983 14.248  1.00 48.04  ? 984  ASP A CG  1 
ATOM   45   O OD1 . ASP A 1 6   ? -3.662  -20.200 13.360  1.00 55.37  ? 984  ASP A OD1 1 
ATOM   46   O OD2 . ASP A 1 6   ? -2.774  -20.628 15.316  1.00 61.06  ? 984  ASP A OD2 1 
ATOM   47   N N   . THR A 1 7   ? 0.206   -16.900 12.582  1.00 34.14  ? 985  THR A N   1 
ATOM   48   C CA  . THR A 1 7   ? 0.933   -15.635 12.579  1.00 34.67  ? 985  THR A CA  1 
ATOM   49   C C   . THR A 1 7   ? 0.624   -14.841 11.314  1.00 34.54  ? 985  THR A C   1 
ATOM   50   O O   . THR A 1 7   ? 0.355   -13.633 11.366  1.00 31.93  ? 985  THR A O   1 
ATOM   51   C CB  . THR A 1 7   ? 2.439   -15.904 12.707  1.00 38.94  ? 985  THR A CB  1 
ATOM   52   O OG1 . THR A 1 7   ? 2.729   -16.459 14.001  1.00 39.84  ? 985  THR A OG1 1 
ATOM   53   C CG2 . THR A 1 7   ? 3.219   -14.631 12.541  1.00 34.47  ? 985  THR A CG2 1 
ATOM   54   N N   . PHE A 1 8   ? 0.652   -15.507 10.161  1.00 31.54  ? 986  PHE A N   1 
ATOM   55   C CA  . PHE A 1 8   ? 0.360   -14.805 8.917   1.00 32.22  ? 986  PHE A CA  1 
ATOM   56   C C   . PHE A 1 8   ? -1.091  -14.351 8.846   1.00 32.81  ? 986  PHE A C   1 
ATOM   57   O O   . PHE A 1 8   ? -1.369  -13.300 8.263   1.00 31.34  ? 986  PHE A O   1 
ATOM   58   C CB  . PHE A 1 8   ? 0.714   -15.686 7.722   1.00 32.98  ? 986  PHE A CB  1 
ATOM   59   C CG  . PHE A 1 8   ? 2.192   -15.843 7.522   1.00 37.65  ? 986  PHE A CG  1 
ATOM   60   C CD1 . PHE A 1 8   ? 3.047   -14.762 7.719   1.00 39.26  ? 986  PHE A CD1 1 
ATOM   61   C CD2 . PHE A 1 8   ? 2.731   -17.067 7.163   1.00 41.58  ? 986  PHE A CD2 1 
ATOM   62   C CE1 . PHE A 1 8   ? 4.417   -14.890 7.543   1.00 40.96  ? 986  PHE A CE1 1 
ATOM   63   C CE2 . PHE A 1 8   ? 4.109   -17.211 6.979   1.00 39.29  ? 986  PHE A CE2 1 
ATOM   64   C CZ  . PHE A 1 8   ? 4.951   -16.127 7.175   1.00 41.01  ? 986  PHE A CZ  1 
ATOM   65   N N   . ARG A 1 9   ? -2.034  -15.118 9.415   1.00 31.09  ? 987  ARG A N   1 
ATOM   66   C CA  . ARG A 1 9   ? -3.415  -14.648 9.434   1.00 32.38  ? 987  ARG A CA  1 
ATOM   67   C C   . ARG A 1 9   ? -3.551  -13.374 10.262  1.00 34.00  ? 987  ARG A C   1 
ATOM   68   O O   . ARG A 1 9   ? -4.268  -12.441 9.868   1.00 29.81  ? 987  ARG A O   1 
ATOM   69   C CB  . ARG A 1 9   ? -4.356  -15.726 9.974   1.00 34.29  ? 987  ARG A CB  1 
ATOM   70   C CG  . ARG A 1 9   ? -5.796  -15.233 10.032  1.00 35.48  ? 987  ARG A CG  1 
ATOM   71   C CD  . ARG A 1 9   ? -6.815  -16.337 10.247  1.00 43.09  ? 987  ARG A CD  1 
ATOM   72   N NE  . ARG A 1 9   ? -8.155  -15.800 10.036  1.00 48.36  ? 987  ARG A NE  1 
ATOM   73   C CZ  . ARG A 1 9   ? -9.060  -15.614 10.993  1.00 44.26  ? 987  ARG A CZ  1 
ATOM   74   N NH1 . ARG A 1 9   ? -8.787  -15.932 12.260  1.00 43.20  ? 987  ARG A NH1 1 
ATOM   75   N NH2 . ARG A 1 9   ? -10.243 -15.105 10.678  1.00 42.58  ? 987  ARG A NH2 1 
ATOM   76   N N   . GLU A 1 10  ? -2.875  -13.318 11.414  1.00 30.37  ? 988  GLU A N   1 
ATOM   77   C CA  . GLU A 1 10  ? -2.885  -12.091 12.208  1.00 30.22  ? 988  GLU A CA  1 
ATOM   78   C C   . GLU A 1 10  ? -2.325  -10.916 11.410  1.00 32.52  ? 988  GLU A C   1 
ATOM   79   O O   . GLU A 1 10  ? -2.885  -9.807  11.441  1.00 31.70  ? 988  GLU A O   1 
ATOM   80   C CB  . GLU A 1 10  ? -2.091  -12.287 13.494  1.00 32.48  ? 988  GLU A CB  1 
ATOM   81   C CG  . GLU A 1 10  ? -2.145  -11.055 14.384  1.00 35.28  ? 988  GLU A CG  1 
ATOM   82   C CD  . GLU A 1 10  ? -1.623  -11.296 15.785  1.00 45.93  ? 988  GLU A CD  1 
ATOM   83   O OE1 . GLU A 1 10  ? -1.454  -10.296 16.519  1.00 45.46  ? 988  GLU A OE1 1 
ATOM   84   O OE2 . GLU A 1 10  ? -1.364  -12.465 16.143  1.00 44.26  ? 988  GLU A OE2 1 
ATOM   85   N N   . LEU A 1 11  ? -1.227  -11.147 10.679  1.00 30.43  ? 989  LEU A N   1 
ATOM   86   C CA  . LEU A 1 11  ? -0.669  -10.101 9.828   1.00 31.22  ? 989  LEU A CA  1 
ATOM   87   C C   . LEU A 1 11  ? -1.689  -9.625  8.792   1.00 30.17  ? 989  LEU A C   1 
ATOM   88   O O   . LEU A 1 11  ? -1.839  -8.418  8.585   1.00 29.98  ? 989  LEU A O   1 
ATOM   89   C CB  . LEU A 1 11  ? 0.615   -10.593 9.136   1.00 33.30  ? 989  LEU A CB  1 
ATOM   90   C CG  . LEU A 1 11  ? 1.172   -9.617  8.082   1.00 33.96  ? 989  LEU A CG  1 
ATOM   91   C CD1 . LEU A 1 11  ? 1.663   -8.352  8.753   1.00 33.37  ? 989  LEU A CD1 1 
ATOM   92   C CD2 . LEU A 1 11  ? 2.268   -10.244 7.225   1.00 37.77  ? 989  LEU A CD2 1 
ATOM   93   N N   . ARG A 1 12  ? -2.400  -10.553 8.132   1.00 28.20  ? 990  ARG A N   1 
ATOM   94   C CA  . ARG A 1 12  ? -3.411  -10.160 7.145   1.00 32.72  ? 990  ARG A CA  1 
ATOM   95   C C   . ARG A 1 12  ? -4.520  -9.316  7.770   1.00 31.24  ? 990  ARG A C   1 
ATOM   96   O O   . ARG A 1 12  ? -4.962  -8.314  7.181   1.00 29.50  ? 990  ARG A O   1 
ATOM   97   C CB  . ARG A 1 12  ? -4.019  -11.403 6.472   1.00 30.33  ? 990  ARG A CB  1 
ATOM   98   C CG  . ARG A 1 12  ? -3.031  -12.165 5.587   1.00 33.26  ? 990  ARG A CG  1 
ATOM   99   C CD  . ARG A 1 12  ? -3.769  -13.175 4.686   1.00 33.57  ? 990  ARG A CD  1 
ATOM   100  N NE  . ARG A 1 12  ? -4.462  -14.220 5.450   1.00 34.88  ? 990  ARG A NE  1 
ATOM   101  C CZ  . ARG A 1 12  ? -3.893  -15.356 5.853   1.00 39.77  ? 990  ARG A CZ  1 
ATOM   102  N NH1 . ARG A 1 12  ? -2.615  -15.597 5.587   1.00 34.59  ? 990  ARG A NH1 1 
ATOM   103  N NH2 . ARG A 1 12  ? -4.605  -16.257 6.529   1.00 38.92  ? 990  ARG A NH2 1 
ATOM   104  N N   . ILE A 1 13  ? -5.012  -9.726  8.938   1.00 28.28  ? 991  ILE A N   1 
ATOM   105  C CA  . ILE A 1 13  ? -6.035  -8.946  9.633   1.00 27.22  ? 991  ILE A CA  1 
ATOM   106  C C   . ILE A 1 13  ? -5.540  -7.531  9.900   1.00 30.86  ? 991  ILE A C   1 
ATOM   107  O O   . ILE A 1 13  ? -6.275  -6.551  9.701   1.00 31.32  ? 991  ILE A O   1 
ATOM   108  C CB  . ILE A 1 13  ? -6.451  -9.659  10.931  1.00 29.62  ? 991  ILE A CB  1 
ATOM   109  C CG1 . ILE A 1 13  ? -7.230  -10.930 10.570  1.00 33.69  ? 991  ILE A CG1 1 
ATOM   110  C CG2 . ILE A 1 13  ? -7.329  -8.744  11.801  1.00 29.39  ? 991  ILE A CG2 1 
ATOM   111  C CD1 . ILE A 1 13  ? -7.346  -11.931 11.699  1.00 31.89  ? 991  ILE A CD1 1 
ATOM   112  N N   . PHE A 1 14  ? -4.300  -7.404  10.373  1.00 27.08  ? 992  PHE A N   1 
ATOM   113  C CA  . PHE A 1 14  ? -3.726  -6.087  10.645  1.00 32.95  ? 992  PHE A CA  1 
ATOM   114  C C   . PHE A 1 14  ? -3.624  -5.262  9.365   1.00 30.53  ? 992  PHE A C   1 
ATOM   115  O O   . PHE A 1 14  ? -4.022  -4.089  9.333   1.00 27.95  ? 992  PHE A O   1 
ATOM   116  C CB  . PHE A 1 14  ? -2.351  -6.256  11.287  1.00 32.65  ? 992  PHE A CB  1 
ATOM   117  C CG  . PHE A 1 14  ? -1.604  -4.973  11.458  1.00 31.21  ? 992  PHE A CG  1 
ATOM   118  C CD1 . PHE A 1 14  ? -1.991  -4.052  12.430  1.00 31.95  ? 992  PHE A CD1 1 
ATOM   119  C CD2 . PHE A 1 14  ? -0.537  -4.674  10.628  1.00 33.47  ? 992  PHE A CD2 1 
ATOM   120  C CE1 . PHE A 1 14  ? -1.298  -2.853  12.587  1.00 34.49  ? 992  PHE A CE1 1 
ATOM   121  C CE2 . PHE A 1 14  ? 0.166   -3.475  10.779  1.00 38.56  ? 992  PHE A CE2 1 
ATOM   122  C CZ  . PHE A 1 14  ? -0.218  -2.566  11.767  1.00 35.40  ? 992  PHE A CZ  1 
ATOM   123  N N   . LEU A 1 15  ? -3.118  -5.872  8.285   1.00 30.29  ? 993  LEU A N   1 
ATOM   124  C CA  . LEU A 1 15  ? -2.949  -5.144  7.024   1.00 29.01  ? 993  LEU A CA  1 
ATOM   125  C C   . LEU A 1 15  ? -4.285  -4.728  6.420   1.00 29.05  ? 993  LEU A C   1 
ATOM   126  O O   . LEU A 1 15  ? -4.382  -3.660  5.805   1.00 30.20  ? 993  LEU A O   1 
ATOM   127  C CB  . LEU A 1 15  ? -2.164  -5.995  6.013   1.00 29.44  ? 993  LEU A CB  1 
ATOM   128  C CG  . LEU A 1 15  ? -0.706  -6.276  6.387   1.00 32.56  ? 993  LEU A CG  1 
ATOM   129  C CD1 . LEU A 1 15  ? 0.005   -7.127  5.326   1.00 31.76  ? 993  LEU A CD1 1 
ATOM   130  C CD2 . LEU A 1 15  ? 0.064   -4.975  6.667   1.00 32.39  ? 993  LEU A CD2 1 
ATOM   131  N N   . ARG A 1 16  ? -5.315  -5.562  6.536   1.00 26.78  ? 994  ARG A N   1 
ATOM   132  C CA  . ARG A 1 16  ? -6.639  -5.166  6.069   1.00 29.96  ? 994  ARG A CA  1 
ATOM   133  C C   . ARG A 1 16  ? -7.151  -3.972  6.853   1.00 30.16  ? 994  ARG A C   1 
ATOM   134  O O   . ARG A 1 16  ? -7.799  -3.080  6.297   1.00 30.27  ? 994  ARG A O   1 
ATOM   135  C CB  . ARG A 1 16  ? -7.638  -6.327  6.214   1.00 32.12  ? 994  ARG A CB  1 
ATOM   136  C CG  . ARG A 1 16  ? -7.672  -7.283  5.053   1.00 37.28  ? 994  ARG A CG  1 
ATOM   137  C CD  . ARG A 1 16  ? -8.822  -8.290  5.228   1.00 38.80  ? 994  ARG A CD  1 
ATOM   138  N NE  . ARG A 1 16  ? -8.404  -9.523  4.603   1.00 38.42  ? 994  ARG A NE  1 
ATOM   139  C CZ  . ARG A 1 16  ? -7.946  -10.582 5.254   1.00 39.88  ? 994  ARG A CZ  1 
ATOM   140  N NH1 . ARG A 1 16  ? -7.910  -10.599 6.582   1.00 35.91  ? 994  ARG A NH1 1 
ATOM   141  N NH2 . ARG A 1 16  ? -7.546  -11.645 4.570   1.00 42.58  ? 994  ARG A NH2 1 
ATOM   142  N N   . ASN A 1 17  ? -6.893  -3.947  8.156   1.00 27.35  ? 995  ASN A N   1 
ATOM   143  C CA  . ASN A 1 17  ? -7.371  -2.827  8.959   1.00 31.71  ? 995  ASN A CA  1 
ATOM   144  C C   . ASN A 1 17  ? -6.660  -1.527  8.573   1.00 28.75  ? 995  ASN A C   1 
ATOM   145  O O   . ASN A 1 17  ? -7.309  -0.485  8.409   1.00 30.19  ? 995  ASN A O   1 
ATOM   146  C CB  . ASN A 1 17  ? -7.200  -3.145  10.444  1.00 33.21  ? 995  ASN A CB  1 
ATOM   147  C CG  . ASN A 1 17  ? -7.622  -1.992  11.328  1.00 38.69  ? 995  ASN A CG  1 
ATOM   148  O OD1 . ASN A 1 17  ? -6.812  -1.157  11.669  1.00 37.01  ? 995  ASN A OD1 1 
ATOM   149  N ND2 . ASN A 1 17  ? -8.903  -1.941  11.687  1.00 47.97  ? 995  ASN A ND2 1 
ATOM   150  N N   . VAL A 1 18  ? -5.329  -1.567  8.419   1.00 29.02  ? 996  VAL A N   1 
ATOM   151  C CA  . VAL A 1 18  ? -4.589  -0.380  7.981   1.00 29.49  ? 996  VAL A CA  1 
ATOM   152  C C   . VAL A 1 18  ? -5.077  0.082   6.611   1.00 29.62  ? 996  VAL A C   1 
ATOM   153  O O   . VAL A 1 18  ? -5.346  1.270   6.396   1.00 29.56  ? 996  VAL A O   1 
ATOM   154  C CB  . VAL A 1 18  ? -3.073  -0.667  7.959   1.00 28.78  ? 996  VAL A CB  1 
ATOM   155  C CG1 . VAL A 1 18  ? -2.300  0.519   7.389   1.00 31.67  ? 996  VAL A CG1 1 
ATOM   156  C CG2 . VAL A 1 18  ? -2.577  -1.068  9.355   1.00 29.32  ? 996  VAL A CG2 1 
ATOM   157  N N   . THR A 1 19  ? -5.204  -0.847  5.661   1.00 26.38  ? 997  THR A N   1 
ATOM   158  C CA  . THR A 1 19  ? -5.588  -0.451  4.301   1.00 29.83  ? 997  THR A CA  1 
ATOM   159  C C   . THR A 1 19  ? -6.989  0.151   4.272   1.00 29.89  ? 997  THR A C   1 
ATOM   160  O O   . THR A 1 19  ? -7.243  1.115   3.541   1.00 30.03  ? 997  THR A O   1 
ATOM   161  C CB  . THR A 1 19  ? -5.497  -1.660  3.365   1.00 28.95  ? 997  THR A CB  1 
ATOM   162  O OG1 . THR A 1 19  ? -4.235  -2.311  3.542   1.00 31.22  ? 997  THR A OG1 1 
ATOM   163  C CG2 . THR A 1 19  ? -5.630  -1.232  1.896   1.00 30.48  ? 997  THR A CG2 1 
ATOM   164  N N   A HIS A 1 20  ? -7.908  -0.419  5.055   0.61 28.83  ? 998  HIS A N   1 
ATOM   165  N N   B HIS A 1 20  ? -7.913  -0.400  5.060   0.39 28.68  ? 998  HIS A N   1 
ATOM   166  C CA  A HIS A 1 20  ? -9.265  0.115   5.139   0.61 30.66  ? 998  HIS A CA  1 
ATOM   167  C CA  B HIS A 1 20  ? -9.264  0.156   5.097   0.39 30.99  ? 998  HIS A CA  1 
ATOM   168  C C   A HIS A 1 20  ? -9.266  1.550   5.662   0.61 32.92  ? 998  HIS A C   1 
ATOM   169  C C   B HIS A 1 20  ? -9.259  1.574   5.652   0.39 32.94  ? 998  HIS A C   1 
ATOM   170  O O   A HIS A 1 20  ? -10.032 2.395   5.182   0.61 33.33  ? 998  HIS A O   1 
ATOM   171  O O   B HIS A 1 20  ? -10.009 2.435   5.180   0.39 33.40  ? 998  HIS A O   1 
ATOM   172  C CB  A HIS A 1 20  ? -10.118 -0.783  6.041   0.61 33.96  ? 998  HIS A CB  1 
ATOM   173  C CB  B HIS A 1 20  ? -10.187 -0.749  5.922   0.39 34.06  ? 998  HIS A CB  1 
ATOM   174  C CG  A HIS A 1 20  ? -11.543 -0.344  6.168   0.61 34.53  ? 998  HIS A CG  1 
ATOM   175  C CG  B HIS A 1 20  ? -10.466 -2.066  5.274   0.39 38.36  ? 998  HIS A CG  1 
ATOM   176  N ND1 A HIS A 1 20  ? -12.081 0.102   7.357   0.61 41.35  ? 998  HIS A ND1 1 
ATOM   177  N ND1 B HIS A 1 20  ? -11.306 -3.009  5.831   0.39 45.31  ? 998  HIS A ND1 1 
ATOM   178  C CD2 A HIS A 1 20  ? -12.544 -0.284  5.258   0.61 34.14  ? 998  HIS A CD2 1 
ATOM   179  C CD2 B HIS A 1 20  ? -10.025 -2.598  4.110   0.39 42.03  ? 998  HIS A CD2 1 
ATOM   180  C CE1 A HIS A 1 20  ? -13.351 0.413   7.174   0.61 40.02  ? 998  HIS A CE1 1 
ATOM   181  C CE1 B HIS A 1 20  ? -11.356 -4.067  5.044   0.39 41.48  ? 998  HIS A CE1 1 
ATOM   182  N NE2 A HIS A 1 20  ? -13.657 0.189   5.909   0.61 42.76  ? 998  HIS A NE2 1 
ATOM   183  N NE2 B HIS A 1 20  ? -10.589 -3.842  3.991   0.39 43.05  ? 998  HIS A NE2 1 
ATOM   184  N N   . ARG A 1 21  ? -8.412  1.844   6.646   1.00 29.96  ? 999  ARG A N   1 
ATOM   185  C CA  . ARG A 1 21  ? -8.355  3.199   7.200   1.00 30.62  ? 999  ARG A CA  1 
ATOM   186  C C   . ARG A 1 21  ? -7.798  4.198   6.190   1.00 32.61  ? 999  ARG A C   1 
ATOM   187  O O   . ARG A 1 21  ? -8.181  5.374   6.191   1.00 33.17  ? 999  ARG A O   1 
ATOM   188  C CB  . ARG A 1 21  ? -7.526  3.202   8.484   1.00 30.82  ? 999  ARG A CB  1 
ATOM   189  C CG  . ARG A 1 21  ? -8.326  2.717   9.701   1.00 36.83  ? 999  ARG A CG  1 
ATOM   190  C CD  . ARG A 1 21  ? -7.428  1.921   10.673  1.00 39.64  ? 999  ARG A CD  1 
ATOM   191  N NE  . ARG A 1 21  ? -6.616  2.829   11.443  1.00 39.65  ? 999  ARG A NE  1 
ATOM   192  C CZ  . ARG A 1 21  ? -5.609  2.466   12.236  1.00 38.98  ? 999  ARG A CZ  1 
ATOM   193  N NH1 . ARG A 1 21  ? -5.301  1.184   12.416  1.00 37.46  ? 999  ARG A NH1 1 
ATOM   194  N NH2 . ARG A 1 21  ? -4.925  3.400   12.866  1.00 37.28  ? 999  ARG A NH2 1 
ATOM   195  N N   . LEU A 1 22  ? -6.880  3.757   5.337   1.00 28.29  ? 1000 LEU A N   1 
ATOM   196  C CA  . LEU A 1 22  ? -6.403  4.612   4.259   1.00 29.36  ? 1000 LEU A CA  1 
ATOM   197  C C   . LEU A 1 22  ? -7.473  4.793   3.197   1.00 36.30  ? 1000 LEU A C   1 
ATOM   198  O O   . LEU A 1 22  ? -7.651  5.902   2.673   1.00 34.60  ? 1000 LEU A O   1 
ATOM   199  C CB  . LEU A 1 22  ? -5.143  4.019   3.632   1.00 28.65  ? 1000 LEU A CB  1 
ATOM   200  C CG  . LEU A 1 22  ? -3.968  3.772   4.562   1.00 30.92  ? 1000 LEU A CG  1 
ATOM   201  C CD1 . LEU A 1 22  ? -2.882  3.013   3.794   1.00 32.66  ? 1000 LEU A CD1 1 
ATOM   202  C CD2 . LEU A 1 22  ? -3.428  5.113   5.073   1.00 33.50  ? 1000 LEU A CD2 1 
ATOM   203  N N   . ALA A 1 23  ? -8.199  3.713   2.866   1.00 30.48  ? 1001 ALA A N   1 
ATOM   204  C CA  . ALA A 1 23  ? -9.167  3.766   1.774   1.00 34.13  ? 1001 ALA A CA  1 
ATOM   205  C C   . ALA A 1 23  ? -10.376 4.630   2.112   1.00 37.03  ? 1001 ALA A C   1 
ATOM   206  O O   . ALA A 1 23  ? -11.041 5.130   1.200   1.00 36.32  ? 1001 ALA A O   1 
ATOM   207  C CB  . ALA A 1 23  ? -9.636  2.360   1.392   1.00 35.68  ? 1001 ALA A CB  1 
ATOM   208  N N   . ILE A 1 24  ? -10.705 4.807   3.395   1.00 32.86  ? 1002 ILE A N   1 
ATOM   209  C CA  . ILE A 1 24  ? -11.864 5.639   3.727   1.00 36.79  ? 1002 ILE A CA  1 
ATOM   210  C C   . ILE A 1 24  ? -11.493 7.105   3.908   1.00 42.16  ? 1002 ILE A C   1 
ATOM   211  O O   . ILE A 1 24  ? -12.387 7.938   4.104   1.00 39.12  ? 1002 ILE A O   1 
ATOM   212  C CB  . ILE A 1 24  ? -12.621 5.140   4.983   1.00 37.41  ? 1002 ILE A CB  1 
ATOM   213  C CG1 . ILE A 1 24  ? -11.739 5.216   6.227   1.00 35.15  ? 1002 ILE A CG1 1 
ATOM   214  C CG2 . ILE A 1 24  ? -13.170 3.732   4.758   1.00 40.40  ? 1002 ILE A CG2 1 
ATOM   215  C CD1 . ILE A 1 24  ? -12.423 4.785   7.509   1.00 44.70  ? 1002 ILE A CD1 1 
ATOM   216  N N   . ASP A 1 25  ? -10.210 7.450   3.830   1.00 36.27  ? 1003 ASP A N   1 
ATOM   217  C CA  . ASP A 1 25  ? -9.764  8.833   3.970   1.00 38.45  ? 1003 ASP A CA  1 
ATOM   218  C C   . ASP A 1 25  ? -10.013 9.591   2.662   1.00 44.91  ? 1003 ASP A C   1 
ATOM   219  O O   . ASP A 1 25  ? -9.544  9.171   1.598   1.00 37.44  ? 1003 ASP A O   1 
ATOM   220  C CB  . ASP A 1 25  ? -8.282  8.845   4.351   1.00 38.36  ? 1003 ASP A CB  1 
ATOM   221  C CG  . ASP A 1 25  ? -7.786  10.214  4.782   1.00 41.72  ? 1003 ASP A CG  1 
ATOM   222  O OD1 . ASP A 1 25  ? -8.080  11.215  4.082   1.00 38.98  ? 1003 ASP A OD1 1 
ATOM   223  O OD2 . ASP A 1 25  ? -7.070  10.281  5.807   1.00 44.03  ? 1003 ASP A OD2 1 
ATOM   224  N N   . LYS A 1 26  ? -10.759 10.707  2.735   1.00 41.44  ? 1004 LYS A N   1 
ATOM   225  C CA  . LYS A 1 26  ? -11.155 11.421  1.518   1.00 40.81  ? 1004 LYS A CA  1 
ATOM   226  C C   . LYS A 1 26  ? -9.955  11.917  0.718   1.00 38.12  ? 1004 LYS A C   1 
ATOM   227  O O   . LYS A 1 26  ? -10.030 12.025  -0.514  1.00 39.92  ? 1004 LYS A O   1 
ATOM   228  C CB  . LYS A 1 26  ? -12.069 12.606  1.868   1.00 42.01  ? 1004 LYS A CB  1 
ATOM   229  N N   . ARG A 1 27  ? -8.850  12.237  1.394   1.00 38.02  ? 1005 ARG A N   1 
ATOM   230  C CA  . ARG A 1 27  ? -7.649  12.681  0.696   1.00 38.79  ? 1005 ARG A CA  1 
ATOM   231  C C   . ARG A 1 27  ? -7.143  11.636  -0.287  1.00 42.07  ? 1005 ARG A C   1 
ATOM   232  O O   . ARG A 1 27  ? -6.482  11.983  -1.271  1.00 37.59  ? 1005 ARG A O   1 
ATOM   233  C CB  . ARG A 1 27  ? -6.538  12.987  1.695   1.00 39.93  ? 1005 ARG A CB  1 
ATOM   234  C CG  . ARG A 1 27  ? -6.788  14.190  2.586   1.00 44.43  ? 1005 ARG A CG  1 
ATOM   235  C CD  . ARG A 1 27  ? -5.682  14.276  3.611   1.00 42.01  ? 1005 ARG A CD  1 
ATOM   236  N NE  . ARG A 1 27  ? -5.703  13.159  4.552   1.00 43.95  ? 1005 ARG A NE  1 
ATOM   237  C CZ  . ARG A 1 27  ? -4.712  12.885  5.397   1.00 43.83  ? 1005 ARG A CZ  1 
ATOM   238  N NH1 . ARG A 1 27  ? -3.618  13.638  5.404   1.00 45.55  ? 1005 ARG A NH1 1 
ATOM   239  N NH2 . ARG A 1 27  ? -4.807  11.859  6.236   1.00 43.34  ? 1005 ARG A NH2 1 
ATOM   240  N N   . PHE A 1 28  ? -7.419  10.358  -0.033  1.00 37.26  ? 1006 PHE A N   1 
ATOM   241  C CA  . PHE A 1 28  ? -6.780  9.271   -0.767  1.00 35.02  ? 1006 PHE A CA  1 
ATOM   242  C C   . PHE A 1 28  ? -7.712  8.625   -1.778  1.00 39.23  ? 1006 PHE A C   1 
ATOM   243  O O   . PHE A 1 28  ? -7.370  7.580   -2.343  1.00 35.37  ? 1006 PHE A O   1 
ATOM   244  C CB  . PHE A 1 28  ? -6.224  8.235   0.222   1.00 31.36  ? 1006 PHE A CB  1 
ATOM   245  C CG  . PHE A 1 28  ? -5.325  8.833   1.268   1.00 35.94  ? 1006 PHE A CG  1 
ATOM   246  C CD1 . PHE A 1 28  ? -4.496  9.910   0.961   1.00 33.51  ? 1006 PHE A CD1 1 
ATOM   247  C CD2 . PHE A 1 28  ? -5.305  8.331   2.561   1.00 32.00  ? 1006 PHE A CD2 1 
ATOM   248  C CE1 . PHE A 1 28  ? -3.677  10.472  1.927   1.00 31.69  ? 1006 PHE A CE1 1 
ATOM   249  C CE2 . PHE A 1 28  ? -4.493  8.886   3.527   1.00 33.52  ? 1006 PHE A CE2 1 
ATOM   250  C CZ  . PHE A 1 28  ? -3.675  9.963   3.218   1.00 33.40  ? 1006 PHE A CZ  1 
ATOM   251  N N   . ARG A 1 29  ? -8.863  9.249   -2.054  1.00 39.06  ? 1007 ARG A N   1 
ATOM   252  C CA  . ARG A 1 29  ? -9.850  8.654   -2.955  1.00 36.85  ? 1007 ARG A CA  1 
ATOM   253  C C   . ARG A 1 29  ? -9.256  8.342   -4.321  1.00 33.57  ? 1007 ARG A C   1 
ATOM   254  O O   . ARG A 1 29  ? -9.626  7.347   -4.951  1.00 40.31  ? 1007 ARG A O   1 
ATOM   255  C CB  . ARG A 1 29  ? -11.057 9.593   -3.092  1.00 39.86  ? 1007 ARG A CB  1 
ATOM   256  C CG  . ARG A 1 29  ? -12.010 9.246   -4.225  1.00 46.76  ? 1007 ARG A CG  1 
ATOM   257  C CD  . ARG A 1 29  ? -13.326 10.021  -4.094  1.00 56.26  ? 1007 ARG A CD  1 
ATOM   258  N N   . VAL A 1 30  ? -8.314  9.163   -4.780  1.00 35.07  ? 1008 VAL A N   1 
ATOM   259  C CA  . VAL A 1 30  ? -7.712  8.975   -6.091  1.00 40.43  ? 1008 VAL A CA  1 
ATOM   260  C C   . VAL A 1 30  ? -6.876  7.695   -6.158  1.00 45.86  ? 1008 VAL A C   1 
ATOM   261  O O   . VAL A 1 30  ? -6.623  7.169   -7.251  1.00 39.62  ? 1008 VAL A O   1 
ATOM   262  C CB  . VAL A 1 30  ? -6.894  10.239  -6.423  1.00 44.62  ? 1008 VAL A CB  1 
ATOM   263  C CG1 . VAL A 1 30  ? -5.562  10.260  -5.701  1.00 42.63  ? 1008 VAL A CG1 1 
ATOM   264  C CG2 . VAL A 1 30  ? -6.696  10.350  -7.872  1.00 59.05  ? 1008 VAL A CG2 1 
ATOM   265  N N   . PHE A 1 31  ? -6.482  7.155   -5.008  1.00 38.22  ? 1009 PHE A N   1 
ATOM   266  C CA  . PHE A 1 31  ? -5.662  5.955   -4.948  1.00 37.18  ? 1009 PHE A CA  1 
ATOM   267  C C   . PHE A 1 31  ? -6.453  4.699   -4.595  1.00 35.12  ? 1009 PHE A C   1 
ATOM   268  O O   . PHE A 1 31  ? -5.842  3.654   -4.365  1.00 36.80  ? 1009 PHE A O   1 
ATOM   269  C CB  . PHE A 1 31  ? -4.539  6.148   -3.927  1.00 33.91  ? 1009 PHE A CB  1 
ATOM   270  C CG  . PHE A 1 31  ? -3.763  7.428   -4.104  1.00 36.26  ? 1009 PHE A CG  1 
ATOM   271  C CD1 . PHE A 1 31  ? -3.069  7.681   -5.278  1.00 37.11  ? 1009 PHE A CD1 1 
ATOM   272  C CD2 . PHE A 1 31  ? -3.715  8.363   -3.084  1.00 37.17  ? 1009 PHE A CD2 1 
ATOM   273  C CE1 . PHE A 1 31  ? -2.345  8.859   -5.439  1.00 39.33  ? 1009 PHE A CE1 1 
ATOM   274  C CE2 . PHE A 1 31  ? -3.004  9.551   -3.237  1.00 39.96  ? 1009 PHE A CE2 1 
ATOM   275  C CZ  . PHE A 1 31  ? -2.313  9.794   -4.416  1.00 39.04  ? 1009 PHE A CZ  1 
ATOM   276  N N   . THR A 1 32  ? -7.785  4.765   -4.538  1.00 37.36  ? 1010 THR A N   1 
ATOM   277  C CA  . THR A 1 32  ? -8.535  3.636   -3.991  1.00 39.31  ? 1010 THR A CA  1 
ATOM   278  C C   . THR A 1 32  ? -8.795  2.534   -5.007  1.00 44.85  ? 1010 THR A C   1 
ATOM   279  O O   . THR A 1 32  ? -9.002  1.385   -4.601  1.00 41.07  ? 1010 THR A O   1 
ATOM   280  C CB  . THR A 1 32  ? -9.880  4.086   -3.415  1.00 40.83  ? 1010 THR A CB  1 
ATOM   281  O OG1 . THR A 1 32  ? -10.604 4.836   -4.401  1.00 40.62  ? 1010 THR A OG1 1 
ATOM   282  C CG2 . THR A 1 32  ? -9.674  4.924   -2.152  1.00 35.55  ? 1010 THR A CG2 1 
ATOM   283  N N   . LYS A 1 33  ? -8.803  2.849   -6.293  1.00 43.47  ? 1011 LYS A N   1 
ATOM   284  C CA  . LYS A 1 33  ? -9.137  1.919   -7.362  1.00 40.87  ? 1011 LYS A CA  1 
ATOM   285  C C   . LYS A 1 33  ? -8.112  2.055   -8.477  1.00 42.55  ? 1011 LYS A C   1 
ATOM   286  O O   . LYS A 1 33  ? -7.420  3.074   -8.573  1.00 43.29  ? 1011 LYS A O   1 
ATOM   287  C CB  . LYS A 1 33  ? -10.545 2.192   -7.914  1.00 48.34  ? 1011 LYS A CB  1 
ATOM   288  C CG  . LYS A 1 33  ? -11.686 1.742   -7.016  1.00 54.94  ? 1011 LYS A CG  1 
ATOM   289  N N   . PRO A 1 34  ? -7.985  1.044   -9.340  1.00 48.09  ? 1012 PRO A N   1 
ATOM   290  C CA  . PRO A 1 34  ? -7.080  1.183   -10.488 1.00 51.30  ? 1012 PRO A CA  1 
ATOM   291  C C   . PRO A 1 34  ? -7.550  2.289   -11.423 1.00 55.83  ? 1012 PRO A C   1 
ATOM   292  O O   . PRO A 1 34  ? -8.733  2.632   -11.473 1.00 51.05  ? 1012 PRO A O   1 
ATOM   293  C CB  . PRO A 1 34  ? -7.149  -0.190  -11.172 1.00 55.34  ? 1012 PRO A CB  1 
ATOM   294  C CG  . PRO A 1 34  ? -7.687  -1.121  -10.136 1.00 51.27  ? 1012 PRO A CG  1 
ATOM   295  C CD  . PRO A 1 34  ? -8.609  -0.290  -9.289  1.00 50.69  ? 1012 PRO A CD  1 
ATOM   296  N N   . VAL A 1 35  ? -6.594  2.858   -12.157 1.00 65.33  ? 1013 VAL A N   1 
ATOM   297  C CA  . VAL A 1 35  ? -6.900  3.891   -13.138 1.00 64.71  ? 1013 VAL A CA  1 
ATOM   298  C C   . VAL A 1 35  ? -7.750  3.299   -14.252 1.00 73.58  ? 1013 VAL A C   1 
ATOM   299  O O   . VAL A 1 35  ? -7.406  2.263   -14.836 1.00 72.29  ? 1013 VAL A O   1 
ATOM   300  C CB  . VAL A 1 35  ? -5.605  4.499   -13.696 1.00 66.27  ? 1013 VAL A CB  1 
ATOM   301  C CG1 . VAL A 1 35  ? -5.914  5.474   -14.825 1.00 70.31  ? 1013 VAL A CG1 1 
ATOM   302  C CG2 . VAL A 1 35  ? -4.810  5.175   -12.587 1.00 59.11  ? 1013 VAL A CG2 1 
ATOM   303  N N   . ASP A 1 36  ? -8.865  3.954   -14.551 1.00 77.27  ? 1014 ASP A N   1 
ATOM   304  C CA  . ASP A 1 36  ? -9.760  3.494   -15.608 1.00 84.93  ? 1014 ASP A CA  1 
ATOM   305  C C   . ASP A 1 36  ? -9.136  3.764   -16.972 1.00 87.21  ? 1014 ASP A C   1 
ATOM   306  O O   . ASP A 1 36  ? -8.829  4.923   -17.281 1.00 85.35  ? 1014 ASP A O   1 
ATOM   307  C CB  . ASP A 1 36  ? -11.114 4.193   -15.482 1.00 84.59  ? 1014 ASP A CB  1 
ATOM   308  C CG  . ASP A 1 36  ? -11.989 3.999   -16.704 1.00 92.52  ? 1014 ASP A CG  1 
ATOM   309  O OD1 . ASP A 1 36  ? -12.108 2.848   -17.179 1.00 91.00  ? 1014 ASP A OD1 1 
ATOM   310  O OD2 . ASP A 1 36  ? -12.567 5.000   -17.182 1.00 93.34  ? 1014 ASP A OD2 1 
ATOM   311  N N   . PRO A 1 37  ? -8.920  2.744   -17.808 1.00 87.68  ? 1015 PRO A N   1 
ATOM   312  C CA  . PRO A 1 37  ? -8.250  2.984   -19.098 1.00 93.78  ? 1015 PRO A CA  1 
ATOM   313  C C   . PRO A 1 37  ? -9.032  3.891   -20.032 1.00 95.75  ? 1015 PRO A C   1 
ATOM   314  O O   . PRO A 1 37  ? -8.424  4.674   -20.772 1.00 93.40  ? 1015 PRO A O   1 
ATOM   315  C CB  . PRO A 1 37  ? -8.098  1.571   -19.684 1.00 92.03  ? 1015 PRO A CB  1 
ATOM   316  C CG  . PRO A 1 37  ? -8.202  0.651   -18.505 1.00 90.03  ? 1015 PRO A CG  1 
ATOM   317  C CD  . PRO A 1 37  ? -9.173  1.312   -17.574 1.00 90.11  ? 1015 PRO A CD  1 
ATOM   318  N N   . ASP A 1 38  ? -10.364 3.813   -20.021 1.00 96.49  ? 1016 ASP A N   1 
ATOM   319  C CA  . ASP A 1 38  ? -11.166 4.650   -20.905 1.00 97.54  ? 1016 ASP A CA  1 
ATOM   320  C C   . ASP A 1 38  ? -11.172 6.109   -20.472 1.00 96.31  ? 1016 ASP A C   1 
ATOM   321  O O   . ASP A 1 38  ? -11.437 6.987   -21.300 1.00 102.18 ? 1016 ASP A O   1 
ATOM   322  C CB  . ASP A 1 38  ? -12.595 4.114   -20.978 1.00 99.14  ? 1016 ASP A CB  1 
ATOM   323  C CG  . ASP A 1 38  ? -12.639 2.602   -21.068 1.00 97.06  ? 1016 ASP A CG  1 
ATOM   324  O OD1 . ASP A 1 38  ? -12.349 2.051   -22.152 1.00 97.53  ? 1016 ASP A OD1 1 
ATOM   325  O OD2 . ASP A 1 38  ? -12.942 1.962   -20.044 1.00 95.26  ? 1016 ASP A OD2 1 
ATOM   326  N N   . GLU A 1 39  ? -10.895 6.392   -19.200 1.00 92.78  ? 1017 GLU A N   1 
ATOM   327  C CA  . GLU A 1 39  ? -10.740 7.776   -18.772 1.00 94.10  ? 1017 GLU A CA  1 
ATOM   328  C C   . GLU A 1 39  ? -9.329  8.292   -19.031 1.00 96.11  ? 1017 GLU A C   1 
ATOM   329  O O   . GLU A 1 39  ? -9.164  9.403   -19.547 1.00 96.98  ? 1017 GLU A O   1 
ATOM   330  C CB  . GLU A 1 39  ? -11.093 7.919   -17.289 1.00 92.71  ? 1017 GLU A CB  1 
ATOM   331  N N   . VAL A 1 40  ? -8.308  7.509   -18.689 1.00 90.99  ? 1018 VAL A N   1 
ATOM   332  C CA  . VAL A 1 40  ? -6.916  7.900   -18.902 1.00 89.48  ? 1018 VAL A CA  1 
ATOM   333  C C   . VAL A 1 40  ? -6.200  6.794   -19.671 1.00 91.62  ? 1018 VAL A C   1 
ATOM   334  O O   . VAL A 1 40  ? -5.604  5.904   -19.050 1.00 88.87  ? 1018 VAL A O   1 
ATOM   335  C CB  . VAL A 1 40  ? -6.204  8.192   -17.570 1.00 86.55  ? 1018 VAL A CB  1 
ATOM   336  C CG1 . VAL A 1 40  ? -4.894  8.907   -17.823 1.00 84.22  ? 1018 VAL A CG1 1 
ATOM   337  C CG2 . VAL A 1 40  ? -7.091  9.030   -16.655 1.00 84.98  ? 1018 VAL A CG2 1 
ATOM   338  N N   . PRO A 1 41  ? -6.225  6.806   -21.009 1.00 91.15  ? 1019 PRO A N   1 
ATOM   339  C CA  . PRO A 1 41  ? -5.520  5.748   -21.755 1.00 89.58  ? 1019 PRO A CA  1 
ATOM   340  C C   . PRO A 1 41  ? -4.007  5.880   -21.731 1.00 82.51  ? 1019 PRO A C   1 
ATOM   341  O O   . PRO A 1 41  ? -3.320  4.892   -22.017 1.00 81.60  ? 1019 PRO A O   1 
ATOM   342  C CB  . PRO A 1 41  ? -6.062  5.896   -23.185 1.00 90.26  ? 1019 PRO A CB  1 
ATOM   343  C CG  . PRO A 1 41  ? -7.308  6.711   -23.050 1.00 93.82  ? 1019 PRO A CG  1 
ATOM   344  C CD  . PRO A 1 41  ? -7.071  7.625   -21.893 1.00 92.62  ? 1019 PRO A CD  1 
ATOM   345  N N   . ASP A 1 42  ? -3.461  7.052   -21.416 1.00 76.88  ? 1020 ASP A N   1 
ATOM   346  C CA  . ASP A 1 42  ? -2.014  7.221   -21.400 1.00 80.94  ? 1020 ASP A CA  1 
ATOM   347  C C   . ASP A 1 42  ? -1.377  6.839   -20.065 1.00 80.98  ? 1020 ASP A C   1 
ATOM   348  O O   . ASP A 1 42  ? -0.145  6.845   -19.961 1.00 77.55  ? 1020 ASP A O   1 
ATOM   349  C CB  . ASP A 1 42  ? -1.641  8.664   -21.769 1.00 80.20  ? 1020 ASP A CB  1 
ATOM   350  C CG  . ASP A 1 42  ? -1.792  9.631   -20.610 1.00 82.81  ? 1020 ASP A CG  1 
ATOM   351  O OD1 . ASP A 1 42  ? -2.932  9.837   -20.141 1.00 85.21  ? 1020 ASP A OD1 1 
ATOM   352  O OD2 . ASP A 1 42  ? -0.765  10.193  -20.173 1.00 84.57  ? 1020 ASP A OD2 1 
ATOM   353  N N   . TYR A 1 43  ? -2.177  6.503   -19.048 1.00 77.14  ? 1021 TYR A N   1 
ATOM   354  C CA  . TYR A 1 43  ? -1.602  6.065   -17.777 1.00 74.19  ? 1021 TYR A CA  1 
ATOM   355  C C   . TYR A 1 43  ? -0.896  4.727   -17.937 1.00 69.11  ? 1021 TYR A C   1 
ATOM   356  O O   . TYR A 1 43  ? 0.259   4.568   -17.521 1.00 67.10  ? 1021 TYR A O   1 
ATOM   357  C CB  . TYR A 1 43  ? -2.685  5.969   -16.701 1.00 69.69  ? 1021 TYR A CB  1 
ATOM   358  C CG  . TYR A 1 43  ? -2.141  5.767   -15.297 1.00 63.99  ? 1021 TYR A CG  1 
ATOM   359  C CD1 . TYR A 1 43  ? -1.728  6.852   -14.531 1.00 63.03  ? 1021 TYR A CD1 1 
ATOM   360  C CD2 . TYR A 1 43  ? -2.029  4.493   -14.743 1.00 64.29  ? 1021 TYR A CD2 1 
ATOM   361  C CE1 . TYR A 1 43  ? -1.231  6.678   -13.249 1.00 58.02  ? 1021 TYR A CE1 1 
ATOM   362  C CE2 . TYR A 1 43  ? -1.528  4.308   -13.459 1.00 52.95  ? 1021 TYR A CE2 1 
ATOM   363  C CZ  . TYR A 1 43  ? -1.133  5.404   -12.718 1.00 54.19  ? 1021 TYR A CZ  1 
ATOM   364  O OH  . TYR A 1 43  ? -0.633  5.249   -11.443 1.00 47.67  ? 1021 TYR A OH  1 
ATOM   365  N N   . VAL A 1 44  ? -1.578  3.755   -18.554 1.00 72.50  ? 1022 VAL A N   1 
ATOM   366  C CA  . VAL A 1 44  ? -1.009  2.430   -18.798 1.00 70.54  ? 1022 VAL A CA  1 
ATOM   367  C C   . VAL A 1 44  ? 0.322   2.532   -19.530 1.00 69.84  ? 1022 VAL A C   1 
ATOM   368  O O   . VAL A 1 44  ? 1.177   1.647   -19.408 1.00 70.26  ? 1022 VAL A O   1 
ATOM   369  C CB  . VAL A 1 44  ? -2.023  1.559   -19.577 1.00 79.25  ? 1022 VAL A CB  1 
ATOM   370  C CG1 . VAL A 1 44  ? -3.427  1.743   -19.009 1.00 78.15  ? 1022 VAL A CG1 1 
ATOM   371  C CG2 . VAL A 1 44  ? -2.002  1.886   -21.071 1.00 80.74  ? 1022 VAL A CG2 1 
ATOM   372  N N   . THR A 1 45  ? 0.527   3.618   -20.280 1.00 73.61  ? 1023 THR A N   1 
ATOM   373  C CA  . THR A 1 45  ? 1.759   3.816   -21.038 1.00 78.29  ? 1023 THR A CA  1 
ATOM   374  C C   . THR A 1 45  ? 2.919   4.205   -20.130 1.00 71.82  ? 1023 THR A C   1 
ATOM   375  O O   . THR A 1 45  ? 4.005   3.620   -20.212 1.00 74.83  ? 1023 THR A O   1 
ATOM   376  C CB  . THR A 1 45  ? 1.541   4.891   -22.107 1.00 77.55  ? 1023 THR A CB  1 
ATOM   377  O OG1 . THR A 1 45  ? 0.560   4.440   -23.049 1.00 77.75  ? 1023 THR A OG1 1 
ATOM   378  C CG2 . THR A 1 45  ? 2.849   5.207   -22.835 1.00 79.67  ? 1023 THR A CG2 1 
ATOM   379  N N   . VAL A 1 46  ? 2.701   5.183   -19.252 1.00 69.58  ? 1024 VAL A N   1 
ATOM   380  C CA  . VAL A 1 46  ? 3.799   5.759   -18.484 1.00 60.22  ? 1024 VAL A CA  1 
ATOM   381  C C   . VAL A 1 46  ? 4.120   4.919   -17.249 1.00 59.17  ? 1024 VAL A C   1 
ATOM   382  O O   . VAL A 1 46  ? 5.288   4.781   -16.869 1.00 53.90  ? 1024 VAL A O   1 
ATOM   383  C CB  . VAL A 1 46  ? 3.450   7.209   -18.109 1.00 64.42  ? 1024 VAL A CB  1 
ATOM   384  C CG1 . VAL A 1 46  ? 4.674   7.930   -17.567 1.00 64.80  ? 1024 VAL A CG1 1 
ATOM   385  C CG2 . VAL A 1 46  ? 2.872   7.938   -19.314 1.00 72.59  ? 1024 VAL A CG2 1 
ATOM   386  N N   . ILE A 1 47  ? 3.108   4.361   -16.594 1.00 49.50  ? 1025 ILE A N   1 
ATOM   387  C CA  . ILE A 1 47  ? 3.293   3.693   -15.308 1.00 51.57  ? 1025 ILE A CA  1 
ATOM   388  C C   . ILE A 1 47  ? 3.377   2.194   -15.563 1.00 46.34  ? 1025 ILE A C   1 
ATOM   389  O O   . ILE A 1 47  ? 2.378   1.554   -15.910 1.00 46.45  ? 1025 ILE A O   1 
ATOM   390  C CB  . ILE A 1 47  ? 2.168   4.041   -14.324 1.00 48.74  ? 1025 ILE A CB  1 
ATOM   391  C CG1 . ILE A 1 47  ? 2.155   5.549   -14.042 1.00 45.76  ? 1025 ILE A CG1 1 
ATOM   392  C CG2 . ILE A 1 47  ? 2.350   3.280   -13.016 1.00 41.24  ? 1025 ILE A CG2 1 
ATOM   393  C CD1 . ILE A 1 47  ? 3.492   6.101   -13.592 1.00 40.70  ? 1025 ILE A CD1 1 
ATOM   394  N N   . LYS A 1 48  ? 4.571   1.627   -15.367 1.00 47.94  ? 1026 LYS A N   1 
ATOM   395  C CA  . LYS A 1 48  ? 4.822   0.233   -15.736 1.00 50.20  ? 1026 LYS A CA  1 
ATOM   396  C C   . LYS A 1 48  ? 4.255   -0.757  -14.727 1.00 54.85  ? 1026 LYS A C   1 
ATOM   397  O O   . LYS A 1 48  ? 3.945   -1.899  -15.091 1.00 50.08  ? 1026 LYS A O   1 
ATOM   398  C CB  . LYS A 1 48  ? 6.326   0.002   -15.902 1.00 49.73  ? 1026 LYS A CB  1 
ATOM   399  N N   . GLN A 1 49  ? 4.102   -0.351  -13.465 1.00 47.74  ? 1027 GLN A N   1 
ATOM   400  C CA  . GLN A 1 49  ? 3.601   -1.232  -12.413 1.00 47.59  ? 1027 GLN A CA  1 
ATOM   401  C C   . GLN A 1 49  ? 2.527   -0.516  -11.608 1.00 45.69  ? 1027 GLN A C   1 
ATOM   402  O O   . GLN A 1 49  ? 2.791   -0.028  -10.499 1.00 41.90  ? 1027 GLN A O   1 
ATOM   403  C CB  . GLN A 1 49  ? 4.738   -1.698  -11.510 1.00 48.71  ? 1027 GLN A CB  1 
ATOM   404  C CG  . GLN A 1 49  ? 4.430   -2.980  -10.791 1.00 51.56  ? 1027 GLN A CG  1 
ATOM   405  C CD  . GLN A 1 49  ? 5.612   -3.483  -10.008 1.00 51.13  ? 1027 GLN A CD  1 
ATOM   406  O OE1 . GLN A 1 49  ? 6.692   -2.882  -10.028 1.00 52.52  ? 1027 GLN A OE1 1 
ATOM   407  N NE2 . GLN A 1 49  ? 5.416   -4.588  -9.300  1.00 64.03  ? 1027 GLN A NE2 1 
ATOM   408  N N   . PRO A 1 50  ? 1.299   -0.467  -12.122 1.00 42.07  ? 1028 PRO A N   1 
ATOM   409  C CA  . PRO A 1 50  ? 0.218   0.245   -11.420 1.00 45.42  ? 1028 PRO A CA  1 
ATOM   410  C C   . PRO A 1 50  ? -0.110  -0.413  -10.089 1.00 48.87  ? 1028 PRO A C   1 
ATOM   411  O O   . PRO A 1 50  ? -0.072  -1.638  -9.959  1.00 39.23  ? 1028 PRO A O   1 
ATOM   412  C CB  . PRO A 1 50  ? -0.970  0.136   -12.387 1.00 44.11  ? 1028 PRO A CB  1 
ATOM   413  C CG  . PRO A 1 50  ? -0.382  -0.302  -13.708 1.00 48.96  ? 1028 PRO A CG  1 
ATOM   414  C CD  . PRO A 1 50  ? 0.835   -1.097  -13.368 1.00 44.56  ? 1028 PRO A CD  1 
ATOM   415  N N   . MET A 1 51  ? -0.446  0.413   -9.096  1.00 38.28  ? 1029 MET A N   1 
ATOM   416  C CA  . MET A 1 51  ? -0.831  -0.096  -7.786  1.00 37.92  ? 1029 MET A CA  1 
ATOM   417  C C   . MET A 1 51  ? -1.858  0.851   -7.177  1.00 42.42  ? 1029 MET A C   1 
ATOM   418  O O   . MET A 1 51  ? -1.814  2.064   -7.407  1.00 35.49  ? 1029 MET A O   1 
ATOM   419  C CB  . MET A 1 51  ? 0.390   -0.245  -6.869  1.00 36.07  ? 1029 MET A CB  1 
ATOM   420  C CG  . MET A 1 51  ? 0.118   -0.956  -5.537  1.00 36.65  ? 1029 MET A CG  1 
ATOM   421  S SD  . MET A 1 51  ? -0.627  -2.603  -5.692  1.00 44.28  ? 1029 MET A SD  1 
ATOM   422  C CE  . MET A 1 51  ? 0.625   -3.459  -6.660  1.00 44.11  ? 1029 MET A CE  1 
ATOM   423  N N   . ASP A 1 52  ? -2.786  0.282   -6.407  1.00 35.40  ? 1030 ASP A N   1 
ATOM   424  C CA  . ASP A 1 52  ? -3.845  1.044   -5.761  1.00 39.72  ? 1030 ASP A CA  1 
ATOM   425  C C   . ASP A 1 52  ? -4.314  0.255   -4.545  1.00 41.87  ? 1030 ASP A C   1 
ATOM   426  O O   . ASP A 1 52  ? -3.954  -0.912  -4.363  1.00 35.56  ? 1030 ASP A O   1 
ATOM   427  C CB  . ASP A 1 52  ? -5.011  1.301   -6.722  1.00 39.15  ? 1030 ASP A CB  1 
ATOM   428  C CG  . ASP A 1 52  ? -5.679  0.015   -7.150  1.00 42.68  ? 1030 ASP A CG  1 
ATOM   429  O OD1 . ASP A 1 52  ? -5.187  -0.635  -8.096  1.00 47.78  ? 1030 ASP A OD1 1 
ATOM   430  O OD2 . ASP A 1 52  ? -6.673  -0.376  -6.513  1.00 46.08  ? 1030 ASP A OD2 1 
ATOM   431  N N   . LEU A 1 53  ? -5.155  0.895   -3.728  1.00 34.32  ? 1031 LEU A N   1 
ATOM   432  C CA  . LEU A 1 53  ? -5.508  0.286   -2.446  1.00 33.87  ? 1031 LEU A CA  1 
ATOM   433  C C   . LEU A 1 53  ? -6.431  -0.920  -2.614  1.00 35.31  ? 1031 LEU A C   1 
ATOM   434  O O   . LEU A 1 53  ? -6.365  -1.861  -1.812  1.00 35.20  ? 1031 LEU A O   1 
ATOM   435  C CB  . LEU A 1 53  ? -6.133  1.337   -1.520  1.00 32.99  ? 1031 LEU A CB  1 
ATOM   436  C CG  . LEU A 1 53  ? -5.204  2.498   -1.131  1.00 34.63  ? 1031 LEU A CG  1 
ATOM   437  C CD1 . LEU A 1 53  ? -5.978  3.608   -0.365  1.00 33.47  ? 1031 LEU A CD1 1 
ATOM   438  C CD2 . LEU A 1 53  ? -3.996  2.002   -0.324  1.00 33.19  ? 1031 LEU A CD2 1 
ATOM   439  N N   . SER A 1 54  ? -7.288  -0.931  -3.638  1.00 36.75  ? 1032 SER A N   1 
ATOM   440  C CA  . SER A 1 54  ? -8.104  -2.119  -3.879  1.00 39.86  ? 1032 SER A CA  1 
ATOM   441  C C   . SER A 1 54  ? -7.238  -3.308  -4.282  1.00 37.82  ? 1032 SER A C   1 
ATOM   442  O O   . SER A 1 54  ? -7.511  -4.450  -3.888  1.00 38.65  ? 1032 SER A O   1 
ATOM   443  C CB  A SER A 1 54  ? -9.149  -1.832  -4.956  0.42 42.32  ? 1032 SER A CB  1 
ATOM   444  C CB  B SER A 1 54  ? -9.153  -1.840  -4.956  0.58 42.19  ? 1032 SER A CB  1 
ATOM   445  O OG  A SER A 1 54  ? -8.523  -1.656  -6.214  0.42 42.08  ? 1032 SER A OG  1 
ATOM   446  O OG  B SER A 1 54  ? -10.105 -0.895  -4.507  0.58 43.53  ? 1032 SER A OG  1 
ATOM   447  N N   . SER A 1 55  ? -6.197  -3.063  -5.073  1.00 36.74  ? 1033 SER A N   1 
ATOM   448  C CA  . SER A 1 55  ? -5.319  -4.154  -5.476  1.00 40.73  ? 1033 SER A CA  1 
ATOM   449  C C   . SER A 1 55  ? -4.481  -4.639  -4.309  1.00 41.15  ? 1033 SER A C   1 
ATOM   450  O O   . SER A 1 55  ? -4.136  -5.826  -4.250  1.00 35.70  ? 1033 SER A O   1 
ATOM   451  C CB  . SER A 1 55  ? -4.417  -3.713  -6.626  1.00 41.30  ? 1033 SER A CB  1 
ATOM   452  O OG  . SER A 1 55  ? -5.205  -3.304  -7.729  1.00 44.93  ? 1033 SER A OG  1 
ATOM   453  N N   . VAL A 1 56  ? -4.141  -3.736  -3.385  1.00 35.71  ? 1034 VAL A N   1 
ATOM   454  C CA  . VAL A 1 56  ? -3.472  -4.136  -2.151  1.00 32.86  ? 1034 VAL A CA  1 
ATOM   455  C C   . VAL A 1 56  ? -4.359  -5.084  -1.356  1.00 32.83  ? 1034 VAL A C   1 
ATOM   456  O O   . VAL A 1 56  ? -3.896  -6.122  -0.863  1.00 34.80  ? 1034 VAL A O   1 
ATOM   457  C CB  . VAL A 1 56  ? -3.078  -2.895  -1.324  1.00 30.82  ? 1034 VAL A CB  1 
ATOM   458  C CG1 . VAL A 1 56  ? -2.711  -3.290  0.109   1.00 30.89  ? 1034 VAL A CG1 1 
ATOM   459  C CG2 . VAL A 1 56  ? -1.895  -2.165  -1.983  1.00 31.58  ? 1034 VAL A CG2 1 
ATOM   460  N N   . ILE A 1 57  ? -5.649  -4.743  -1.217  1.00 32.42  ? 1035 ILE A N   1 
ATOM   461  C CA  . ILE A 1 57  ? -6.593  -5.617  -0.517  1.00 33.44  ? 1035 ILE A CA  1 
ATOM   462  C C   . ILE A 1 57  ? -6.647  -6.989  -1.186  1.00 38.50  ? 1035 ILE A C   1 
ATOM   463  O O   . ILE A 1 57  ? -6.648  -8.025  -0.513  1.00 34.18  ? 1035 ILE A O   1 
ATOM   464  C CB  . ILE A 1 57  ? -7.993  -4.976  -0.458  1.00 36.76  ? 1035 ILE A CB  1 
ATOM   465  C CG1 . ILE A 1 57  ? -8.036  -3.772  0.496   1.00 39.80  ? 1035 ILE A CG1 1 
ATOM   466  C CG2 . ILE A 1 57  ? -9.028  -6.013  0.016   1.00 36.87  ? 1035 ILE A CG2 1 
ATOM   467  C CD1 . ILE A 1 57  ? -7.881  -4.185  1.969   1.00 43.00  ? 1035 ILE A CD1 1 
ATOM   468  N N   . SER A 1 58  ? -6.723  -7.014  -2.521  1.00 36.84  ? 1036 SER A N   1 
ATOM   469  C CA  . SER A 1 58  ? -6.720  -8.288  -3.251  1.00 35.84  ? 1036 SER A CA  1 
ATOM   470  C C   . SER A 1 58  ? -5.483  -9.115  -2.935  1.00 35.31  ? 1036 SER A C   1 
ATOM   471  O O   . SER A 1 58  ? -5.578  -10.332 -2.718  1.00 37.28  ? 1036 SER A O   1 
ATOM   472  C CB  . SER A 1 58  ? -6.796  -8.042  -4.764  1.00 38.24  ? 1036 SER A CB  1 
ATOM   473  O OG  . SER A 1 58  ? -8.001  -7.393  -5.102  1.00 50.97  ? 1036 SER A OG  1 
ATOM   474  N N   . LYS A 1 59  ? -4.308  -8.481  -2.928  1.00 32.69  ? 1037 LYS A N   1 
ATOM   475  C CA  . LYS A 1 59  ? -3.073  -9.204  -2.640  1.00 35.59  ? 1037 LYS A CA  1 
ATOM   476  C C   . LYS A 1 59  ? -3.023  -9.707  -1.195  1.00 36.98  ? 1037 LYS A C   1 
ATOM   477  O O   . LYS A 1 59  ? -2.508  -10.802 -0.938  1.00 33.62  ? 1037 LYS A O   1 
ATOM   478  C CB  . LYS A 1 59  ? -1.867  -8.320  -2.947  1.00 37.49  ? 1037 LYS A CB  1 
ATOM   479  C CG  . LYS A 1 59  ? -1.605  -8.148  -4.449  1.00 39.47  ? 1037 LYS A CG  1 
ATOM   480  C CD  . LYS A 1 59  ? -0.412  -7.225  -4.701  1.00 39.54  ? 1037 LYS A CD  1 
ATOM   481  C CE  . LYS A 1 59  ? 0.910   -7.955  -4.510  1.00 37.47  ? 1037 LYS A CE  1 
ATOM   482  N NZ  . LYS A 1 59  ? 2.087   -7.094  -4.838  1.00 41.00  ? 1037 LYS A NZ  1 
ATOM   483  N N   . ILE A 1 60  ? -3.538  -8.932  -0.234  1.00 33.21  ? 1038 ILE A N   1 
ATOM   484  C CA  . ILE A 1 60  ? -3.625  -9.444  1.137   1.00 30.91  ? 1038 ILE A CA  1 
ATOM   485  C C   . ILE A 1 60  ? -4.423  -10.743 1.157   1.00 33.10  ? 1038 ILE A C   1 
ATOM   486  O O   . ILE A 1 60  ? -3.999  -11.753 1.743   1.00 35.87  ? 1038 ILE A O   1 
ATOM   487  C CB  . ILE A 1 60  ? -4.266  -8.408  2.078   1.00 32.47  ? 1038 ILE A CB  1 
ATOM   488  C CG1 . ILE A 1 60  ? -3.446  -7.112  2.179   1.00 30.14  ? 1038 ILE A CG1 1 
ATOM   489  C CG2 . ILE A 1 60  ? -4.509  -9.050  3.461   1.00 33.86  ? 1038 ILE A CG2 1 
ATOM   490  C CD1 . ILE A 1 60  ? -4.218  -5.968  2.919   1.00 29.03  ? 1038 ILE A CD1 1 
ATOM   491  N N   . ASP A 1 61  ? -5.603  -10.728 0.521   1.00 33.83  ? 1039 ASP A N   1 
ATOM   492  C CA  . ASP A 1 61  ? -6.498  -11.880 0.519   1.00 40.32  ? 1039 ASP A CA  1 
ATOM   493  C C   . ASP A 1 61  ? -5.931  -13.052 -0.269  1.00 44.16  ? 1039 ASP A C   1 
ATOM   494  O O   . ASP A 1 61  ? -6.335  -14.196 -0.026  1.00 42.14  ? 1039 ASP A O   1 
ATOM   495  C CB  . ASP A 1 61  ? -7.868  -11.484 -0.045  1.00 35.86  ? 1039 ASP A CB  1 
ATOM   496  C CG  . ASP A 1 61  ? -8.632  -10.548 0.883   1.00 45.53  ? 1039 ASP A CG  1 
ATOM   497  O OD1 . ASP A 1 61  ? -8.217  -10.401 2.051   1.00 42.71  ? 1039 ASP A OD1 1 
ATOM   498  O OD2 . ASP A 1 61  ? -9.636  -9.945  0.446   1.00 40.38  ? 1039 ASP A OD2 1 
ATOM   499  N N   . LEU A 1 62  ? -5.020  -12.797 -1.207  1.00 38.47  ? 1040 LEU A N   1 
ATOM   500  C CA  . LEU A 1 62  ? -4.312  -13.849 -1.932  1.00 40.00  ? 1040 LEU A CA  1 
ATOM   501  C C   . LEU A 1 62  ? -3.064  -14.321 -1.201  1.00 42.06  ? 1040 LEU A C   1 
ATOM   502  O O   . LEU A 1 62  ? -2.295  -15.117 -1.753  1.00 41.03  ? 1040 LEU A O   1 
ATOM   503  C CB  . LEU A 1 62  ? -3.944  -13.367 -3.344  1.00 35.39  ? 1040 LEU A CB  1 
ATOM   504  C CG  . LEU A 1 62  ? -5.156  -13.218 -4.270  1.00 39.00  ? 1040 LEU A CG  1 
ATOM   505  C CD1 . LEU A 1 62  ? -4.815  -12.447 -5.534  1.00 44.70  ? 1040 LEU A CD1 1 
ATOM   506  C CD2 . LEU A 1 62  ? -5.730  -14.588 -4.628  1.00 49.42  ? 1040 LEU A CD2 1 
ATOM   507  N N   . HIS A 1 63  ? -2.847  -13.855 0.029   1.00 38.97  ? 1041 HIS A N   1 
ATOM   508  C CA  . HIS A 1 63  ? -1.709  -14.270 0.845   1.00 36.06  ? 1041 HIS A CA  1 
ATOM   509  C C   . HIS A 1 63  ? -0.374  -13.857 0.227   1.00 41.21  ? 1041 HIS A C   1 
ATOM   510  O O   . HIS A 1 63  ? 0.639   -14.536 0.413   1.00 43.59  ? 1041 HIS A O   1 
ATOM   511  C CB  . HIS A 1 63  ? -1.701  -15.790 1.104   1.00 38.28  ? 1041 HIS A CB  1 
ATOM   512  C CG  . HIS A 1 63  ? -2.871  -16.299 1.885   1.00 40.37  ? 1041 HIS A CG  1 
ATOM   513  N ND1 . HIS A 1 63  ? -4.076  -15.633 1.966   1.00 46.81  ? 1041 HIS A ND1 1 
ATOM   514  C CD2 . HIS A 1 63  ? -3.015  -17.423 2.626   1.00 40.41  ? 1041 HIS A CD2 1 
ATOM   515  C CE1 . HIS A 1 63  ? -4.914  -16.329 2.715   1.00 45.04  ? 1041 HIS A CE1 1 
ATOM   516  N NE2 . HIS A 1 63  ? -4.295  -17.420 3.126   1.00 45.35  ? 1041 HIS A NE2 1 
ATOM   517  N N   . LYS A 1 64  ? -0.335  -12.729 -0.488  1.00 38.29  ? 1042 LYS A N   1 
ATOM   518  C CA  . LYS A 1 64  ? 0.917   -12.299 -1.105  1.00 34.80  ? 1042 LYS A CA  1 
ATOM   519  C C   . LYS A 1 64  ? 1.852   -11.543 -0.166  1.00 38.59  ? 1042 LYS A C   1 
ATOM   520  O O   . LYS A 1 64  ? 3.031   -11.388 -0.504  1.00 39.44  ? 1042 LYS A O   1 
ATOM   521  C CB  . LYS A 1 64  ? 0.645   -11.412 -2.330  1.00 38.00  ? 1042 LYS A CB  1 
ATOM   522  C CG  . LYS A 1 64  ? -0.242  -12.045 -3.375  1.00 41.58  ? 1042 LYS A CG  1 
ATOM   523  C CD  . LYS A 1 64  ? 0.531   -13.011 -4.241  1.00 47.74  ? 1042 LYS A CD  1 
ATOM   524  C CE  . LYS A 1 64  ? -0.285  -13.441 -5.453  1.00 55.81  ? 1042 LYS A CE  1 
ATOM   525  N NZ  . LYS A 1 64  ? 0.484   -14.433 -6.255  1.00 63.74  ? 1042 LYS A NZ  1 
ATOM   526  N N   . TYR A 1 65  ? 1.378   -11.043 0.981   1.00 34.81  ? 1043 TYR A N   1 
ATOM   527  C CA  . TYR A 1 65  ? 2.219   -10.289 1.909   1.00 33.46  ? 1043 TYR A CA  1 
ATOM   528  C C   . TYR A 1 65  ? 2.515   -11.159 3.124   1.00 40.82  ? 1043 TYR A C   1 
ATOM   529  O O   . TYR A 1 65  ? 1.613   -11.448 3.915   1.00 39.91  ? 1043 TYR A O   1 
ATOM   530  C CB  . TYR A 1 65  ? 1.554   -8.990  2.365   1.00 32.90  ? 1043 TYR A CB  1 
ATOM   531  C CG  . TYR A 1 65  ? 1.166   -8.043  1.252   1.00 33.55  ? 1043 TYR A CG  1 
ATOM   532  C CD1 . TYR A 1 65  ? 2.121   -7.501  0.394   1.00 34.50  ? 1043 TYR A CD1 1 
ATOM   533  C CD2 . TYR A 1 65  ? -0.169  -7.693  1.058   1.00 33.41  ? 1043 TYR A CD2 1 
ATOM   534  C CE1 . TYR A 1 65  ? 1.742   -6.615  -0.641  1.00 33.22  ? 1043 TYR A CE1 1 
ATOM   535  C CE2 . TYR A 1 65  ? -0.549  -6.812  0.041   1.00 33.47  ? 1043 TYR A CE2 1 
ATOM   536  C CZ  . TYR A 1 65  ? 0.409   -6.274  -0.793  1.00 35.00  ? 1043 TYR A CZ  1 
ATOM   537  O OH  . TYR A 1 65  ? 0.003   -5.425  -1.809  1.00 33.54  ? 1043 TYR A OH  1 
ATOM   538  N N   . LEU A 1 66  ? 3.777   -11.542 3.292   1.00 36.69  ? 1044 LEU A N   1 
ATOM   539  C CA  . LEU A 1 66  ? 4.203   -12.302 4.461   1.00 39.40  ? 1044 LEU A CA  1 
ATOM   540  C C   . LEU A 1 66  ? 4.885   -11.439 5.508   1.00 39.30  ? 1044 LEU A C   1 
ATOM   541  O O   . LEU A 1 66  ? 5.150   -11.926 6.611   1.00 35.86  ? 1044 LEU A O   1 
ATOM   542  C CB  . LEU A 1 66  ? 5.163   -13.432 4.050   1.00 43.59  ? 1044 LEU A CB  1 
ATOM   543  C CG  . LEU A 1 66  ? 4.605   -14.559 3.178   1.00 47.61  ? 1044 LEU A CG  1 
ATOM   544  C CD1 . LEU A 1 66  ? 5.563   -15.749 3.197   1.00 48.47  ? 1044 LEU A CD1 1 
ATOM   545  C CD2 . LEU A 1 66  ? 3.226   -14.980 3.618   1.00 44.16  ? 1044 LEU A CD2 1 
ATOM   546  N N   . THR A 1 67  ? 5.205   -10.188 5.183   1.00 33.84  ? 1045 THR A N   1 
ATOM   547  C CA  . THR A 1 67  ? 5.803   -9.261  6.131   1.00 31.91  ? 1045 THR A CA  1 
ATOM   548  C C   . THR A 1 67  ? 5.219   -7.877  5.877   1.00 34.19  ? 1045 THR A C   1 
ATOM   549  O O   . THR A 1 67  ? 4.663   -7.606  4.805   1.00 33.33  ? 1045 THR A O   1 
ATOM   550  C CB  . THR A 1 67  ? 7.335   -9.178  6.016   1.00 37.60  ? 1045 THR A CB  1 
ATOM   551  O OG1 . THR A 1 67  ? 7.688   -8.507  4.798   1.00 38.55  ? 1045 THR A OG1 1 
ATOM   552  C CG2 . THR A 1 67  ? 7.981   -10.566 6.031   1.00 40.69  ? 1045 THR A CG2 1 
ATOM   553  N N   . VAL A 1 68  ? 5.356   -7.002  6.875   1.00 32.09  ? 1046 VAL A N   1 
ATOM   554  C CA  . VAL A 1 68  ? 4.915   -5.622  6.679   1.00 34.25  ? 1046 VAL A CA  1 
ATOM   555  C C   . VAL A 1 68  ? 5.834   -4.919  5.687   1.00 35.59  ? 1046 VAL A C   1 
ATOM   556  O O   . VAL A 1 68  ? 5.406   -3.997  4.983   1.00 35.58  ? 1046 VAL A O   1 
ATOM   557  C CB  . VAL A 1 68  ? 4.830   -4.871  8.022   1.00 37.53  ? 1046 VAL A CB  1 
ATOM   558  C CG1 . VAL A 1 68  ? 4.197   -3.495  7.820   1.00 39.39  ? 1046 VAL A CG1 1 
ATOM   559  C CG2 . VAL A 1 68  ? 3.954   -5.647  8.990   1.00 42.82  ? 1046 VAL A CG2 1 
ATOM   560  N N   . LYS A 1 69  ? 7.095   -5.357  5.586   1.00 38.22  ? 1047 LYS A N   1 
ATOM   561  C CA  . LYS A 1 69  ? 8.003   -4.781  4.596   1.00 42.81  ? 1047 LYS A CA  1 
ATOM   562  C C   . LYS A 1 69  ? 7.488   -4.990  3.178   1.00 38.97  ? 1047 LYS A C   1 
ATOM   563  O O   . LYS A 1 69  ? 7.575   -4.083  2.341   1.00 39.79  ? 1047 LYS A O   1 
ATOM   564  C CB  . LYS A 1 69  ? 9.402   -5.385  4.740   1.00 47.62  ? 1047 LYS A CB  1 
ATOM   565  C CG  . LYS A 1 69  ? 10.349  -4.587  5.608   1.00 50.24  ? 1047 LYS A CG  1 
ATOM   566  C CD  . LYS A 1 69  ? 11.676  -5.330  5.810   1.00 58.95  ? 1047 LYS A CD  1 
ATOM   567  N N   . ASP A 1 70  ? 6.963   -6.183  2.882   1.00 36.19  ? 1048 ASP A N   1 
ATOM   568  C CA  . ASP A 1 70  ? 6.426   -6.436  1.549   1.00 36.85  ? 1048 ASP A CA  1 
ATOM   569  C C   . ASP A 1 70  ? 5.188   -5.583  1.280   1.00 43.46  ? 1048 ASP A C   1 
ATOM   570  O O   . ASP A 1 70  ? 4.948   -5.151  0.146   1.00 35.49  ? 1048 ASP A O   1 
ATOM   571  C CB  . ASP A 1 70  ? 6.092   -7.916  1.400   1.00 41.72  ? 1048 ASP A CB  1 
ATOM   572  C CG  . ASP A 1 70  ? 7.329   -8.807  1.496   1.00 47.07  ? 1048 ASP A CG  1 
ATOM   573  O OD1 . ASP A 1 70  ? 8.462   -8.278  1.470   1.00 51.18  ? 1048 ASP A OD1 1 
ATOM   574  O OD2 . ASP A 1 70  ? 7.163   -10.035 1.599   1.00 53.04  ? 1048 ASP A OD2 1 
ATOM   575  N N   . TYR A 1 71  ? 4.382   -5.345  2.313   1.00 36.33  ? 1049 TYR A N   1 
ATOM   576  C CA  . TYR A 1 71  ? 3.219   -4.471  2.167   1.00 33.43  ? 1049 TYR A CA  1 
ATOM   577  C C   . TYR A 1 71  ? 3.640   -3.025  1.920   1.00 35.21  ? 1049 TYR A C   1 
ATOM   578  O O   . TYR A 1 71  ? 3.090   -2.349  1.037   1.00 34.14  ? 1049 TYR A O   1 
ATOM   579  C CB  . TYR A 1 71  ? 2.360   -4.591  3.424   1.00 33.80  ? 1049 TYR A CB  1 
ATOM   580  C CG  . TYR A 1 71  ? 1.252   -3.576  3.583   1.00 30.67  ? 1049 TYR A CG  1 
ATOM   581  C CD1 . TYR A 1 71  ? -0.004  -3.816  3.044   1.00 29.66  ? 1049 TYR A CD1 1 
ATOM   582  C CD2 . TYR A 1 71  ? 1.452   -2.410  4.328   1.00 32.09  ? 1049 TYR A CD2 1 
ATOM   583  C CE1 . TYR A 1 71  ? -1.040  -2.907  3.215   1.00 31.21  ? 1049 TYR A CE1 1 
ATOM   584  C CE2 . TYR A 1 71  ? 0.422   -1.483  4.499   1.00 30.12  ? 1049 TYR A CE2 1 
ATOM   585  C CZ  . TYR A 1 71  ? -0.810  -1.732  3.934   1.00 32.83  ? 1049 TYR A CZ  1 
ATOM   586  O OH  . TYR A 1 71  ? -1.857  -0.832  4.108   1.00 30.89  ? 1049 TYR A OH  1 
ATOM   587  N N   . LEU A 1 72  ? 4.612   -2.532  2.689   1.00 35.08  ? 1050 LEU A N   1 
ATOM   588  C CA  . LEU A 1 72  ? 5.025   -1.139  2.547   1.00 37.40  ? 1050 LEU A CA  1 
ATOM   589  C C   . LEU A 1 72  ? 5.684   -0.882  1.205   1.00 43.28  ? 1050 LEU A C   1 
ATOM   590  O O   . LEU A 1 72  ? 5.688   0.265   0.745   1.00 38.57  ? 1050 LEU A O   1 
ATOM   591  C CB  . LEU A 1 72  ? 5.966   -0.729  3.681   1.00 34.29  ? 1050 LEU A CB  1 
ATOM   592  C CG  . LEU A 1 72  ? 5.277   -0.580  5.036   1.00 34.74  ? 1050 LEU A CG  1 
ATOM   593  C CD1 . LEU A 1 72  ? 6.280   -0.369  6.160   1.00 37.33  ? 1050 LEU A CD1 1 
ATOM   594  C CD2 . LEU A 1 72  ? 4.229   0.560   5.002   1.00 40.94  ? 1050 LEU A CD2 1 
ATOM   595  N N   . ARG A 1 73  ? 6.223   -1.923  0.563   1.00 36.97  ? 1051 ARG A N   1 
ATOM   596  C CA  . ARG A 1 73  ? 6.760   -1.755  -0.782  1.00 38.90  ? 1051 ARG A CA  1 
ATOM   597  C C   . ARG A 1 73  ? 5.662   -1.416  -1.777  1.00 37.20  ? 1051 ARG A C   1 
ATOM   598  O O   . ARG A 1 73  ? 5.891   -0.644  -2.714  1.00 38.11  ? 1051 ARG A O   1 
ATOM   599  C CB  . ARG A 1 73  ? 7.509   -3.017  -1.223  1.00 42.89  ? 1051 ARG A CB  1 
ATOM   600  C CG  . ARG A 1 73  ? 8.947   -3.041  -0.756  1.00 47.19  ? 1051 ARG A CG  1 
ATOM   601  C CD  . ARG A 1 73  ? 9.798   -3.935  -1.654  1.00 60.75  ? 1051 ARG A CD  1 
ATOM   602  N NE  . ARG A 1 73  ? 9.134   -5.213  -1.895  1.00 60.59  ? 1051 ARG A NE  1 
ATOM   603  C CZ  . ARG A 1 73  ? 9.271   -6.268  -1.100  1.00 63.76  ? 1051 ARG A CZ  1 
ATOM   604  N NH1 . ARG A 1 73  ? 10.053  -6.182  -0.024  1.00 54.31  ? 1051 ARG A NH1 1 
ATOM   605  N NH2 . ARG A 1 73  ? 8.627   -7.399  -1.375  1.00 60.15  ? 1051 ARG A NH2 1 
ATOM   606  N N   . ASP A 1 74  ? 4.461   -1.977  -1.595  1.00 34.95  ? 1052 ASP A N   1 
ATOM   607  C CA  . ASP A 1 74  ? 3.357   -1.618  -2.476  1.00 33.07  ? 1052 ASP A CA  1 
ATOM   608  C C   . ASP A 1 74  ? 2.747   -0.258  -2.117  1.00 38.86  ? 1052 ASP A C   1 
ATOM   609  O O   . ASP A 1 74  ? 2.310   0.468   -3.021  1.00 34.43  ? 1052 ASP A O   1 
ATOM   610  C CB  . ASP A 1 74  ? 2.299   -2.719  -2.471  1.00 35.00  ? 1052 ASP A CB  1 
ATOM   611  C CG  . ASP A 1 74  ? 2.634   -3.841  -3.446  1.00 46.51  ? 1052 ASP A CG  1 
ATOM   612  O OD1 . ASP A 1 74  ? 3.601   -3.658  -4.223  1.00 40.96  ? 1052 ASP A OD1 1 
ATOM   613  O OD2 . ASP A 1 74  ? 1.956   -4.896  -3.432  1.00 40.53  ? 1052 ASP A OD2 1 
ATOM   614  N N   . ILE A 1 75  ? 2.712   0.111   -0.831  1.00 30.97  ? 1053 ILE A N   1 
ATOM   615  C CA  . ILE A 1 75  ? 2.329   1.484   -0.468  1.00 32.09  ? 1053 ILE A CA  1 
ATOM   616  C C   . ILE A 1 75  ? 3.302   2.479   -1.097  1.00 36.84  ? 1053 ILE A C   1 
ATOM   617  O O   . ILE A 1 75  ? 2.896   3.482   -1.697  1.00 35.02  ? 1053 ILE A O   1 
ATOM   618  C CB  . ILE A 1 75  ? 2.282   1.655   1.065   1.00 35.60  ? 1053 ILE A CB  1 
ATOM   619  C CG1 . ILE A 1 75  ? 1.200   0.760   1.708   1.00 34.74  ? 1053 ILE A CG1 1 
ATOM   620  C CG2 . ILE A 1 75  ? 2.106   3.145   1.442   1.00 32.61  ? 1053 ILE A CG2 1 
ATOM   621  C CD1 . ILE A 1 75  ? -0.218  0.947   1.145   1.00 33.89  ? 1053 ILE A CD1 1 
ATOM   622  N N   . ASP A 1 76  ? 4.607   2.219   -0.955  1.00 33.07  ? 1054 ASP A N   1 
ATOM   623  C CA  . ASP A 1 76  ? 5.619   3.080   -1.568  1.00 33.06  ? 1054 ASP A CA  1 
ATOM   624  C C   . ASP A 1 76  ? 5.443   3.163   -3.082  1.00 39.14  ? 1054 ASP A C   1 
ATOM   625  O O   . ASP A 1 76  ? 5.699   4.218   -3.681  1.00 38.03  ? 1054 ASP A O   1 
ATOM   626  C CB  . ASP A 1 76  ? 7.024   2.576   -1.228  1.00 39.23  ? 1054 ASP A CB  1 
ATOM   627  C CG  . ASP A 1 76  ? 7.435   2.877   0.204   1.00 46.70  ? 1054 ASP A CG  1 
ATOM   628  O OD1 . ASP A 1 76  ? 6.998   3.898   0.775   1.00 51.70  ? 1054 ASP A OD1 1 
ATOM   629  O OD2 . ASP A 1 76  ? 8.216   2.090   0.769   1.00 54.90  ? 1054 ASP A OD2 1 
ATOM   630  N N   . LEU A 1 77  ? 5.003   2.070   -3.715  1.00 34.31  ? 1055 LEU A N   1 
ATOM   631  C CA  . LEU A 1 77  ? 4.785   2.074   -5.157  1.00 36.05  ? 1055 LEU A CA  1 
ATOM   632  C C   . LEU A 1 77  ? 3.607   2.967   -5.538  1.00 40.55  ? 1055 LEU A C   1 
ATOM   633  O O   . LEU A 1 77  ? 3.665   3.691   -6.544  1.00 35.97  ? 1055 LEU A O   1 
ATOM   634  C CB  . LEU A 1 77  ? 4.565   0.642   -5.645  1.00 38.94  ? 1055 LEU A CB  1 
ATOM   635  C CG  . LEU A 1 77  ? 4.297   0.402   -7.132  1.00 42.16  ? 1055 LEU A CG  1 
ATOM   636  C CD1 . LEU A 1 77  ? 5.460   0.882   -7.995  1.00 43.21  ? 1055 LEU A CD1 1 
ATOM   637  C CD2 . LEU A 1 77  ? 4.030   -1.079  -7.362  1.00 40.77  ? 1055 LEU A CD2 1 
ATOM   638  N N   . ILE A 1 78  ? 2.529   2.939   -4.748  1.00 35.89  ? 1056 ILE A N   1 
ATOM   639  C CA  . ILE A 1 78  ? 1.425   3.868   -4.987  1.00 35.58  ? 1056 ILE A CA  1 
ATOM   640  C C   . ILE A 1 78  ? 1.947   5.297   -4.992  1.00 35.22  ? 1056 ILE A C   1 
ATOM   641  O O   . ILE A 1 78  ? 1.621   6.099   -5.881  1.00 37.31  ? 1056 ILE A O   1 
ATOM   642  C CB  . ILE A 1 78  ? 0.313   3.681   -3.936  1.00 34.06  ? 1056 ILE A CB  1 
ATOM   643  C CG1 . ILE A 1 78  ? -0.371  2.319   -4.103  1.00 34.43  ? 1056 ILE A CG1 1 
ATOM   644  C CG2 . ILE A 1 78  ? -0.700  4.825   -4.047  1.00 33.63  ? 1056 ILE A CG2 1 
ATOM   645  C CD1 . ILE A 1 78  ? -1.389  1.980   -3.007  1.00 33.88  ? 1056 ILE A CD1 1 
ATOM   646  N N   . CYS A 1 79  ? 2.797   5.625   -4.012  1.00 34.51  ? 1057 CYS A N   1 
ATOM   647  C CA  . CYS A 1 79  ? 3.304   6.985   -3.880  1.00 38.16  ? 1057 CYS A CA  1 
ATOM   648  C C   . CYS A 1 79  ? 4.267   7.332   -5.015  1.00 49.36  ? 1057 CYS A C   1 
ATOM   649  O O   . CYS A 1 79  ? 4.118   8.369   -5.677  1.00 38.17  ? 1057 CYS A O   1 
ATOM   650  C CB  . CYS A 1 79  ? 3.990   7.157   -2.530  1.00 36.25  ? 1057 CYS A CB  1 
ATOM   651  S SG  . CYS A 1 79  ? 4.622   8.819   -2.224  1.00 44.30  ? 1057 CYS A SG  1 
ATOM   652  N N   . SER A 1 80  ? 5.259   6.467   -5.260  1.00 37.65  ? 1058 SER A N   1 
ATOM   653  C CA  . SER A 1 80  ? 6.253   6.766   -6.285  1.00 39.57  ? 1058 SER A CA  1 
ATOM   654  C C   . SER A 1 80  ? 5.606   6.883   -7.663  1.00 38.67  ? 1058 SER A C   1 
ATOM   655  O O   . SER A 1 80  ? 5.981   7.754   -8.460  1.00 42.19  ? 1058 SER A O   1 
ATOM   656  C CB  . SER A 1 80  ? 7.361   5.700   -6.263  1.00 40.02  ? 1058 SER A CB  1 
ATOM   657  O OG  . SER A 1 80  ? 6.850   4.423   -6.628  1.00 42.50  ? 1058 SER A OG  1 
ATOM   658  N N   . ASN A 1 81  ? 4.602   6.047   -7.944  1.00 34.00  ? 1059 ASN A N   1 
ATOM   659  C CA  . ASN A 1 81  ? 3.889   6.122   -9.216  1.00 37.73  ? 1059 ASN A CA  1 
ATOM   660  C C   . ASN A 1 81  ? 3.195   7.471   -9.378  1.00 44.41  ? 1059 ASN A C   1 
ATOM   661  O O   . ASN A 1 81  ? 3.194   8.055   -10.470 1.00 37.22  ? 1059 ASN A O   1 
ATOM   662  C CB  . ASN A 1 81  ? 2.848   5.011   -9.316  1.00 36.15  ? 1059 ASN A CB  1 
ATOM   663  C CG  . ASN A 1 81  ? 3.450   3.674   -9.708  1.00 39.84  ? 1059 ASN A CG  1 
ATOM   664  O OD1 . ASN A 1 81  ? 4.647   3.579   -9.979  1.00 37.87  ? 1059 ASN A OD1 1 
ATOM   665  N ND2 . ASN A 1 81  ? 2.615   2.651   -9.764  1.00 38.79  ? 1059 ASN A ND2 1 
ATOM   666  N N   . ALA A 1 82  ? 2.567   7.961   -8.308  1.00 37.59  ? 1060 ALA A N   1 
ATOM   667  C CA  . ALA A 1 82  ? 1.879   9.251   -8.389  1.00 34.94  ? 1060 ALA A CA  1 
ATOM   668  C C   . ALA A 1 82  ? 2.859   10.394  -8.630  1.00 35.79  ? 1060 ALA A C   1 
ATOM   669  O O   . ALA A 1 82  ? 2.558   11.320  -9.396  1.00 42.52  ? 1060 ALA A O   1 
ATOM   670  C CB  . ALA A 1 82  ? 1.074   9.490   -7.113  1.00 33.75  ? 1060 ALA A CB  1 
ATOM   671  N N   . LEU A 1 83  ? 4.024   10.365  -7.975  1.00 38.84  ? 1061 LEU A N   1 
ATOM   672  C CA  . LEU A 1 83  ? 5.028   11.401  -8.198  1.00 42.20  ? 1061 LEU A CA  1 
ATOM   673  C C   . LEU A 1 83  ? 5.547   11.355  -9.628  1.00 52.14  ? 1061 LEU A C   1 
ATOM   674  O O   . LEU A 1 83  ? 5.788   12.397  -10.250 1.00 44.59  ? 1061 LEU A O   1 
ATOM   675  C CB  . LEU A 1 83  ? 6.199   11.245  -7.223  1.00 42.77  ? 1061 LEU A CB  1 
ATOM   676  C CG  . LEU A 1 83  ? 6.010   11.273  -5.701  1.00 48.46  ? 1061 LEU A CG  1 
ATOM   677  C CD1 . LEU A 1 83  ? 7.302   11.676  -5.011  1.00 54.36  ? 1061 LEU A CD1 1 
ATOM   678  C CD2 . LEU A 1 83  ? 4.877   12.193  -5.299  1.00 46.82  ? 1061 LEU A CD2 1 
ATOM   679  N N   . GLU A 1 84  ? 5.744   10.144  -10.144 1.00 44.90  ? 1062 GLU A N   1 
ATOM   680  C CA  . GLU A 1 84  ? 6.208   9.950   -11.511 1.00 48.01  ? 1062 GLU A CA  1 
ATOM   681  C C   . GLU A 1 84  ? 5.206   10.495  -12.517 1.00 45.82  ? 1062 GLU A C   1 
ATOM   682  O O   . GLU A 1 84  ? 5.578   11.175  -13.479 1.00 47.92  ? 1062 GLU A O   1 
ATOM   683  C CB  . GLU A 1 84  ? 6.429   8.460   -11.732 1.00 46.18  ? 1062 GLU A CB  1 
ATOM   684  C CG  . GLU A 1 84  ? 7.420   8.067   -12.776 1.00 62.18  ? 1062 GLU A CG  1 
ATOM   685  C CD  . GLU A 1 84  ? 7.482   6.556   -12.872 1.00 65.78  ? 1062 GLU A CD  1 
ATOM   686  O OE1 . GLU A 1 84  ? 7.012   6.002   -13.889 1.00 65.67  ? 1062 GLU A OE1 1 
ATOM   687  O OE2 . GLU A 1 84  ? 7.954   5.930   -11.894 1.00 60.77  ? 1062 GLU A OE2 1 
ATOM   688  N N   . TYR A 1 85  ? 3.923   10.202  -12.313 1.00 41.27  ? 1063 TYR A N   1 
ATOM   689  C CA  . TYR A 1 85  ? 2.891   10.658  -13.230 1.00 43.17  ? 1063 TYR A CA  1 
ATOM   690  C C   . TYR A 1 85  ? 2.583   12.147  -13.099 1.00 49.80  ? 1063 TYR A C   1 
ATOM   691  O O   . TYR A 1 85  ? 1.926   12.698  -13.993 1.00 45.36  ? 1063 TYR A O   1 
ATOM   692  C CB  . TYR A 1 85  ? 1.614   9.851   -13.011 1.00 41.21  ? 1063 TYR A CB  1 
ATOM   693  C CG  . TYR A 1 85  ? 0.610   9.975   -14.126 1.00 54.11  ? 1063 TYR A CG  1 
ATOM   694  C CD1 . TYR A 1 85  ? 0.875   9.450   -15.383 1.00 58.44  ? 1063 TYR A CD1 1 
ATOM   695  C CD2 . TYR A 1 85  ? -0.610  10.609  -13.918 1.00 55.34  ? 1063 TYR A CD2 1 
ATOM   696  C CE1 . TYR A 1 85  ? -0.044  9.558   -16.406 1.00 62.93  ? 1063 TYR A CE1 1 
ATOM   697  C CE2 . TYR A 1 85  ? -1.536  10.723  -14.937 1.00 62.31  ? 1063 TYR A CE2 1 
ATOM   698  C CZ  . TYR A 1 85  ? -1.245  10.193  -16.178 1.00 65.00  ? 1063 TYR A CZ  1 
ATOM   699  O OH  . TYR A 1 85  ? -2.160  10.300  -17.196 1.00 74.35  ? 1063 TYR A OH  1 
ATOM   700  N N   . ASN A 1 86  ? 3.037   12.805  -12.028 1.00 42.86  ? 1064 ASN A N   1 
ATOM   701  C CA  . ASN A 1 86  ? 2.687   14.201  -11.733 1.00 43.05  ? 1064 ASN A CA  1 
ATOM   702  C C   . ASN A 1 86  ? 3.931   15.021  -11.423 1.00 39.87  ? 1064 ASN A C   1 
ATOM   703  O O   . ASN A 1 86  ? 4.102   15.510  -10.299 1.00 44.61  ? 1064 ASN A O   1 
ATOM   704  C CB  . ASN A 1 86  ? 1.706   14.275  -10.560 1.00 45.44  ? 1064 ASN A CB  1 
ATOM   705  C CG  . ASN A 1 86  ? 0.337   13.764  -10.915 1.00 42.55  ? 1064 ASN A CG  1 
ATOM   706  O OD1 . ASN A 1 86  ? -0.474  14.492  -11.477 1.00 45.70  ? 1064 ASN A OD1 1 
ATOM   707  N ND2 . ASN A 1 86  ? 0.061   12.496  -10.592 1.00 38.59  ? 1064 ASN A ND2 1 
ATOM   708  N N   . PRO A 1 87  ? 4.821   15.213  -12.404 1.00 41.51  ? 1065 PRO A N   1 
ATOM   709  C CA  . PRO A 1 87  ? 6.066   15.945  -12.145 1.00 44.34  ? 1065 PRO A CA  1 
ATOM   710  C C   . PRO A 1 87  ? 6.006   17.459  -12.347 1.00 44.12  ? 1065 PRO A C   1 
ATOM   711  O O   . PRO A 1 87  ? 6.965   18.139  -11.959 1.00 51.00  ? 1065 PRO A O   1 
ATOM   712  C CB  . PRO A 1 87  ? 7.022   15.311  -13.163 1.00 46.05  ? 1065 PRO A CB  1 
ATOM   713  C CG  . PRO A 1 87  ? 6.130   15.074  -14.343 1.00 44.26  ? 1065 PRO A CG  1 
ATOM   714  C CD  . PRO A 1 87  ? 4.758   14.735  -13.797 1.00 45.54  ? 1065 PRO A CD  1 
ATOM   715  N N   . ASP A 1 88  ? 4.925   18.000  -12.911 1.00 48.75  ? 1066 ASP A N   1 
ATOM   716  C CA  . ASP A 1 88  ? 4.814   19.416  -13.262 1.00 44.26  ? 1066 ASP A CA  1 
ATOM   717  C C   . ASP A 1 88  ? 4.604   20.288  -12.021 1.00 52.70  ? 1066 ASP A C   1 
ATOM   718  O O   . ASP A 1 88  ? 4.201   19.811  -10.955 1.00 44.26  ? 1066 ASP A O   1 
ATOM   719  C CB  . ASP A 1 88  ? 3.655   19.634  -14.241 1.00 50.55  ? 1066 ASP A CB  1 
ATOM   720  C CG  . ASP A 1 88  ? 3.752   18.756  -15.482 1.00 61.46  ? 1066 ASP A CG  1 
ATOM   721  O OD1 . ASP A 1 88  ? 4.884   18.401  -15.873 1.00 57.74  ? 1066 ASP A OD1 1 
ATOM   722  O OD2 . ASP A 1 88  ? 2.697   18.429  -16.076 1.00 64.44  ? 1066 ASP A OD2 1 
ATOM   723  N N   . ARG A 1 89  ? 4.875   21.599  -12.170 1.00 51.76  ? 1067 ARG A N   1 
ATOM   724  C CA  . ARG A 1 89  ? 4.616   22.538  -11.073 1.00 47.89  ? 1067 ARG A CA  1 
ATOM   725  C C   . ARG A 1 89  ? 3.151   22.947  -10.985 1.00 43.38  ? 1067 ARG A C   1 
ATOM   726  O O   . ARG A 1 89  ? 2.766   23.624  -10.022 1.00 44.12  ? 1067 ARG A O   1 
ATOM   727  C CB  . ARG A 1 89  ? 5.508   23.792  -11.177 1.00 48.21  ? 1067 ARG A CB  1 
ATOM   728  C CG  . ARG A 1 89  ? 5.390   24.656  -12.456 1.00 47.30  ? 1067 ARG A CG  1 
ATOM   729  C CD  . ARG A 1 89  ? 4.447   25.861  -12.281 1.00 41.38  ? 1067 ARG A CD  1 
ATOM   730  N NE  . ARG A 1 89  ? 4.653   26.588  -11.023 1.00 41.27  ? 1067 ARG A NE  1 
ATOM   731  C CZ  . ARG A 1 89  ? 3.679   27.211  -10.353 1.00 43.83  ? 1067 ARG A CZ  1 
ATOM   732  N NH1 . ARG A 1 89  ? 2.436   27.216  -10.837 1.00 45.36  ? 1067 ARG A NH1 1 
ATOM   733  N NH2 . ARG A 1 89  ? 3.940   27.825  -9.199  1.00 40.01  ? 1067 ARG A NH2 1 
ATOM   734  N N   . ASP A 1 90  ? 2.343   22.507  -11.943 1.00 35.14  ? 1068 ASP A N   1 
ATOM   735  C CA  . ASP A 1 90  ? 0.924   22.817  -12.008 1.00 39.70  ? 1068 ASP A CA  1 
ATOM   736  C C   . ASP A 1 90  ? 0.218   22.397  -10.712 1.00 48.48  ? 1068 ASP A C   1 
ATOM   737  O O   . ASP A 1 90  ? 0.576   21.374  -10.115 1.00 42.90  ? 1068 ASP A O   1 
ATOM   738  C CB  . ASP A 1 90  ? 0.351   22.082  -13.221 1.00 45.40  ? 1068 ASP A CB  1 
ATOM   739  C CG  . ASP A 1 90  ? -1.129  21.814  -13.128 1.00 59.46  ? 1068 ASP A CG  1 
ATOM   740  O OD1 . ASP A 1 90  ? -1.916  22.733  -12.821 1.00 70.21  ? 1068 ASP A OD1 1 
ATOM   741  O OD2 . ASP A 1 90  ? -1.520  20.651  -13.343 1.00 69.57  ? 1068 ASP A OD2 1 
ATOM   742  N N   . PRO A 1 91  ? -0.765  23.174  -10.237 1.00 40.89  ? 1069 PRO A N   1 
ATOM   743  C CA  . PRO A 1 91  ? -1.429  22.815  -8.967  1.00 41.74  ? 1069 PRO A CA  1 
ATOM   744  C C   . PRO A 1 91  ? -2.117  21.459  -8.974  1.00 40.92  ? 1069 PRO A C   1 
ATOM   745  O O   . PRO A 1 91  ? -2.171  20.816  -7.918  1.00 37.74  ? 1069 PRO A O   1 
ATOM   746  C CB  . PRO A 1 91  ? -2.436  23.963  -8.756  1.00 44.17  ? 1069 PRO A CB  1 
ATOM   747  C CG  . PRO A 1 91  ? -2.456  24.734  -10.069 1.00 43.62  ? 1069 PRO A CG  1 
ATOM   748  C CD  . PRO A 1 91  ? -1.098  24.550  -10.648 1.00 46.21  ? 1069 PRO A CD  1 
ATOM   749  N N   . GLY A 1 92  ? -2.663  21.012  -10.108 1.00 40.11  ? 1070 GLY A N   1 
ATOM   750  C CA  . GLY A 1 92  ? -3.226  19.669  -10.165 1.00 44.98  ? 1070 GLY A CA  1 
ATOM   751  C C   . GLY A 1 92  ? -2.197  18.594  -9.858  1.00 42.02  ? 1070 GLY A C   1 
ATOM   752  O O   . GLY A 1 92  ? -2.468  17.658  -9.097  1.00 42.61  ? 1070 GLY A O   1 
ATOM   753  N N   . ASP A 1 93  ? -1.000  18.723  -10.435 1.00 39.71  ? 1071 ASP A N   1 
ATOM   754  C CA  . ASP A 1 93  ? 0.113   17.837  -10.104 1.00 46.78  ? 1071 ASP A CA  1 
ATOM   755  C C   . ASP A 1 93  ? 0.527   17.985  -8.646  1.00 45.74  ? 1071 ASP A C   1 
ATOM   756  O O   . ASP A 1 93  ? 0.797   16.988  -7.966  1.00 40.75  ? 1071 ASP A O   1 
ATOM   757  C CB  . ASP A 1 93  ? 1.321   18.134  -11.001 1.00 43.79  ? 1071 ASP A CB  1 
ATOM   758  C CG  . ASP A 1 93  ? 1.173   17.575  -12.401 1.00 47.99  ? 1071 ASP A CG  1 
ATOM   759  O OD1 . ASP A 1 93  ? 0.051   17.598  -12.947 1.00 54.17  ? 1071 ASP A OD1 1 
ATOM   760  O OD2 . ASP A 1 93  ? 2.192   17.102  -12.955 1.00 50.13  ? 1071 ASP A OD2 1 
ATOM   761  N N   . ARG A 1 94  ? 0.624   19.224  -8.157  1.00 37.44  ? 1072 ARG A N   1 
ATOM   762  C CA  . ARG A 1 94  ? 1.113   19.430  -6.797  1.00 38.71  ? 1072 ARG A CA  1 
ATOM   763  C C   . ARG A 1 94  ? 0.141   18.864  -5.764  1.00 40.55  ? 1072 ARG A C   1 
ATOM   764  O O   . ARG A 1 94  ? 0.573   18.355  -4.718  1.00 39.60  ? 1072 ARG A O   1 
ATOM   765  C CB  . ARG A 1 94  ? 1.378   20.919  -6.543  1.00 41.12  ? 1072 ARG A CB  1 
ATOM   766  C CG  . ARG A 1 94  ? 2.106   21.183  -5.220  1.00 49.74  ? 1072 ARG A CG  1 
ATOM   767  C CD  . ARG A 1 94  ? 2.544   22.637  -5.026  1.00 55.46  ? 1072 ARG A CD  1 
ATOM   768  N NE  . ARG A 1 94  ? 3.979   22.799  -5.265  1.00 71.13  ? 1072 ARG A NE  1 
ATOM   769  C CZ  . ARG A 1 94  ? 4.897   22.965  -4.315  1.00 62.78  ? 1072 ARG A CZ  1 
ATOM   770  N NH1 . ARG A 1 94  ? 4.547   23.002  -3.036  1.00 59.72  ? 1072 ARG A NH1 1 
ATOM   771  N NH2 . ARG A 1 94  ? 6.172   23.100  -4.646  1.00 67.77  ? 1072 ARG A NH2 1 
ATOM   772  N N   . LEU A 1 95  ? -1.160  18.912  -6.055  1.00 37.59  ? 1073 LEU A N   1 
ATOM   773  C CA  . LEU A 1 95  ? -2.152  18.363  -5.139  1.00 38.19  ? 1073 LEU A CA  1 
ATOM   774  C C   . LEU A 1 95  ? -2.030  16.845  -5.045  1.00 36.76  ? 1073 LEU A C   1 
ATOM   775  O O   . LEU A 1 95  ? -2.026  16.281  -3.945  1.00 33.73  ? 1073 LEU A O   1 
ATOM   776  C CB  . LEU A 1 95  ? -3.551  18.763  -5.587  1.00 35.13  ? 1073 LEU A CB  1 
ATOM   777  C CG  . LEU A 1 95  ? -4.741  18.205  -4.797  1.00 33.26  ? 1073 LEU A CG  1 
ATOM   778  C CD1 . LEU A 1 95  ? -4.715  18.680  -3.349  1.00 34.10  ? 1073 LEU A CD1 1 
ATOM   779  C CD2 . LEU A 1 95  ? -6.059  18.565  -5.466  1.00 38.74  ? 1073 LEU A CD2 1 
ATOM   780  N N   . ILE A 1 96  ? -1.912  16.167  -6.190  1.00 35.43  ? 1074 ILE A N   1 
ATOM   781  C CA  . ILE A 1 96  ? -1.776  14.710  -6.154  1.00 39.50  ? 1074 ILE A CA  1 
ATOM   782  C C   . ILE A 1 96  ? -0.491  14.311  -5.438  1.00 38.34  ? 1074 ILE A C   1 
ATOM   783  O O   . ILE A 1 96  ? -0.484  13.375  -4.623  1.00 38.61  ? 1074 ILE A O   1 
ATOM   784  C CB  . ILE A 1 96  ? -1.849  14.108  -7.571  1.00 41.22  ? 1074 ILE A CB  1 
ATOM   785  C CG1 . ILE A 1 96  ? -3.152  14.500  -8.264  1.00 44.21  ? 1074 ILE A CG1 1 
ATOM   786  C CG2 . ILE A 1 96  ? -1.729  12.566  -7.506  1.00 37.30  ? 1074 ILE A CG2 1 
ATOM   787  C CD1 . ILE A 1 96  ? -4.397  14.209  -7.455  1.00 47.82  ? 1074 ILE A CD1 1 
ATOM   788  N N   . ARG A 1 97  ? 0.612   15.013  -5.718  1.00 35.63  ? 1075 ARG A N   1 
ATOM   789  C CA  . ARG A 1 97  ? 1.879   14.704  -5.052  1.00 39.02  ? 1075 ARG A CA  1 
ATOM   790  C C   . ARG A 1 97  ? 1.766   14.858  -3.542  1.00 42.43  ? 1075 ARG A C   1 
ATOM   791  O O   . ARG A 1 97  ? 2.305   14.042  -2.780  1.00 34.15  ? 1075 ARG A O   1 
ATOM   792  C CB  . ARG A 1 97  ? 2.999   15.612  -5.569  1.00 45.09  ? 1075 ARG A CB  1 
ATOM   793  C CG  . ARG A 1 97  ? 3.497   15.299  -6.985  1.00 41.33  ? 1075 ARG A CG  1 
ATOM   794  C CD  . ARG A 1 97  ? 4.933   15.805  -7.187  1.00 40.44  ? 1075 ARG A CD  1 
ATOM   795  N NE  . ARG A 1 97  ? 5.107   17.227  -6.882  1.00 52.69  ? 1075 ARG A NE  1 
ATOM   796  C CZ  . ARG A 1 97  ? 4.931   18.217  -7.760  1.00 54.00  ? 1075 ARG A CZ  1 
ATOM   797  N NH1 . ARG A 1 97  ? 4.562   17.949  -9.008  1.00 45.37  ? 1075 ARG A NH1 1 
ATOM   798  N NH2 . ARG A 1 97  ? 5.121   19.480  -7.389  1.00 53.90  ? 1075 ARG A NH2 1 
ATOM   799  N N   . HIS A 1 98  ? 1.105   15.926  -3.089  1.00 35.28  ? 1076 HIS A N   1 
ATOM   800  C CA  . HIS A 1 98  ? 0.915   16.108  -1.656  1.00 34.77  ? 1076 HIS A CA  1 
ATOM   801  C C   . HIS A 1 98  ? 0.093   14.974  -1.057  1.00 31.26  ? 1076 HIS A C   1 
ATOM   802  O O   . HIS A 1 98  ? 0.402   14.482  0.035   1.00 36.78  ? 1076 HIS A O   1 
ATOM   803  C CB  . HIS A 1 98  ? 0.235   17.446  -1.385  1.00 32.57  ? 1076 HIS A CB  1 
ATOM   804  C CG  . HIS A 1 98  ? 0.257   17.840  0.054   1.00 37.20  ? 1076 HIS A CG  1 
ATOM   805  N ND1 . HIS A 1 98  ? -0.758  17.514  0.931   1.00 38.18  ? 1076 HIS A ND1 1 
ATOM   806  C CD2 . HIS A 1 98  ? 1.172   18.530  0.774   1.00 38.15  ? 1076 HIS A CD2 1 
ATOM   807  C CE1 . HIS A 1 98  ? -0.464  17.988  2.130   1.00 35.76  ? 1076 HIS A CE1 1 
ATOM   808  N NE2 . HIS A 1 98  ? 0.698   18.612  2.060   1.00 40.43  ? 1076 HIS A NE2 1 
ATOM   809  N N   . ARG A 1 99  ? -0.969  14.566  -1.740  1.00 30.73  ? 1077 ARG A N   1 
ATOM   810  C CA  . ARG A 1 99  ? -1.810  13.496  -1.209  1.00 34.40  ? 1077 ARG A CA  1 
ATOM   811  C C   . ARG A 1 99  ? -1.064  12.170  -1.201  1.00 39.22  ? 1077 ARG A C   1 
ATOM   812  O O   . ARG A 1 99  ? -1.231  11.356  -0.280  1.00 35.14  ? 1077 ARG A O   1 
ATOM   813  C CB  . ARG A 1 99  ? -3.080  13.367  -2.037  1.00 32.85  ? 1077 ARG A CB  1 
ATOM   814  C CG  . ARG A 1 99  ? -4.037  14.526  -1.847  1.00 33.22  ? 1077 ARG A CG  1 
ATOM   815  C CD  . ARG A 1 99  ? -5.089  14.506  -2.903  1.00 36.44  ? 1077 ARG A CD  1 
ATOM   816  N NE  . ARG A 1 99  ? -6.165  15.426  -2.570  1.00 40.52  ? 1077 ARG A NE  1 
ATOM   817  C CZ  . ARG A 1 99  ? -7.195  15.681  -3.363  1.00 41.82  ? 1077 ARG A CZ  1 
ATOM   818  N NH1 . ARG A 1 99  ? -7.281  15.088  -4.543  1.00 39.09  ? 1077 ARG A NH1 1 
ATOM   819  N NH2 . ARG A 1 99  ? -8.135  16.529  -2.969  1.00 42.58  ? 1077 ARG A NH2 1 
ATOM   820  N N   . ALA A 1 100 ? -0.244  11.939  -2.223  1.00 31.96  ? 1078 ALA A N   1 
ATOM   821  C CA  . ALA A 1 100 ? 0.521   10.697  -2.298  1.00 37.54  ? 1078 ALA A CA  1 
ATOM   822  C C   . ALA A 1 100 ? 1.532   10.606  -1.167  1.00 37.25  ? 1078 ALA A C   1 
ATOM   823  O O   . ALA A 1 100 ? 1.671   9.548   -0.534  1.00 38.35  ? 1078 ALA A O   1 
ATOM   824  C CB  . ALA A 1 100 ? 1.209   10.586  -3.662  1.00 37.94  ? 1078 ALA A CB  1 
ATOM   825  N N   . CYS A 1 101 ? 2.223   11.708  -0.872  1.00 35.43  ? 1079 CYS A N   1 
ATOM   826  C CA  . CYS A 1 101 ? 3.155   11.692  0.241   1.00 38.05  ? 1079 CYS A CA  1 
ATOM   827  C C   . CYS A 1 101 ? 2.427   11.565  1.565   1.00 40.02  ? 1079 CYS A C   1 
ATOM   828  O O   . CYS A 1 101 ? 2.957   10.950  2.500   1.00 36.58  ? 1079 CYS A O   1 
ATOM   829  C CB  . CYS A 1 101 ? 4.025   12.940  0.215   1.00 42.36  ? 1079 CYS A CB  1 
ATOM   830  S SG  . CYS A 1 101 ? 5.145   12.894  -1.201  1.00 49.08  ? 1079 CYS A SG  1 
ATOM   831  N N   . ALA A 1 102 ? 1.214   12.119  1.659   1.00 32.93  ? 1080 ALA A N   1 
ATOM   832  C CA  . ALA A 1 102 ? 0.437   11.975  2.886   1.00 34.88  ? 1080 ALA A CA  1 
ATOM   833  C C   . ALA A 1 102 ? -0.029  10.534  3.064   1.00 34.43  ? 1080 ALA A C   1 
ATOM   834  O O   . ALA A 1 102 ? -0.066  10.023  4.190   1.00 35.46  ? 1080 ALA A O   1 
ATOM   835  C CB  . ALA A 1 102 ? -0.756  12.934  2.884   1.00 34.43  ? 1080 ALA A CB  1 
ATOM   836  N N   . LEU A 1 103 ? -0.391  9.867   1.967   1.00 33.59  ? 1081 LEU A N   1 
ATOM   837  C CA  . LEU A 1 103 ? -0.746  8.453   2.047   1.00 33.50  ? 1081 LEU A CA  1 
ATOM   838  C C   . LEU A 1 103 ? 0.423   7.635   2.576   1.00 36.14  ? 1081 LEU A C   1 
ATOM   839  O O   . LEU A 1 103 ? 0.258   6.824   3.497   1.00 31.98  ? 1081 LEU A O   1 
ATOM   840  C CB  . LEU A 1 103 ? -1.181  7.937   0.679   1.00 33.45  ? 1081 LEU A CB  1 
ATOM   841  C CG  . LEU A 1 103 ? -1.390  6.415   0.631   1.00 41.03  ? 1081 LEU A CG  1 
ATOM   842  C CD1 . LEU A 1 103 ? -2.699  6.072   1.290   1.00 42.49  ? 1081 LEU A CD1 1 
ATOM   843  C CD2 . LEU A 1 103 ? -1.372  5.938   -0.794  1.00 49.08  ? 1081 LEU A CD2 1 
ATOM   844  N N   . ARG A 1 104 ? 1.616   7.847   2.005   1.00 33.57  ? 1082 ARG A N   1 
ATOM   845  C CA  A ARG A 1 104 ? 2.808   7.126   2.453   0.56 39.82  ? 1082 ARG A CA  1 
ATOM   846  C CA  B ARG A 1 104 ? 2.807   7.126   2.451   0.44 40.04  ? 1082 ARG A CA  1 
ATOM   847  C C   . ARG A 1 104 ? 3.116   7.422   3.912   1.00 41.32  ? 1082 ARG A C   1 
ATOM   848  O O   . ARG A 1 104 ? 3.352   6.501   4.712   1.00 36.67  ? 1082 ARG A O   1 
ATOM   849  C CB  A ARG A 1 104 ? 4.017   7.489   1.590   0.56 37.59  ? 1082 ARG A CB  1 
ATOM   850  C CB  B ARG A 1 104 ? 3.998   7.495   1.565   0.44 37.35  ? 1082 ARG A CB  1 
ATOM   851  C CG  A ARG A 1 104 ? 5.346   7.011   2.182   0.56 42.34  ? 1082 ARG A CG  1 
ATOM   852  C CG  B ARG A 1 104 ? 5.258   6.686   1.833   0.44 42.53  ? 1082 ARG A CG  1 
ATOM   853  C CD  A ARG A 1 104 ? 6.532   7.855   1.718   0.56 48.20  ? 1082 ARG A CD  1 
ATOM   854  C CD  B ARG A 1 104 ? 6.378   7.058   0.868   0.44 43.33  ? 1082 ARG A CD  1 
ATOM   855  N NE  A ARG A 1 104 ? 6.465   9.225   2.226   0.56 46.68  ? 1082 ARG A NE  1 
ATOM   856  N NE  B ARG A 1 104 ? 7.547   6.197   1.042   0.44 46.49  ? 1082 ARG A NE  1 
ATOM   857  C CZ  A ARG A 1 104 ? 6.884   10.286  1.549   0.56 44.44  ? 1082 ARG A CZ  1 
ATOM   858  C CZ  B ARG A 1 104 ? 8.605   6.504   1.789   0.44 49.83  ? 1082 ARG A CZ  1 
ATOM   859  N NH1 A ARG A 1 104 ? 7.402   10.136  0.335   0.56 54.37  ? 1082 ARG A NH1 1 
ATOM   860  N NH1 B ARG A 1 104 ? 8.653   7.663   2.435   0.44 51.33  ? 1082 ARG A NH1 1 
ATOM   861  N NH2 A ARG A 1 104 ? 6.787   11.495  2.081   0.56 46.06  ? 1082 ARG A NH2 1 
ATOM   862  N NH2 B ARG A 1 104 ? 9.618   5.652   1.891   0.44 50.61  ? 1082 ARG A NH2 1 
ATOM   863  N N   . ASP A 1 105 ? 3.139   8.711   4.279   1.00 35.32  ? 1083 ASP A N   1 
ATOM   864  C CA  . ASP A 1 105 ? 3.448   9.094   5.653   1.00 35.80  ? 1083 ASP A CA  1 
ATOM   865  C C   . ASP A 1 105 ? 2.433   8.529   6.639   1.00 33.85  ? 1083 ASP A C   1 
ATOM   866  O O   . ASP A 1 105 ? 2.796   8.131   7.754   1.00 34.82  ? 1083 ASP A O   1 
ATOM   867  C CB  . ASP A 1 105 ? 3.501   10.614  5.779   1.00 41.31  ? 1083 ASP A CB  1 
ATOM   868  C CG  . ASP A 1 105 ? 4.697   11.223  5.048   1.00 53.63  ? 1083 ASP A CG  1 
ATOM   869  O OD1 . ASP A 1 105 ? 5.601   10.469  4.621   1.00 47.36  ? 1083 ASP A OD1 1 
ATOM   870  O OD2 . ASP A 1 105 ? 4.739   12.464  4.929   1.00 54.00  ? 1083 ASP A OD2 1 
ATOM   871  N N   . THR A 1 106 ? 1.155   8.509   6.257   1.00 31.96  ? 1084 THR A N   1 
ATOM   872  C CA  . THR A 1 106 ? 0.128   8.003   7.162   1.00 33.30  ? 1084 THR A CA  1 
ATOM   873  C C   . THR A 1 106 ? 0.303   6.507   7.401   1.00 33.99  ? 1084 THR A C   1 
ATOM   874  O O   . THR A 1 106 ? 0.211   6.033   8.541   1.00 31.60  ? 1084 THR A O   1 
ATOM   875  C CB  . THR A 1 106 ? -1.268  8.305   6.598   1.00 35.50  ? 1084 THR A CB  1 
ATOM   876  O OG1 . THR A 1 106 ? -1.456  9.733   6.509   1.00 35.28  ? 1084 THR A OG1 1 
ATOM   877  C CG2 . THR A 1 106 ? -2.345  7.729   7.500   1.00 32.14  ? 1084 THR A CG2 1 
ATOM   878  N N   . ALA A 1 107 ? 0.544   5.745   6.330   1.00 29.15  ? 1085 ALA A N   1 
ATOM   879  C CA  . ALA A 1 107 ? 0.755   4.302   6.478   1.00 33.68  ? 1085 ALA A CA  1 
ATOM   880  C C   . ALA A 1 107 ? 1.954   4.009   7.376   1.00 33.53  ? 1085 ALA A C   1 
ATOM   881  O O   . ALA A 1 107 ? 1.885   3.157   8.274   1.00 32.23  ? 1085 ALA A O   1 
ATOM   882  C CB  . ALA A 1 107 ? 0.942   3.660   5.099   1.00 31.93  ? 1085 ALA A CB  1 
ATOM   883  N N   . TYR A 1 108 ? 3.072   4.709   7.156   1.00 30.54  ? 1086 TYR A N   1 
ATOM   884  C CA  . TYR A 1 108 ? 4.256   4.472   7.978   1.00 33.97  ? 1086 TYR A CA  1 
ATOM   885  C C   . TYR A 1 108 ? 4.005   4.841   9.441   1.00 34.92  ? 1086 TYR A C   1 
ATOM   886  O O   . TYR A 1 108 ? 4.491   4.158   10.350  1.00 36.83  ? 1086 TYR A O   1 
ATOM   887  C CB  . TYR A 1 108 ? 5.453   5.246   7.407   1.00 38.10  ? 1086 TYR A CB  1 
ATOM   888  C CG  . TYR A 1 108 ? 6.209   4.475   6.337   1.00 38.89  ? 1086 TYR A CG  1 
ATOM   889  C CD1 . TYR A 1 108 ? 5.791   4.482   5.009   1.00 39.94  ? 1086 TYR A CD1 1 
ATOM   890  C CD2 . TYR A 1 108 ? 7.335   3.718   6.663   1.00 46.44  ? 1086 TYR A CD2 1 
ATOM   891  C CE1 . TYR A 1 108 ? 6.478   3.773   4.030   1.00 38.03  ? 1086 TYR A CE1 1 
ATOM   892  C CE2 . TYR A 1 108 ? 8.023   3.007   5.698   1.00 39.82  ? 1086 TYR A CE2 1 
ATOM   893  C CZ  . TYR A 1 108 ? 7.596   3.039   4.389   1.00 40.66  ? 1086 TYR A CZ  1 
ATOM   894  O OH  . TYR A 1 108 ? 8.288   2.330   3.444   1.00 43.06  ? 1086 TYR A OH  1 
ATOM   895  N N   . ALA A 1 109 ? 3.235   5.908   9.689   1.00 33.73  ? 1087 ALA A N   1 
ATOM   896  C CA  . ALA A 1 109 ? 2.975   6.334   11.062  1.00 38.99  ? 1087 ALA A CA  1 
ATOM   897  C C   . ALA A 1 109 ? 2.079   5.343   11.796  1.00 36.98  ? 1087 ALA A C   1 
ATOM   898  O O   . ALA A 1 109 ? 2.285   5.081   12.989  1.00 33.00  ? 1087 ALA A O   1 
ATOM   899  C CB  . ALA A 1 109 ? 2.348   7.731   11.079  1.00 40.47  ? 1087 ALA A CB  1 
ATOM   900  N N   . ILE A 1 110 ? 1.074   4.792   11.106  1.00 31.43  ? 1088 ILE A N   1 
ATOM   901  C CA  . ILE A 1 110 ? 0.211   3.784   11.724  1.00 31.62  ? 1088 ILE A CA  1 
ATOM   902  C C   . ILE A 1 110 ? 1.035   2.566   12.104  1.00 34.45  ? 1088 ILE A C   1 
ATOM   903  O O   . ILE A 1 110 ? 0.942   2.058   13.227  1.00 31.54  ? 1088 ILE A O   1 
ATOM   904  C CB  . ILE A 1 110 ? -0.950  3.408   10.781  1.00 31.33  ? 1088 ILE A CB  1 
ATOM   905  C CG1 . ILE A 1 110 ? -1.976  4.546   10.700  1.00 32.45  ? 1088 ILE A CG1 1 
ATOM   906  C CG2 . ILE A 1 110 ? -1.631  2.103   11.234  1.00 32.04  ? 1088 ILE A CG2 1 
ATOM   907  C CD1 . ILE A 1 110 ? -3.001  4.354   9.582   1.00 28.24  ? 1088 ILE A CD1 1 
ATOM   908  N N   . ILE A 1 111 ? 1.891   2.117   11.185  1.00 32.13  ? 1089 ILE A N   1 
ATOM   909  C CA  . ILE A 1 111 ? 2.723   0.937   11.433  1.00 35.28  ? 1089 ILE A CA  1 
ATOM   910  C C   . ILE A 1 111 ? 3.696   1.197   12.586  1.00 35.80  ? 1089 ILE A C   1 
ATOM   911  O O   . ILE A 1 111 ? 3.894   0.340   13.461  1.00 37.71  ? 1089 ILE A O   1 
ATOM   912  C CB  . ILE A 1 111 ? 3.454   0.522   10.135  1.00 36.39  ? 1089 ILE A CB  1 
ATOM   913  C CG1 . ILE A 1 111 ? 2.628   -0.440  9.295   1.00 41.40  ? 1089 ILE A CG1 1 
ATOM   914  C CG2 . ILE A 1 111 ? 4.757   -0.227  10.457  1.00 43.12  ? 1089 ILE A CG2 1 
ATOM   915  C CD1 . ILE A 1 111 ? 1.273   0.004   8.948   1.00 47.43  ? 1089 ILE A CD1 1 
ATOM   916  N N   . LYS A 1 112 ? 4.289   2.390   12.633  1.00 37.04  ? 1090 LYS A N   1 
ATOM   917  C CA  . LYS A 1 112 ? 5.220   2.716   13.715  1.00 36.70  ? 1090 LYS A CA  1 
ATOM   918  C C   . LYS A 1 112 ? 4.538   2.699   15.080  1.00 41.38  ? 1090 LYS A C   1 
ATOM   919  O O   . LYS A 1 112 ? 5.138   2.272   16.075  1.00 41.48  ? 1090 LYS A O   1 
ATOM   920  C CB  . LYS A 1 112 ? 5.858   4.083   13.474  1.00 46.53  ? 1090 LYS A CB  1 
ATOM   921  C CG  . LYS A 1 112 ? 6.825   4.513   14.575  1.00 48.11  ? 1090 LYS A CG  1 
ATOM   922  C CD  . LYS A 1 112 ? 7.781   5.595   14.092  1.00 60.58  ? 1090 LYS A CD  1 
ATOM   923  C CE  . LYS A 1 112 ? 8.866   5.902   15.132  1.00 65.24  ? 1090 LYS A CE  1 
ATOM   924  N NZ  . LYS A 1 112 ? 8.370   6.773   16.236  1.00 66.22  ? 1090 LYS A NZ  1 
ATOM   925  N N   . GLU A 1 113 ? 3.293   3.170   15.155  1.00 37.06  ? 1091 GLU A N   1 
ATOM   926  C CA  . GLU A 1 113 ? 2.588   3.232   16.426  1.00 34.21  ? 1091 GLU A CA  1 
ATOM   927  C C   . GLU A 1 113 ? 1.914   1.924   16.810  1.00 37.46  ? 1091 GLU A C   1 
ATOM   928  O O   . GLU A 1 113 ? 1.701   1.687   18.006  1.00 37.27  ? 1091 GLU A O   1 
ATOM   929  C CB  . GLU A 1 113 ? 1.519   4.332   16.400  1.00 40.99  ? 1091 GLU A CB  1 
ATOM   930  C CG  . GLU A 1 113 ? 1.974   5.653   17.031  1.00 55.82  ? 1091 GLU A CG  1 
ATOM   931  C CD  . GLU A 1 113 ? 0.811   6.568   17.394  1.00 67.30  ? 1091 GLU A CD  1 
ATOM   932  O OE1 . GLU A 1 113 ? -0.284  6.394   16.806  1.00 66.38  ? 1091 GLU A OE1 1 
ATOM   933  O OE2 . GLU A 1 113 ? 0.989   7.451   18.272  1.00 69.96  ? 1091 GLU A OE2 1 
ATOM   934  N N   . GLU A 1 114 ? 1.562   1.074   15.842  1.00 31.27  ? 1092 GLU A N   1 
ATOM   935  C CA  . GLU A 1 114 ? 0.680   -0.046  16.131  1.00 30.86  ? 1092 GLU A CA  1 
ATOM   936  C C   . GLU A 1 114 ? 1.261   -1.431  15.855  1.00 35.16  ? 1092 GLU A C   1 
ATOM   937  O O   . GLU A 1 114 ? 0.675   -2.418  16.314  1.00 35.79  ? 1092 GLU A O   1 
ATOM   938  C CB  . GLU A 1 114 ? -0.639  0.114   15.353  1.00 33.26  ? 1092 GLU A CB  1 
ATOM   939  C CG  . GLU A 1 114 ? -1.335  1.452   15.661  1.00 33.38  ? 1092 GLU A CG  1 
ATOM   940  C CD  . GLU A 1 114 ? -2.639  1.622   14.897  1.00 38.71  ? 1092 GLU A CD  1 
ATOM   941  O OE1 . GLU A 1 114 ? -3.201  0.599   14.457  1.00 37.31  ? 1092 GLU A OE1 1 
ATOM   942  O OE2 . GLU A 1 114 ? -3.095  2.774   14.728  1.00 36.74  ? 1092 GLU A OE2 1 
ATOM   943  N N   . LEU A 1 115 ? 2.372   -1.551  15.141  1.00 36.74  ? 1093 LEU A N   1 
ATOM   944  C CA  . LEU A 1 115 ? 2.964   -2.862  14.874  1.00 39.57  ? 1093 LEU A CA  1 
ATOM   945  C C   . LEU A 1 115 ? 4.126   -3.105  15.834  1.00 39.11  ? 1093 LEU A C   1 
ATOM   946  O O   . LEU A 1 115 ? 5.105   -2.354  15.823  1.00 41.14  ? 1093 LEU A O   1 
ATOM   947  C CB  . LEU A 1 115 ? 3.442   -2.973  13.426  1.00 45.28  ? 1093 LEU A CB  1 
ATOM   948  C CG  . LEU A 1 115 ? 3.985   -4.352  13.009  1.00 48.69  ? 1093 LEU A CG  1 
ATOM   949  C CD1 . LEU A 1 115 ? 2.890   -5.255  12.477  1.00 45.80  ? 1093 LEU A CD1 1 
ATOM   950  C CD2 . LEU A 1 115 ? 5.138   -4.177  12.027  1.00 53.74  ? 1093 LEU A CD2 1 
ATOM   951  N N   . ASP A 1 116 ? 4.016   -4.150  16.664  1.00 42.41  ? 1094 ASP A N   1 
ATOM   952  C CA  . ASP A 1 116 ? 5.136   -4.529  17.525  1.00 39.59  ? 1094 ASP A CA  1 
ATOM   953  C C   . ASP A 1 116 ? 6.284   -5.026  16.660  1.00 36.79  ? 1094 ASP A C   1 
ATOM   954  O O   . ASP A 1 116 ? 6.081   -5.848  15.755  1.00 36.48  ? 1094 ASP A O   1 
ATOM   955  C CB  . ASP A 1 116 ? 4.703   -5.611  18.525  1.00 45.28  ? 1094 ASP A CB  1 
ATOM   956  C CG  . ASP A 1 116 ? 5.718   -5.830  19.649  1.00 51.99  ? 1094 ASP A CG  1 
ATOM   957  O OD1 . ASP A 1 116 ? 6.937   -5.918  19.380  1.00 51.74  ? 1094 ASP A OD1 1 
ATOM   958  O OD2 . ASP A 1 116 ? 5.291   -5.925  20.816  1.00 52.87  ? 1094 ASP A OD2 1 
ATOM   959  N N   . GLU A 1 117 ? 7.487   -4.503  16.925  1.00 34.84  ? 1095 GLU A N   1 
ATOM   960  C CA  . GLU A 1 117 ? 8.660   -4.847  16.127  1.00 40.91  ? 1095 GLU A CA  1 
ATOM   961  C C   . GLU A 1 117 ? 8.992   -6.332  16.232  1.00 40.68  ? 1095 GLU A C   1 
ATOM   962  O O   . GLU A 1 117 ? 9.568   -6.910  15.303  1.00 38.54  ? 1095 GLU A O   1 
ATOM   963  C CB  . GLU A 1 117 ? 9.869   -4.016  16.572  1.00 45.38  ? 1095 GLU A CB  1 
ATOM   964  C CG  . GLU A 1 117 ? 10.281  -4.282  18.020  1.00 60.14  ? 1095 GLU A CG  1 
ATOM   965  C CD  . GLU A 1 117 ? 11.574  -3.595  18.454  1.00 76.66  ? 1095 GLU A CD  1 
ATOM   966  O OE1 . GLU A 1 117 ? 12.058  -3.938  19.559  1.00 77.74  ? 1095 GLU A OE1 1 
ATOM   967  O OE2 . GLU A 1 117 ? 12.101  -2.726  17.720  1.00 79.47  ? 1095 GLU A OE2 1 
ATOM   968  N N   . ASP A 1 118 ? 8.645   -6.961  17.357  1.00 39.78  ? 1096 ASP A N   1 
ATOM   969  C CA  . ASP A 1 118 ? 8.892   -8.392  17.512  1.00 40.08  ? 1096 ASP A CA  1 
ATOM   970  C C   . ASP A 1 118 ? 7.954   -9.207  16.640  1.00 39.28  ? 1096 ASP A C   1 
ATOM   971  O O   . ASP A 1 118 ? 8.324   -10.289 16.168  1.00 35.31  ? 1096 ASP A O   1 
ATOM   972  C CB  . ASP A 1 118 ? 8.737   -8.799  18.982  1.00 38.35  ? 1096 ASP A CB  1 
ATOM   973  C CG  . ASP A 1 118 ? 9.899   -8.339  19.836  1.00 46.78  ? 1096 ASP A CG  1 
ATOM   974  O OD1 . ASP A 1 118 ? 10.973  -8.062  19.273  1.00 51.53  ? 1096 ASP A OD1 1 
ATOM   975  O OD2 . ASP A 1 118 ? 9.732   -8.231  21.066  1.00 52.98  ? 1096 ASP A OD2 1 
ATOM   976  N N   . PHE A 1 119 ? 6.730   -8.714  16.426  1.00 36.01  ? 1097 PHE A N   1 
ATOM   977  C CA  . PHE A 1 119 ? 5.825   -9.415  15.530  1.00 33.96  ? 1097 PHE A CA  1 
ATOM   978  C C   . PHE A 1 119 ? 6.357   -9.376  14.102  1.00 32.70  ? 1097 PHE A C   1 
ATOM   979  O O   . PHE A 1 119 ? 6.361   -10.398 13.404  1.00 35.93  ? 1097 PHE A O   1 
ATOM   980  C CB  . PHE A 1 119 ? 4.410   -8.822  15.614  1.00 33.18  ? 1097 PHE A CB  1 
ATOM   981  C CG  . PHE A 1 119 ? 3.404   -9.542  14.743  1.00 36.39  ? 1097 PHE A CG  1 
ATOM   982  C CD1 . PHE A 1 119 ? 2.709   -10.639 15.221  1.00 37.46  ? 1097 PHE A CD1 1 
ATOM   983  C CD2 . PHE A 1 119 ? 3.188   -9.138  13.429  1.00 36.40  ? 1097 PHE A CD2 1 
ATOM   984  C CE1 . PHE A 1 119 ? 1.808   -11.319 14.412  1.00 35.83  ? 1097 PHE A CE1 1 
ATOM   985  C CE2 . PHE A 1 119 ? 2.285   -9.804  12.619  1.00 33.38  ? 1097 PHE A CE2 1 
ATOM   986  C CZ  . PHE A 1 119 ? 1.596   -10.902 13.110  1.00 36.65  ? 1097 PHE A CZ  1 
ATOM   987  N N   . GLU A 1 120 ? 6.834   -8.215  13.659  1.00 35.48  ? 1098 GLU A N   1 
ATOM   988  C CA  . GLU A 1 120 ? 7.403   -8.132  12.319  1.00 36.54  ? 1098 GLU A CA  1 
ATOM   989  C C   . GLU A 1 120 ? 8.658   -8.990  12.198  1.00 36.60  ? 1098 GLU A C   1 
ATOM   990  O O   . GLU A 1 120 ? 8.865   -9.647  11.175  1.00 35.73  ? 1098 GLU A O   1 
ATOM   991  C CB  . GLU A 1 120 ? 7.711   -6.679  11.970  1.00 41.33  ? 1098 GLU A CB  1 
ATOM   992  C CG  . GLU A 1 120 ? 8.522   -6.483  10.697  1.00 39.70  ? 1098 GLU A CG  1 
ATOM   993  C CD  . GLU A 1 120 ? 7.827   -6.965  9.422   1.00 39.19  ? 1098 GLU A CD  1 
ATOM   994  O OE1 . GLU A 1 120 ? 6.624   -7.293  9.453   1.00 38.84  ? 1098 GLU A OE1 1 
ATOM   995  O OE2 . GLU A 1 120 ? 8.498   -7.008  8.362   1.00 44.05  ? 1098 GLU A OE2 1 
ATOM   996  N N   . GLN A 1 121 ? 9.506   -8.990  13.229  1.00 37.76  ? 1099 GLN A N   1 
ATOM   997  C CA  . GLN A 1 121 ? 10.703  -9.830  13.218  1.00 43.19  ? 1099 GLN A CA  1 
ATOM   998  C C   . GLN A 1 121 ? 10.340  -11.297 13.026  1.00 35.14  ? 1099 GLN A C   1 
ATOM   999  O O   . GLN A 1 121 ? 10.972  -11.999 12.227  1.00 38.86  ? 1099 GLN A O   1 
ATOM   1000 C CB  . GLN A 1 121 ? 11.491  -9.634  14.518  1.00 38.45  ? 1099 GLN A CB  1 
ATOM   1001 C CG  . GLN A 1 121 ? 12.842  -10.329 14.536  1.00 42.88  ? 1099 GLN A CG  1 
ATOM   1002 C CD  . GLN A 1 121 ? 13.783  -9.772  13.493  1.00 48.77  ? 1099 GLN A CD  1 
ATOM   1003 O OE1 . GLN A 1 121 ? 13.829  -8.561  13.271  1.00 50.32  ? 1099 GLN A OE1 1 
ATOM   1004 N NE2 . GLN A 1 121 ? 14.537  -10.649 12.844  1.00 50.27  ? 1099 GLN A NE2 1 
ATOM   1005 N N   . LEU A 1 122 ? 9.308   -11.771 13.734  1.00 33.66  ? 1100 LEU A N   1 
ATOM   1006 C CA  . LEU A 1 122 ? 8.850   -13.149 13.578  1.00 33.91  ? 1100 LEU A CA  1 
ATOM   1007 C C   . LEU A 1 122 ? 8.400   -13.424 12.148  1.00 41.88  ? 1100 LEU A C   1 
ATOM   1008 O O   . LEU A 1 122 ? 8.756   -14.454 11.558  1.00 33.03  ? 1100 LEU A O   1 
ATOM   1009 C CB  . LEU A 1 122 ? 7.718   -13.446 14.571  1.00 31.89  ? 1100 LEU A CB  1 
ATOM   1010 C CG  . LEU A 1 122 ? 6.996   -14.793 14.448  1.00 36.70  ? 1100 LEU A CG  1 
ATOM   1011 C CD1 . LEU A 1 122 ? 7.992   -15.970 14.586  1.00 37.03  ? 1100 LEU A CD1 1 
ATOM   1012 C CD2 . LEU A 1 122 ? 5.880   -14.907 15.462  1.00 36.80  ? 1100 LEU A CD2 1 
ATOM   1013 N N   . CYS A 1 123 ? 7.592   -12.521 11.574  1.00 34.75  ? 1101 CYS A N   1 
ATOM   1014 C CA  . CYS A 1 123 ? 7.158   -12.694 10.191  1.00 37.24  ? 1101 CYS A CA  1 
ATOM   1015 C C   . CYS A 1 123 ? 8.355   -12.803 9.250   1.00 33.47  ? 1101 CYS A C   1 
ATOM   1016 O O   . CYS A 1 123 ? 8.374   -13.651 8.347   1.00 37.98  ? 1101 CYS A O   1 
ATOM   1017 C CB  . CYS A 1 123 ? 6.258   -11.525 9.767   1.00 32.32  ? 1101 CYS A CB  1 
ATOM   1018 S SG  . CYS A 1 123 ? 4.620   -11.549 10.512  1.00 36.51  ? 1101 CYS A SG  1 
ATOM   1019 N N   . GLU A 1 124 ? 9.358   -11.952 9.448   1.00 33.95  ? 1102 GLU A N   1 
ATOM   1020 C CA  . GLU A 1 124 ? 10.529  -11.983 8.581   1.00 38.53  ? 1102 GLU A CA  1 
ATOM   1021 C C   . GLU A 1 124 ? 11.301  -13.286 8.745   1.00 46.24  ? 1102 GLU A C   1 
ATOM   1022 O O   . GLU A 1 124 ? 11.755  -13.871 7.755   1.00 42.73  ? 1102 GLU A O   1 
ATOM   1023 C CB  . GLU A 1 124 ? 11.422  -10.782 8.869   1.00 39.24  ? 1102 GLU A CB  1 
ATOM   1024 C CG  . GLU A 1 124 ? 10.770  -9.452  8.462   1.00 45.48  ? 1102 GLU A CG  1 
ATOM   1025 C CD  . GLU A 1 124 ? 11.632  -8.244  8.758   1.00 54.33  ? 1102 GLU A CD  1 
ATOM   1026 O OE1 . GLU A 1 124 ? 12.820  -8.432  9.098   1.00 59.42  ? 1102 GLU A OE1 1 
ATOM   1027 O OE2 . GLU A 1 124 ? 11.121  -7.099  8.655   1.00 54.01  ? 1102 GLU A OE2 1 
ATOM   1028 N N   . GLU A 1 125 ? 11.442  -13.769 9.983   1.00 40.73  ? 1103 GLU A N   1 
ATOM   1029 C CA  . GLU A 1 125 ? 12.185  -15.011 10.192  1.00 43.71  ? 1103 GLU A CA  1 
ATOM   1030 C C   . GLU A 1 125 ? 11.429  -16.213 9.627   1.00 41.19  ? 1103 GLU A C   1 
ATOM   1031 O O   . GLU A 1 125 ? 12.047  -17.127 9.068   1.00 45.02  ? 1103 GLU A O   1 
ATOM   1032 C CB  . GLU A 1 125 ? 12.533  -15.175 11.683  1.00 40.27  ? 1103 GLU A CB  1 
ATOM   1033 C CG  . GLU A 1 125 ? 13.623  -14.170 12.136  1.00 41.80  ? 1103 GLU A CG  1 
ATOM   1034 C CD  . GLU A 1 125 ? 14.061  -14.299 13.601  1.00 43.93  ? 1103 GLU A CD  1 
ATOM   1035 O OE1 . GLU A 1 125 ? 13.724  -15.305 14.256  1.00 43.33  ? 1103 GLU A OE1 1 
ATOM   1036 O OE2 . GLU A 1 125 ? 14.747  -13.378 14.105  1.00 45.22  ? 1103 GLU A OE2 1 
ATOM   1037 N N   . ILE A 1 126 ? 10.096  -16.224 9.708   1.00 37.31  ? 1104 ILE A N   1 
ATOM   1038 C CA  . ILE A 1 126 ? 9.349   -17.285 9.036   1.00 37.32  ? 1104 ILE A CA  1 
ATOM   1039 C C   . ILE A 1 126 ? 9.555   -17.199 7.525   1.00 54.28  ? 1104 ILE A C   1 
ATOM   1040 O O   . ILE A 1 126 ? 9.780   -18.217 6.853   1.00 47.28  ? 1104 ILE A O   1 
ATOM   1041 C CB  . ILE A 1 126 ? 7.856   -17.231 9.396   1.00 39.34  ? 1104 ILE A CB  1 
ATOM   1042 C CG1 . ILE A 1 126 ? 7.637   -17.320 10.909  1.00 38.30  ? 1104 ILE A CG1 1 
ATOM   1043 C CG2 . ILE A 1 126 ? 7.110   -18.372 8.717   1.00 39.91  ? 1104 ILE A CG2 1 
ATOM   1044 C CD1 . ILE A 1 126 ? 6.172   -17.147 11.303  1.00 38.48  ? 1104 ILE A CD1 1 
ATOM   1045 N N   . GLN A 1 127 ? 9.493   -15.984 6.971   1.00 45.17  ? 1105 GLN A N   1 
ATOM   1046 C CA  . GLN A 1 127 ? 9.646   -15.816 5.528   1.00 49.48  ? 1105 GLN A CA  1 
ATOM   1047 C C   . GLN A 1 127 ? 11.016  -16.298 5.058   1.00 49.74  ? 1105 GLN A C   1 
ATOM   1048 O O   . GLN A 1 127 ? 11.119  -17.049 4.081   1.00 52.02  ? 1105 GLN A O   1 
ATOM   1049 C CB  . GLN A 1 127 ? 9.421   -14.349 5.142   1.00 41.28  ? 1105 GLN A CB  1 
ATOM   1050 C CG  . GLN A 1 127 ? 9.394   -14.101 3.626   1.00 48.08  ? 1105 GLN A CG  1 
ATOM   1051 C CD  . GLN A 1 127 ? 9.413   -12.617 3.256   1.00 48.64  ? 1105 GLN A CD  1 
ATOM   1052 O OE1 . GLN A 1 127 ? 10.192  -11.830 3.803   1.00 52.02  ? 1105 GLN A OE1 1 
ATOM   1053 N NE2 . GLN A 1 127 ? 8.537   -12.229 2.333   1.00 46.83  ? 1105 GLN A NE2 1 
ATOM   1054 N N   . GLU A 1 128 ? 12.084  -15.879 5.746   1.00 51.92  ? 1106 GLU A N   1 
ATOM   1055 C CA  . GLU A 1 128 ? 13.435  -16.281 5.359   1.00 48.72  ? 1106 GLU A CA  1 
ATOM   1056 C C   . GLU A 1 128 ? 13.663  -17.783 5.475   1.00 57.18  ? 1106 GLU A C   1 
ATOM   1057 O O   . GLU A 1 128 ? 14.578  -18.312 4.836   1.00 56.39  ? 1106 GLU A O   1 
ATOM   1058 C CB  . GLU A 1 128 ? 14.472  -15.559 6.212   1.00 50.27  ? 1106 GLU A CB  1 
ATOM   1059 C CG  . GLU A 1 128 ? 14.465  -14.047 6.097   1.00 59.22  ? 1106 GLU A CG  1 
ATOM   1060 C CD  . GLU A 1 128 ? 15.130  -13.384 7.292   1.00 68.42  ? 1106 GLU A CD  1 
ATOM   1061 O OE1 . GLU A 1 128 ? 15.657  -14.120 8.160   1.00 69.34  ? 1106 GLU A OE1 1 
ATOM   1062 O OE2 . GLU A 1 128 ? 15.131  -12.130 7.364   1.00 70.16  ? 1106 GLU A OE2 1 
ATOM   1063 N N   . SER A 1 129 ? 12.877  -18.475 6.290   1.00 56.68  ? 1107 SER A N   1 
ATOM   1064 C CA  . SER A 1 129 ? 12.994  -19.921 6.419   1.00 62.76  ? 1107 SER A CA  1 
ATOM   1065 C C   . SER A 1 129 ? 12.302  -20.674 5.291   1.00 62.36  ? 1107 SER A C   1 
ATOM   1066 O O   . SER A 1 129 ? 12.397  -21.904 5.243   1.00 69.09  ? 1107 SER A O   1 
ATOM   1067 C CB  . SER A 1 129 ? 12.421  -20.377 7.762   1.00 54.99  ? 1107 SER A CB  1 
ATOM   1068 O OG  . SER A 1 129 ? 11.030  -20.636 7.651   1.00 57.15  ? 1107 SER A OG  1 
ATOM   1069 N N   . ARG A 1 130 ? 11.606  -19.977 4.396   1.00 62.24  ? 1108 ARG A N   1 
ATOM   1070 C CA  . ARG A 1 130 ? 10.895  -20.628 3.297   1.00 67.96  ? 1108 ARG A CA  1 
ATOM   1071 C C   . ARG A 1 130 ? 11.549  -20.324 1.948   1.00 75.74  ? 1108 ARG A C   1 
ATOM   1072 O O   . ARG A 1 130 ? 12.449  -19.483 1.839   1.00 73.56  ? 1108 ARG A O   1 
ATOM   1073 C CB  . ARG A 1 130 ? 9.424   -20.201 3.279   1.00 66.11  ? 1108 ARG A CB  1 
ATOM   1074 C CG  . ARG A 1 130 ? 8.662   -20.571 4.551   1.00 65.41  ? 1108 ARG A CG  1 
ATOM   1075 C CD  . ARG A 1 130 ? 7.165   -20.315 4.413   1.00 63.72  ? 1108 ARG A CD  1 
ATOM   1076 N NE  . ARG A 1 130 ? 6.424   -20.847 5.556   1.00 61.22  ? 1108 ARG A NE  1 
ATOM   1077 C CZ  . ARG A 1 130 ? 5.107   -20.737 5.713   1.00 61.49  ? 1108 ARG A CZ  1 
ATOM   1078 N NH1 . ARG A 1 130 ? 4.516   -21.253 6.785   1.00 60.96  ? 1108 ARG A NH1 1 
ATOM   1079 N NH2 . ARG A 1 130 ? 4.380   -20.112 4.796   1.00 64.09  ? 1108 ARG A NH2 1 
ATOM   1080 O OXT . ARG A 1 130 ? 11.198  -20.926 0.931   1.00 82.00  ? 1108 ARG A OXT 1 
HETATM 1081 S S   . SO4 B 2 .   ? -8.148  -14.627 6.646   1.00 46.65  ? 1201 SO4 A S   1 
HETATM 1082 O O1  . SO4 B 2 .   ? -8.935  -14.350 7.848   1.00 47.76  ? 1201 SO4 A O1  1 
HETATM 1083 O O2  . SO4 B 2 .   ? -7.550  -15.949 6.754   1.00 42.58  ? 1201 SO4 A O2  1 
HETATM 1084 O O3  . SO4 B 2 .   ? -9.032  -14.588 5.487   1.00 42.85  ? 1201 SO4 A O3  1 
HETATM 1085 O O4  . SO4 B 2 .   ? -7.083  -13.641 6.502   1.00 45.58  ? 1201 SO4 A O4  1 
HETATM 1086 C CAE . G7E C 3 .   ? -8.260  9.400   -10.957 1.00 59.48  ? 1202 G7E A CAE 1 
HETATM 1087 C CAF . G7E C 3 .   ? -6.990  7.837   -12.261 1.00 66.23  ? 1202 G7E A CAF 1 
HETATM 1088 C CAG . G7E C 3 .   ? -7.164  10.263  -10.968 1.00 61.87  ? 1202 G7E A CAG 1 
HETATM 1089 C CAH . G7E C 3 .   ? -5.902  8.695   -12.258 1.00 66.04  ? 1202 G7E A CAH 1 
HETATM 1090 C CAK . G7E C 3 .   ? -9.763  6.108   -8.129  1.00 54.46  ? 1202 G7E A CAK 1 
HETATM 1091 C CAL . G7E C 3 .   ? -11.440 5.232   -9.461  1.00 58.92  ? 1202 G7E A CAL 1 
HETATM 1092 C CAM . G7E C 3 .   ? -8.947  6.701   -9.263  1.00 57.89  ? 1202 G7E A CAM 1 
HETATM 1093 C CAN . G7E C 3 .   ? -10.698 5.556   -10.761 1.00 60.35  ? 1202 G7E A CAN 1 
HETATM 1094 C CAX . G7E C 3 .   ? -9.223  7.256   -11.669 1.00 69.66  ? 1202 G7E A CAX 1 
HETATM 1095 C CAY . G7E C 3 .   ? -8.168  8.170   -11.605 1.00 62.90  ? 1202 G7E A CAY 1 
HETATM 1096 C CAZ . G7E C 3 .   ? -5.969  9.907   -11.582 1.00 57.61  ? 1202 G7E A CAZ 1 
HETATM 1097 N NBE . G7E C 3 .   ? -9.597  6.536   -10.586 1.00 67.33  ? 1202 G7E A NBE 1 
HETATM 1098 O OAD . G7E C 3 .   ? -9.745  7.060   -12.768 1.00 71.57  ? 1202 G7E A OAD 1 
HETATM 1099 O OAT . G7E C 3 .   ? -11.161 6.192   -8.434  1.00 61.84  ? 1202 G7E A OAT 1 
HETATM 1100 C C1  . G7E C 3 .   ? -4.915  10.731  -11.609 1.00 60.40  ? 1202 G7E A C1  1 
HETATM 1101 C C2  . G7E C 3 .   ? -3.649  10.624  -11.104 1.00 56.61  ? 1202 G7E A C2  1 
HETATM 1102 S S1  . G7E C 3 .   ? -5.039  12.179  -12.436 1.00 65.33  ? 1202 G7E A S1  1 
HETATM 1103 N N1  . G7E C 3 .   ? -2.894  11.705  -11.409 1.00 52.38  ? 1202 G7E A N1  1 
HETATM 1104 C C5  . G7E C 3 .   ? -3.517  12.650  -12.130 1.00 58.60  ? 1202 G7E A C5  1 
HETATM 1105 C C6  . G7E C 3 .   ? -3.045  9.657   -10.360 1.00 50.02  ? 1202 G7E A C6  1 
HETATM 1106 C C7  . G7E C 3 .   ? -3.880  8.595   -9.632  1.00 55.18  ? 1202 G7E A C7  1 
HETATM 1107 O O1  . G7E C 3 .   ? -1.818  9.669   -10.193 1.00 44.80  ? 1202 G7E A O1  1 
HETATM 1108 N N2  . G7E C 3 .   ? -2.923  13.773  -12.551 1.00 65.13  ? 1202 G7E A N2  1 
HETATM 1109 C C10 . G7E C 3 .   ? -3.629  14.847  -12.976 1.00 65.08  ? 1202 G7E A C10 1 
HETATM 1110 O O2  . G7E C 3 .   ? -4.855  14.974  -12.980 1.00 62.71  ? 1202 G7E A O2  1 
HETATM 1111 C C12 . G7E C 3 .   ? -2.752  15.988  -13.465 1.00 66.44  ? 1202 G7E A C12 1 
HETATM 1112 C C13 . G7E C 3 .   ? -1.849  15.464  -14.569 1.00 65.64  ? 1202 G7E A C13 1 
HETATM 1113 N N3  . G7E C 3 .   ? -3.615  17.073  -13.959 1.00 69.77  ? 1202 G7E A N3  1 
HETATM 1114 N N4  . G7E C 3 .   ? -0.961  16.542  -15.022 1.00 69.48  ? 1202 G7E A N4  1 
HETATM 1115 C C16 . G7E C 3 .   ? -2.767  18.150  -14.485 1.00 68.93  ? 1202 G7E A C16 1 
HETATM 1116 C C17 . G7E C 3 .   ? -1.796  17.633  -15.545 1.00 67.42  ? 1202 G7E A C17 1 
HETATM 1117 C CAE . G7E D 3 .   ? 1.011   -7.022  19.057  0.74 53.06  ? 1203 G7E A CAE 1 
HETATM 1118 C CAF . G7E D 3 .   ? 1.164   -4.624  18.856  0.74 50.80  ? 1203 G7E A CAF 1 
HETATM 1119 C CAG . G7E D 3 .   ? 0.907   -6.883  20.438  0.74 59.35  ? 1203 G7E A CAG 1 
HETATM 1120 C CAH . G7E D 3 .   ? 1.061   -4.487  20.237  0.74 57.50  ? 1203 G7E A CAH 1 
HETATM 1121 C CAK . G7E D 3 .   ? -0.150  -7.588  14.149  0.74 38.61  ? 1203 G7E A CAK 1 
HETATM 1122 C CAL . G7E D 3 .   ? -2.036  -6.682  15.374  0.74 50.91  ? 1203 G7E A CAL 1 
HETATM 1123 C CAM . G7E D 3 .   ? 0.470   -6.289  14.650  0.74 46.97  ? 1203 G7E A CAM 1 
HETATM 1124 C CAN . G7E D 3 .   ? -1.175  -6.221  16.552  0.74 50.04  ? 1203 G7E A CAN 1 
HETATM 1125 C CAX . G7E D 3 .   ? 1.269   -6.009  16.885  0.74 46.38  ? 1203 G7E A CAX 1 
HETATM 1126 C CAY . G7E D 3 .   ? 1.132   -5.887  18.263  0.74 53.04  ? 1203 G7E A CAY 1 
HETATM 1127 C CAZ . G7E D 3 .   ? 0.934   -5.623  21.031  0.74 69.37  ? 1203 G7E A CAZ 1 
HETATM 1128 N NBE . G7E D 3 .   ? 0.218   -6.136  16.092  0.74 44.16  ? 1203 G7E A NBE 1 
HETATM 1129 O OAD . G7E D 3 .   ? 2.396   -5.968  16.398  0.74 50.15  ? 1203 G7E A OAD 1 
HETATM 1130 O OAT . G7E D 3 .   ? -1.416  -7.849  14.793  0.74 49.30  ? 1203 G7E A OAT 1 
HETATM 1131 O O   . HOH E 4 .   ? 6.790   4.239   -9.594  1.00 43.55  ? 1301 HOH A O   1 
HETATM 1132 O O   . HOH E 4 .   ? 10.059  -21.268 9.790   1.00 55.79  ? 1302 HOH A O   1 
HETATM 1133 O O   . HOH E 4 .   ? 9.483   0.037   0.457   1.00 49.63  ? 1303 HOH A O   1 
HETATM 1134 O O   . HOH E 4 .   ? -4.291  22.188  -12.616 1.00 58.16  ? 1304 HOH A O   1 
HETATM 1135 O O   . HOH E 4 .   ? -5.128  -19.223 11.575  1.00 55.09  ? 1305 HOH A O   1 
HETATM 1136 O O   . HOH E 4 .   ? 4.860   22.836  -7.630  1.00 56.26  ? 1306 HOH A O   1 
HETATM 1137 O O   . HOH E 4 .   ? 14.390  -18.003 9.488   1.00 47.25  ? 1307 HOH A O   1 
HETATM 1138 O O   . HOH E 4 .   ? 2.818   -24.308 7.146   1.00 64.90  ? 1308 HOH A O   1 
HETATM 1139 O O   . HOH E 4 .   ? -3.615  -0.326  -10.071 1.00 50.61  ? 1309 HOH A O   1 
HETATM 1140 O O   . HOH E 4 .   ? -10.942 7.714   0.041   1.00 42.72  ? 1310 HOH A O   1 
HETATM 1141 O O   . HOH E 4 .   ? 14.890  -9.959  8.773   1.00 63.66  ? 1311 HOH A O   1 
HETATM 1142 O O   . HOH E 4 .   ? -10.076 -9.875  -2.116  1.00 50.68  ? 1312 HOH A O   1 
HETATM 1143 O O   . HOH E 4 .   ? 3.979   -5.114  -6.364  1.00 56.33  ? 1313 HOH A O   1 
HETATM 1144 O O   . HOH E 4 .   ? -1.763  -2.789  17.300  1.00 49.33  ? 1314 HOH A O   1 
HETATM 1145 O O   . HOH E 4 .   ? -3.056  11.296  8.162   1.00 54.19  ? 1315 HOH A O   1 
HETATM 1146 O O   . HOH E 4 .   ? 9.014   6.989   4.988   1.00 61.58  ? 1316 HOH A O   1 
HETATM 1147 O O   . HOH E 4 .   ? -0.387  7.361   -9.836  1.00 41.61  ? 1317 HOH A O   1 
HETATM 1148 O O   . HOH E 4 .   ? -5.711  5.906   12.405  1.00 50.12  ? 1318 HOH A O   1 
HETATM 1149 O O   . HOH E 4 .   ? -2.113  5.209   15.203  1.00 46.62  ? 1319 HOH A O   1 
HETATM 1150 O O   . HOH E 4 .   ? -0.429  3.216   -9.721  1.00 40.82  ? 1320 HOH A O   1 
HETATM 1151 O O   . HOH E 4 .   ? 7.885   -22.327 7.396   1.00 59.36  ? 1321 HOH A O   1 
HETATM 1152 O O   . HOH E 4 .   ? 5.991   -23.306 14.237  1.00 64.79  ? 1322 HOH A O   1 
HETATM 1153 O O   . HOH E 4 .   ? -3.061  16.140  1.180   1.00 40.92  ? 1323 HOH A O   1 
HETATM 1154 O O   . HOH E 4 .   ? -7.607  -14.906 3.216   1.00 58.31  ? 1324 HOH A O   1 
HETATM 1155 O O   . HOH E 4 .   ? -10.786 -8.183  2.147   1.00 50.54  ? 1325 HOH A O   1 
HETATM 1156 O O   . HOH E 4 .   ? 8.157   0.207   -3.934  1.00 39.22  ? 1326 HOH A O   1 
HETATM 1157 O O   . HOH E 4 .   ? 0.560   -10.174 18.334  1.00 39.66  ? 1327 HOH A O   1 
HETATM 1158 O O   . HOH E 4 .   ? -9.300  6.796   8.218   1.00 46.90  ? 1328 HOH A O   1 
HETATM 1159 O O   . HOH E 4 .   ? -2.974  4.521   -7.231  1.00 39.44  ? 1329 HOH A O   1 
HETATM 1160 O O   . HOH E 4 .   ? -8.995  -6.583  9.512   1.00 31.09  ? 1330 HOH A O   1 
HETATM 1161 O O   . HOH E 4 .   ? 0.502   -13.873 17.559  1.00 51.32  ? 1331 HOH A O   1 
HETATM 1162 O O   . HOH E 4 .   ? -13.206 4.086   -0.108  1.00 49.64  ? 1332 HOH A O   1 
HETATM 1163 O O   . HOH E 4 .   ? -5.303  5.063   -8.435  1.00 52.19  ? 1333 HOH A O   1 
HETATM 1164 O O   . HOH E 4 .   ? 8.568   8.694   -8.372  1.00 50.09  ? 1334 HOH A O   1 
HETATM 1165 O O   . HOH E 4 .   ? -2.135  -18.065 7.062   1.00 48.98  ? 1335 HOH A O   1 
HETATM 1166 O O   . HOH E 4 .   ? 5.522   -6.254  -2.320  1.00 50.61  ? 1336 HOH A O   1 
HETATM 1167 O O   . HOH E 4 .   ? 1.958   15.408  2.124   1.00 43.10  ? 1337 HOH A O   1 
HETATM 1168 O O   . HOH E 4 .   ? -0.518  5.871   -7.649  1.00 37.53  ? 1338 HOH A O   1 
HETATM 1169 O O   . HOH E 4 .   ? -7.885  11.954  -3.699  1.00 39.23  ? 1339 HOH A O   1 
HETATM 1170 O O   . HOH E 4 .   ? 13.005  -8.176  17.339  1.00 54.39  ? 1340 HOH A O   1 
HETATM 1171 O O   . HOH E 4 .   ? 9.469   -2.009  2.283   1.00 48.53  ? 1341 HOH A O   1 
HETATM 1172 O O   . HOH E 4 .   ? 6.643   3.220   -14.158 1.00 48.51  ? 1342 HOH A O   1 
HETATM 1173 O O   . HOH E 4 .   ? 3.110   2.703   20.240  1.00 53.31  ? 1343 HOH A O   1 
HETATM 1174 O O   . HOH E 4 .   ? 7.454   -7.069  22.303  1.00 55.28  ? 1344 HOH A O   1 
HETATM 1175 O O   . HOH E 4 .   ? 5.413   8.720   8.698   1.00 44.49  ? 1345 HOH A O   1 
HETATM 1176 O O   . HOH E 4 .   ? -11.351 1.596   -11.887 1.00 61.54  ? 1346 HOH A O   1 
HETATM 1177 O O   . HOH E 4 .   ? 1.309   26.354  -13.305 1.00 40.53  ? 1347 HOH A O   1 
HETATM 1178 O O   . HOH E 4 .   ? -1.493  14.026  7.266   1.00 58.78  ? 1348 HOH A O   1 
HETATM 1179 O O   . HOH E 4 .   ? 5.600   1.795   -11.992 1.00 44.42  ? 1349 HOH A O   1 
HETATM 1180 O O   . HOH E 4 .   ? 10.320  -8.899  3.760   1.00 47.27  ? 1350 HOH A O   1 
HETATM 1181 O O   . HOH E 4 .   ? -3.346  -9.258  18.396  1.00 36.87  ? 1351 HOH A O   1 
HETATM 1182 O O   . HOH E 4 .   ? 7.581   5.957   -2.408  1.00 47.44  ? 1352 HOH A O   1 
HETATM 1183 O O   . HOH E 4 .   ? -9.951  -0.108  9.753   1.00 45.08  ? 1353 HOH A O   1 
HETATM 1184 O O   . HOH E 4 .   ? -11.999 11.344  5.238   1.00 49.18  ? 1354 HOH A O   1 
HETATM 1185 O O   . HOH E 4 .   ? 11.181  -5.467  13.383  1.00 52.46  ? 1355 HOH A O   1 
HETATM 1186 O O   . HOH E 4 .   ? 7.052   2.811   10.116  1.00 45.85  ? 1356 HOH A O   1 
HETATM 1187 O O   . HOH E 4 .   ? 1.139   25.101  -8.115  1.00 43.88  ? 1357 HOH A O   1 
HETATM 1188 O O   . HOH E 4 .   ? 3.705   7.157   14.492  1.00 54.40  ? 1358 HOH A O   1 
HETATM 1189 O O   . HOH E 4 .   ? 5.330   18.752  -4.386  1.00 61.64  ? 1359 HOH A O   1 
HETATM 1190 O O   . HOH E 4 .   ? -9.261  15.580  -6.651  1.00 55.46  ? 1360 HOH A O   1 
HETATM 1191 O O   . HOH E 4 .   ? -2.951  16.122  3.985   1.00 46.72  ? 1361 HOH A O   1 
HETATM 1192 O O   . HOH E 4 .   ? 17.588  -13.023 13.391  1.00 53.59  ? 1362 HOH A O   1 
HETATM 1193 O O   . HOH E 4 .   ? -6.070  7.690   6.809   1.00 39.70  ? 1363 HOH A O   1 
HETATM 1194 O O   . HOH E 4 .   ? 8.448   2.641   -4.894  1.00 44.73  ? 1364 HOH A O   1 
HETATM 1195 O O   . HOH E 4 .   ? -1.149  -11.428 2.482   1.00 33.54  ? 1365 HOH A O   1 
HETATM 1196 O O   . HOH E 4 .   ? -10.461 -4.451  8.285   1.00 36.57  ? 1366 HOH A O   1 
HETATM 1197 O O   . HOH E 4 .   ? -8.168  -11.411 -3.741  1.00 49.95  ? 1367 HOH A O   1 
HETATM 1198 O O   . HOH E 4 .   ? -8.990  -14.961 1.146   1.00 52.98  ? 1368 HOH A O   1 
HETATM 1199 O O   . HOH E 4 .   ? -9.918  17.343  -5.260  1.00 54.46  ? 1369 HOH A O   1 
HETATM 1200 O O   . HOH E 4 .   ? -6.482  -17.605 13.255  0.50 46.90  ? 1370 HOH A O   1 
HETATM 1201 O O   . HOH E 4 .   ? -3.820  2.074   -11.268 1.00 57.62  ? 1371 HOH A O   1 
HETATM 1202 O O   . HOH E 4 .   ? 4.805   -18.567 14.678  1.00 35.76  ? 1372 HOH A O   1 
HETATM 1203 O O   . HOH E 4 .   ? 3.089   19.055  -3.146  1.00 46.90  ? 1373 HOH A O   1 
HETATM 1204 O O   . HOH E 4 .   ? -0.364  -14.143 4.131   1.00 40.15  ? 1374 HOH A O   1 
HETATM 1205 O O   . HOH E 4 .   ? -10.375 -5.408  -3.457  1.00 54.19  ? 1375 HOH A O   1 
HETATM 1206 O O   . HOH E 4 .   ? -4.767  -19.217 7.377   1.00 58.31  ? 1376 HOH A O   1 
HETATM 1207 O O   . HOH E 4 .   ? 2.257   14.310  5.031   1.00 55.80  ? 1377 HOH A O   1 
HETATM 1208 O O   . HOH E 4 .   ? 5.464   24.648  -7.310  1.00 65.99  ? 1378 HOH A O   1 
HETATM 1209 O O   . HOH E 4 .   ? -8.484  -4.138  -8.183  1.00 55.73  ? 1379 HOH A O   1 
HETATM 1210 O O   . HOH E 4 .   ? 9.860   -0.368  4.552   1.00 55.80  ? 1380 HOH A O   1 
HETATM 1211 O O   . HOH E 4 .   ? 7.743   0.028   -11.279 1.00 56.29  ? 1381 HOH A O   1 
HETATM 1212 O O   . HOH E 4 .   ? 6.972   22.403  -14.647 1.00 56.01  ? 1382 HOH A O   1 
HETATM 1213 O O   . HOH E 4 .   ? 7.848   8.439   6.168   1.00 67.55  ? 1383 HOH A O   1 
HETATM 1214 O O   . HOH E 4 .   ? 10.075  6.769   -9.258  1.00 60.11  ? 1384 HOH A O   1 
HETATM 1215 O O   . HOH E 4 .   ? -6.304  -17.554 -1.085  1.00 61.05  ? 1385 HOH A O   1 
HETATM 1216 O O   . HOH E 4 .   ? -0.546  7.157   13.316  1.00 55.83  ? 1386 HOH A O   1 
HETATM 1217 O O   . HOH E 4 .   ? -1.394  8.061   10.976  1.00 50.76  ? 1387 HOH A O   1 
HETATM 1218 O O   . HOH E 4 .   ? 0.309   -16.875 4.022   1.00 45.64  ? 1388 HOH A O   1 
HETATM 1219 O O   . HOH E 4 .   ? 1.512   11.330  8.843   1.00 54.21  ? 1389 HOH A O   1 
HETATM 1220 O O   . HOH E 4 .   ? 6.318   7.519   10.809  1.00 47.81  ? 1390 HOH A O   1 
HETATM 1221 O O   . HOH E 4 .   ? -4.351  13.270  -16.265 1.00 64.26  ? 1391 HOH A O   1 
HETATM 1222 O O   . HOH E 4 .   ? -10.556 13.284  -4.922  1.00 57.12  ? 1392 HOH A O   1 
HETATM 1223 O O   . HOH E 4 .   ? -8.812  -14.079 -2.850  1.00 53.27  ? 1393 HOH A O   1 
HETATM 1224 O O   . HOH E 4 .   ? 6.568   -21.969 17.641  1.00 57.93  ? 1394 HOH A O   1 
HETATM 1225 O O   . HOH E 4 .   ? 10.174  0.379   -1.997  1.00 52.15  ? 1395 HOH A O   1 
HETATM 1226 O O   . HOH E 4 .   ? 8.089   8.618   -3.081  1.00 55.94  ? 1396 HOH A O   1 
HETATM 1227 O O   . HOH E 4 .   ? -4.195  -18.523 -1.700  1.00 66.05  ? 1397 HOH A O   1 
HETATM 1228 O O   . HOH E 4 .   ? 4.101   11.261  9.721   1.00 54.85  ? 1398 HOH A O   1 
HETATM 1229 O O   . HOH E 4 .   ? -0.305  16.015  4.911   1.00 53.88  ? 1399 HOH A O   1 
HETATM 1230 O O   . HOH E 4 .   ? 8.049   0.923   12.029  1.00 51.86  ? 1400 HOH A O   1 
HETATM 1231 O O   . HOH E 4 .   ? -7.926  13.029  -15.125 1.00 70.43  ? 1401 HOH A O   1 
HETATM 1232 O O   . HOH E 4 .   ? 8.559   5.306   10.333  1.00 54.75  ? 1402 HOH A O   1 
HETATM 1233 O O   . HOH E 4 .   ? 9.953   4.339   -3.526  1.00 51.19  ? 1403 HOH A O   1 
HETATM 1234 O O   . HOH E 4 .   ? -2.844  8.733   19.646  1.00 64.94  ? 1404 HOH A O   1 
HETATM 1235 O O   . HOH E 4 .   ? -13.610 8.275   -0.180  1.00 56.72  ? 1405 HOH A O   1 
HETATM 1236 O O   . HOH E 4 .   ? -0.024  10.523  10.567  1.00 48.91  ? 1406 HOH A O   1 
HETATM 1237 O O   . HOH E 4 .   ? -5.974  12.644  -18.479 1.00 71.71  ? 1407 HOH A O   1 
HETATM 1238 O O   . HOH E 4 .   ? 9.585   8.576   -5.939  1.00 52.31  ? 1408 HOH A O   1 
HETATM 1239 O O   . HOH E 4 .   ? -11.848 11.605  -6.669  1.00 60.46  ? 1409 HOH A O   1 
HETATM 1240 O O   . HOH E 4 .   ? 5.351   8.792   13.111  1.00 58.09  ? 1410 HOH A O   1 
HETATM 1241 O O   . HOH E 4 .   ? 11.236  -2.188  -11.663 1.00 66.54  ? 1411 HOH A O   1 
HETATM 1242 O O   . HOH E 4 .   ? -9.661  12.649  -12.781 1.00 67.83  ? 1412 HOH A O   1 
HETATM 1243 O O   . HOH E 4 .   ? 4.385   10.853  12.461  1.00 59.51  ? 1413 HOH A O   1 
# 
